data_8P4W
# 
_entry.id   8P4W 
# 
_audit_conform.dict_name       mmcif_pdbx.dic 
_audit_conform.dict_version    5.401 
_audit_conform.dict_location   http://mmcif.pdb.org/dictionaries/ascii/mmcif_pdbx.dic 
# 
loop_
_database_2.database_id 
_database_2.database_code 
_database_2.pdbx_database_accession 
_database_2.pdbx_DOI 
PDB   8P4W         pdb_00008p4w 10.2210/pdb8p4w/pdb 
WWPDB D_1292130608 ?            ?                   
# 
loop_
_pdbx_audit_revision_history.ordinal 
_pdbx_audit_revision_history.data_content_type 
_pdbx_audit_revision_history.major_revision 
_pdbx_audit_revision_history.minor_revision 
_pdbx_audit_revision_history.revision_date 
1 'Structure model' 1 0 2024-06-12 
2 'Structure model' 1 1 2025-01-29 
# 
_pdbx_audit_revision_details.ordinal             1 
_pdbx_audit_revision_details.revision_ordinal    1 
_pdbx_audit_revision_details.data_content_type   'Structure model' 
_pdbx_audit_revision_details.provider            repository 
_pdbx_audit_revision_details.type                'Initial release' 
_pdbx_audit_revision_details.description         ? 
_pdbx_audit_revision_details.details             ? 
# 
loop_
_pdbx_audit_revision_group.ordinal 
_pdbx_audit_revision_group.revision_ordinal 
_pdbx_audit_revision_group.data_content_type 
_pdbx_audit_revision_group.group 
1 2 'Structure model' 'Database references' 
2 2 'Structure model' 'Structure summary'   
# 
loop_
_pdbx_audit_revision_category.ordinal 
_pdbx_audit_revision_category.revision_ordinal 
_pdbx_audit_revision_category.data_content_type 
_pdbx_audit_revision_category.category 
1 2 'Structure model' citation           
2 2 'Structure model' citation_author    
3 2 'Structure model' pdbx_entry_details 
# 
loop_
_pdbx_audit_revision_item.ordinal 
_pdbx_audit_revision_item.revision_ordinal 
_pdbx_audit_revision_item.data_content_type 
_pdbx_audit_revision_item.item 
1  2 'Structure model' '_citation.country'                            
2  2 'Structure model' '_citation.journal_abbrev'                     
3  2 'Structure model' '_citation.journal_id_ASTM'                    
4  2 'Structure model' '_citation.journal_id_CSD'                     
5  2 'Structure model' '_citation.journal_id_ISSN'                    
6  2 'Structure model' '_citation.journal_volume'                     
7  2 'Structure model' '_citation.page_first'                         
8  2 'Structure model' '_citation.page_last'                          
9  2 'Structure model' '_citation.pdbx_database_id_DOI'               
10 2 'Structure model' '_citation.pdbx_database_id_PubMed'            
11 2 'Structure model' '_citation.title'                              
12 2 'Structure model' '_citation.year'                               
13 2 'Structure model' '_pdbx_entry_details.has_protein_modification' 
# 
_pdbx_database_status.status_code                     REL 
_pdbx_database_status.status_code_sf                  REL 
_pdbx_database_status.status_code_mr                  ? 
_pdbx_database_status.entry_id                        8P4W 
_pdbx_database_status.recvd_initial_deposition_date   2023-05-23 
_pdbx_database_status.SG_entry                        N 
_pdbx_database_status.deposit_site                    PDBE 
_pdbx_database_status.process_site                    PDBE 
_pdbx_database_status.status_code_cs                  ? 
_pdbx_database_status.status_code_nmr_data            ? 
_pdbx_database_status.methods_development_category    ? 
_pdbx_database_status.pdb_format_compatible           Y 
# 
_pdbx_contact_author.id                 2 
_pdbx_contact_author.email              David.leys@manchester.ac.uk 
_pdbx_contact_author.name_first         David 
_pdbx_contact_author.name_last          Leys 
_pdbx_contact_author.name_mi            ? 
_pdbx_contact_author.role               'principal investigator/group leader' 
_pdbx_contact_author.identifier_ORCID   0000-0003-4845-8443 
# 
loop_
_audit_author.name 
_audit_author.pdbx_ordinal 
_audit_author.identifier_ORCID 
'Gahloth, D.' 1 0000-0003-1506-1204 
'Leys, D.'    2 0000-0003-4845-8443 
# 
_citation.abstract                  ? 
_citation.abstract_id_CAS           ? 
_citation.book_id_ISBN              ? 
_citation.book_publisher            ? 
_citation.book_publisher_city       ? 
_citation.book_title                ? 
_citation.coordinate_linkage        ? 
_citation.country                   US 
_citation.database_id_Medline       ? 
_citation.details                   ? 
_citation.id                        primary 
_citation.journal_abbrev            J.Biol.Chem. 
_citation.journal_id_ASTM           JBCHA3 
_citation.journal_id_CSD            0071 
_citation.journal_id_ISSN           1083-351X 
_citation.journal_full              ? 
_citation.journal_issue             ? 
_citation.journal_volume            300 
_citation.language                  ? 
_citation.page_first                105653 
_citation.page_last                 105653 
_citation.title                     'The prFMNH 2 -binding chaperone LpdD assists UbiD decarboxylase activation.' 
_citation.year                      2024 
_citation.database_id_CSD           ? 
_citation.pdbx_database_id_DOI      10.1016/j.jbc.2024.105653 
_citation.pdbx_database_id_PubMed   38224946 
_citation.pdbx_database_id_patent   ? 
_citation.unpublished_flag          ? 
# 
loop_
_citation_author.citation_id 
_citation_author.name 
_citation_author.ordinal 
_citation_author.identifier_ORCID 
primary 'Gahloth, D.'  1 ? 
primary 'Fisher, K.'   2 ? 
primary 'Marshall, S.' 3 ? 
primary 'Leys, D.'     4 ? 
# 
loop_
_entity.id 
_entity.type 
_entity.src_method 
_entity.pdbx_description 
_entity.formula_weight 
_entity.pdbx_number_of_molecules 
_entity.pdbx_ec 
_entity.pdbx_mutation 
_entity.pdbx_fragment 
_entity.details 
1 polymer     man 'Protein LpdD'  15045.983 1   ? ? ? ? 
2 non-polymer syn 'PHOSPHATE ION' 94.971    1   ? ? ? ? 
3 water       nat water           18.015    148 ? ? ? ? 
# 
_entity_name_com.entity_id   1 
_entity_name_com.name        'Gallate decarboxylase subunit D' 
# 
_entity_poly.entity_id                      1 
_entity_poly.type                           'polypeptide(L)' 
_entity_poly.nstd_linkage                   no 
_entity_poly.nstd_monomer                   no 
_entity_poly.pdbx_seq_one_letter_code       
;MATFTTEQAGYQMQAILQVIGYDLLIVVTGGTNPHIGDVTTLTASTVPETVKFPSHDGRFHKDNFISERMAKRIQRYLAG
SCTITAGIHVNQITKAQIAAAAPMTDDLSRQIISWLQAHPVQAEKPEYYGQDEQPR
;
_entity_poly.pdbx_seq_one_letter_code_can   
;MATFTTEQAGYQMQAILQVIGYDLLIVVTGGTNPHIGDVTTLTASTVPETVKFPSHDGRFHKDNFISERMAKRIQRYLAG
SCTITAGIHVNQITKAQIAAAAPMTDDLSRQIISWLQAHPVQAEKPEYYGQDEQPR
;
_entity_poly.pdbx_strand_id                 A 
_entity_poly.pdbx_target_identifier         ? 
# 
loop_
_pdbx_entity_nonpoly.entity_id 
_pdbx_entity_nonpoly.name 
_pdbx_entity_nonpoly.comp_id 
2 'PHOSPHATE ION' PO4 
3 water           HOH 
# 
loop_
_entity_poly_seq.entity_id 
_entity_poly_seq.num 
_entity_poly_seq.mon_id 
_entity_poly_seq.hetero 
1 1   MET n 
1 2   ALA n 
1 3   THR n 
1 4   PHE n 
1 5   THR n 
1 6   THR n 
1 7   GLU n 
1 8   GLN n 
1 9   ALA n 
1 10  GLY n 
1 11  TYR n 
1 12  GLN n 
1 13  MET n 
1 14  GLN n 
1 15  ALA n 
1 16  ILE n 
1 17  LEU n 
1 18  GLN n 
1 19  VAL n 
1 20  ILE n 
1 21  GLY n 
1 22  TYR n 
1 23  ASP n 
1 24  LEU n 
1 25  LEU n 
1 26  ILE n 
1 27  VAL n 
1 28  VAL n 
1 29  THR n 
1 30  GLY n 
1 31  GLY n 
1 32  THR n 
1 33  ASN n 
1 34  PRO n 
1 35  HIS n 
1 36  ILE n 
1 37  GLY n 
1 38  ASP n 
1 39  VAL n 
1 40  THR n 
1 41  THR n 
1 42  LEU n 
1 43  THR n 
1 44  ALA n 
1 45  SER n 
1 46  THR n 
1 47  VAL n 
1 48  PRO n 
1 49  GLU n 
1 50  THR n 
1 51  VAL n 
1 52  LYS n 
1 53  PHE n 
1 54  PRO n 
1 55  SER n 
1 56  HIS n 
1 57  ASP n 
1 58  GLY n 
1 59  ARG n 
1 60  PHE n 
1 61  HIS n 
1 62  LYS n 
1 63  ASP n 
1 64  ASN n 
1 65  PHE n 
1 66  ILE n 
1 67  SER n 
1 68  GLU n 
1 69  ARG n 
1 70  MET n 
1 71  ALA n 
1 72  LYS n 
1 73  ARG n 
1 74  ILE n 
1 75  GLN n 
1 76  ARG n 
1 77  TYR n 
1 78  LEU n 
1 79  ALA n 
1 80  GLY n 
1 81  SER n 
1 82  CYS n 
1 83  THR n 
1 84  ILE n 
1 85  THR n 
1 86  ALA n 
1 87  GLY n 
1 88  ILE n 
1 89  HIS n 
1 90  VAL n 
1 91  ASN n 
1 92  GLN n 
1 93  ILE n 
1 94  THR n 
1 95  LYS n 
1 96  ALA n 
1 97  GLN n 
1 98  ILE n 
1 99  ALA n 
1 100 ALA n 
1 101 ALA n 
1 102 ALA n 
1 103 PRO n 
1 104 MET n 
1 105 THR n 
1 106 ASP n 
1 107 ASP n 
1 108 LEU n 
1 109 SER n 
1 110 ARG n 
1 111 GLN n 
1 112 ILE n 
1 113 ILE n 
1 114 SER n 
1 115 TRP n 
1 116 LEU n 
1 117 GLN n 
1 118 ALA n 
1 119 HIS n 
1 120 PRO n 
1 121 VAL n 
1 122 GLN n 
1 123 ALA n 
1 124 GLU n 
1 125 LYS n 
1 126 PRO n 
1 127 GLU n 
1 128 TYR n 
1 129 TYR n 
1 130 GLY n 
1 131 GLN n 
1 132 ASP n 
1 133 GLU n 
1 134 GLN n 
1 135 PRO n 
1 136 ARG n 
# 
_entity_src_gen.entity_id                          1 
_entity_src_gen.pdbx_src_id                        1 
_entity_src_gen.pdbx_alt_source_flag               sample 
_entity_src_gen.pdbx_seq_type                      'Biological sequence' 
_entity_src_gen.pdbx_beg_seq_num                   1 
_entity_src_gen.pdbx_end_seq_num                   136 
_entity_src_gen.gene_src_common_name               ? 
_entity_src_gen.gene_src_genus                     ? 
_entity_src_gen.pdbx_gene_src_gene                 'lpdD, lp_0272' 
_entity_src_gen.gene_src_species                   ? 
_entity_src_gen.gene_src_strain                    ? 
_entity_src_gen.gene_src_tissue                    ? 
_entity_src_gen.gene_src_tissue_fraction           ? 
_entity_src_gen.gene_src_details                   ? 
_entity_src_gen.pdbx_gene_src_fragment             ? 
_entity_src_gen.pdbx_gene_src_scientific_name      'Lactiplantibacillus plantarum' 
_entity_src_gen.pdbx_gene_src_ncbi_taxonomy_id     1590 
_entity_src_gen.pdbx_gene_src_variant              ? 
_entity_src_gen.pdbx_gene_src_cell_line            ? 
_entity_src_gen.pdbx_gene_src_atcc                 ? 
_entity_src_gen.pdbx_gene_src_organ                ? 
_entity_src_gen.pdbx_gene_src_organelle            ? 
_entity_src_gen.pdbx_gene_src_cell                 ? 
_entity_src_gen.pdbx_gene_src_cellular_location    ? 
_entity_src_gen.host_org_common_name               ? 
_entity_src_gen.pdbx_host_org_scientific_name      'Escherichia coli-Pichia pastoris shuttle vector pPpARG4' 
_entity_src_gen.pdbx_host_org_ncbi_taxonomy_id     1182032 
_entity_src_gen.host_org_genus                     ? 
_entity_src_gen.pdbx_host_org_gene                 ? 
_entity_src_gen.pdbx_host_org_organ                ? 
_entity_src_gen.host_org_species                   ? 
_entity_src_gen.pdbx_host_org_tissue               ? 
_entity_src_gen.pdbx_host_org_tissue_fraction      ? 
_entity_src_gen.pdbx_host_org_strain               ? 
_entity_src_gen.pdbx_host_org_variant              ? 
_entity_src_gen.pdbx_host_org_cell_line            ? 
_entity_src_gen.pdbx_host_org_atcc                 ? 
_entity_src_gen.pdbx_host_org_culture_collection   ? 
_entity_src_gen.pdbx_host_org_cell                 ? 
_entity_src_gen.pdbx_host_org_organelle            ? 
_entity_src_gen.pdbx_host_org_cellular_location    ? 
_entity_src_gen.pdbx_host_org_vector_type          ? 
_entity_src_gen.pdbx_host_org_vector               ? 
_entity_src_gen.host_org_details                   ? 
_entity_src_gen.expression_system_id               ? 
_entity_src_gen.plasmid_name                       ? 
_entity_src_gen.plasmid_details                    ? 
_entity_src_gen.pdbx_description                   ? 
# 
loop_
_chem_comp.id 
_chem_comp.type 
_chem_comp.mon_nstd_flag 
_chem_comp.name 
_chem_comp.pdbx_synonyms 
_chem_comp.formula 
_chem_comp.formula_weight 
ALA 'L-peptide linking' y ALANINE         ? 'C3 H7 N O2'     89.093  
ARG 'L-peptide linking' y ARGININE        ? 'C6 H15 N4 O2 1' 175.209 
ASN 'L-peptide linking' y ASPARAGINE      ? 'C4 H8 N2 O3'    132.118 
ASP 'L-peptide linking' y 'ASPARTIC ACID' ? 'C4 H7 N O4'     133.103 
CYS 'L-peptide linking' y CYSTEINE        ? 'C3 H7 N O2 S'   121.158 
GLN 'L-peptide linking' y GLUTAMINE       ? 'C5 H10 N2 O3'   146.144 
GLU 'L-peptide linking' y 'GLUTAMIC ACID' ? 'C5 H9 N O4'     147.129 
GLY 'peptide linking'   y GLYCINE         ? 'C2 H5 N O2'     75.067  
HIS 'L-peptide linking' y HISTIDINE       ? 'C6 H10 N3 O2 1' 156.162 
HOH non-polymer         . WATER           ? 'H2 O'           18.015  
ILE 'L-peptide linking' y ISOLEUCINE      ? 'C6 H13 N O2'    131.173 
LEU 'L-peptide linking' y LEUCINE         ? 'C6 H13 N O2'    131.173 
LYS 'L-peptide linking' y LYSINE          ? 'C6 H15 N2 O2 1' 147.195 
MET 'L-peptide linking' y METHIONINE      ? 'C5 H11 N O2 S'  149.211 
PHE 'L-peptide linking' y PHENYLALANINE   ? 'C9 H11 N O2'    165.189 
PO4 non-polymer         . 'PHOSPHATE ION' ? 'O4 P -3'        94.971  
PRO 'L-peptide linking' y PROLINE         ? 'C5 H9 N O2'     115.130 
SER 'L-peptide linking' y SERINE          ? 'C3 H7 N O3'     105.093 
THR 'L-peptide linking' y THREONINE       ? 'C4 H9 N O3'     119.119 
TRP 'L-peptide linking' y TRYPTOPHAN      ? 'C11 H12 N2 O2'  204.225 
TYR 'L-peptide linking' y TYROSINE        ? 'C9 H11 N O3'    181.189 
VAL 'L-peptide linking' y VALINE          ? 'C5 H11 N O2'    117.146 
# 
loop_
_pdbx_poly_seq_scheme.asym_id 
_pdbx_poly_seq_scheme.entity_id 
_pdbx_poly_seq_scheme.seq_id 
_pdbx_poly_seq_scheme.mon_id 
_pdbx_poly_seq_scheme.ndb_seq_num 
_pdbx_poly_seq_scheme.pdb_seq_num 
_pdbx_poly_seq_scheme.auth_seq_num 
_pdbx_poly_seq_scheme.pdb_mon_id 
_pdbx_poly_seq_scheme.auth_mon_id 
_pdbx_poly_seq_scheme.pdb_strand_id 
_pdbx_poly_seq_scheme.pdb_ins_code 
_pdbx_poly_seq_scheme.hetero 
A 1 1   MET 1   1   1   MET MET A . n 
A 1 2   ALA 2   2   2   ALA ALA A . n 
A 1 3   THR 3   3   3   THR THR A . n 
A 1 4   PHE 4   4   4   PHE PHE A . n 
A 1 5   THR 5   5   5   THR THR A . n 
A 1 6   THR 6   6   6   THR THR A . n 
A 1 7   GLU 7   7   7   GLU GLU A . n 
A 1 8   GLN 8   8   8   GLN GLN A . n 
A 1 9   ALA 9   9   9   ALA ALA A . n 
A 1 10  GLY 10  10  10  GLY GLY A . n 
A 1 11  TYR 11  11  11  TYR TYR A . n 
A 1 12  GLN 12  12  12  GLN GLN A . n 
A 1 13  MET 13  13  13  MET MET A . n 
A 1 14  GLN 14  14  14  GLN GLN A . n 
A 1 15  ALA 15  15  15  ALA ALA A . n 
A 1 16  ILE 16  16  16  ILE ILE A . n 
A 1 17  LEU 17  17  17  LEU LEU A . n 
A 1 18  GLN 18  18  18  GLN GLN A . n 
A 1 19  VAL 19  19  19  VAL VAL A . n 
A 1 20  ILE 20  20  20  ILE ILE A . n 
A 1 21  GLY 21  21  21  GLY GLY A . n 
A 1 22  TYR 22  22  22  TYR TYR A . n 
A 1 23  ASP 23  23  23  ASP ASP A . n 
A 1 24  LEU 24  24  24  LEU LEU A . n 
A 1 25  LEU 25  25  25  LEU LEU A . n 
A 1 26  ILE 26  26  26  ILE ILE A . n 
A 1 27  VAL 27  27  27  VAL VAL A . n 
A 1 28  VAL 28  28  28  VAL VAL A . n 
A 1 29  THR 29  29  29  THR THR A . n 
A 1 30  GLY 30  30  30  GLY GLY A . n 
A 1 31  GLY 31  31  31  GLY GLY A . n 
A 1 32  THR 32  32  32  THR THR A . n 
A 1 33  ASN 33  33  33  ASN ASN A . n 
A 1 34  PRO 34  34  34  PRO PRO A . n 
A 1 35  HIS 35  35  35  HIS ALA A . n 
A 1 36  ILE 36  36  36  ILE ILE A . n 
A 1 37  GLY 37  37  37  GLY GLY A . n 
A 1 38  ASP 38  38  38  ASP ASP A . n 
A 1 39  VAL 39  39  39  VAL VAL A . n 
A 1 40  THR 40  40  40  THR THR A . n 
A 1 41  THR 41  41  41  THR THR A . n 
A 1 42  LEU 42  42  42  LEU LEU A . n 
A 1 43  THR 43  43  43  THR THR A . n 
A 1 44  ALA 44  44  44  ALA ALA A . n 
A 1 45  SER 45  45  45  SER SER A . n 
A 1 46  THR 46  46  46  THR THR A . n 
A 1 47  VAL 47  47  47  VAL VAL A . n 
A 1 48  PRO 48  48  48  PRO PRO A . n 
A 1 49  GLU 49  49  49  GLU GLU A . n 
A 1 50  THR 50  50  50  THR THR A . n 
A 1 51  VAL 51  51  51  VAL VAL A . n 
A 1 52  LYS 52  52  52  LYS LYS A . n 
A 1 53  PHE 53  53  53  PHE PHE A . n 
A 1 54  PRO 54  54  54  PRO PRO A . n 
A 1 55  SER 55  55  55  SER SER A . n 
A 1 56  HIS 56  56  56  HIS HIS A . n 
A 1 57  ASP 57  57  57  ASP ASP A . n 
A 1 58  GLY 58  58  58  GLY GLY A . n 
A 1 59  ARG 59  59  59  ARG ARG A . n 
A 1 60  PHE 60  60  60  PHE PHE A . n 
A 1 61  HIS 61  61  61  HIS HIS A . n 
A 1 62  LYS 62  62  62  LYS LYS A . n 
A 1 63  ASP 63  63  63  ASP ASP A . n 
A 1 64  ASN 64  64  64  ASN ASN A . n 
A 1 65  PHE 65  65  65  PHE PHE A . n 
A 1 66  ILE 66  66  66  ILE ILE A . n 
A 1 67  SER 67  67  67  SER SER A . n 
A 1 68  GLU 68  68  68  GLU GLU A . n 
A 1 69  ARG 69  69  69  ARG ARG A . n 
A 1 70  MET 70  70  70  MET MET A . n 
A 1 71  ALA 71  71  71  ALA ALA A . n 
A 1 72  LYS 72  72  72  LYS LYS A . n 
A 1 73  ARG 73  73  73  ARG ARG A . n 
A 1 74  ILE 74  74  74  ILE ILE A . n 
A 1 75  GLN 75  75  75  GLN GLN A . n 
A 1 76  ARG 76  76  76  ARG ARG A . n 
A 1 77  TYR 77  77  77  TYR TYR A . n 
A 1 78  LEU 78  78  78  LEU LEU A . n 
A 1 79  ALA 79  79  79  ALA ALA A . n 
A 1 80  GLY 80  80  80  GLY GLY A . n 
A 1 81  SER 81  81  81  SER SER A . n 
A 1 82  CYS 82  82  82  CYS CYS A . n 
A 1 83  THR 83  83  83  THR THR A . n 
A 1 84  ILE 84  84  84  ILE ILE A . n 
A 1 85  THR 85  85  85  THR THR A . n 
A 1 86  ALA 86  86  86  ALA ALA A . n 
A 1 87  GLY 87  87  87  GLY GLY A . n 
A 1 88  ILE 88  88  88  ILE ILE A . n 
A 1 89  HIS 89  89  89  HIS HIS A . n 
A 1 90  VAL 90  90  90  VAL VAL A . n 
A 1 91  ASN 91  91  91  ASN ASN A . n 
A 1 92  GLN 92  92  92  GLN GLN A . n 
A 1 93  ILE 93  93  93  ILE ILE A . n 
A 1 94  THR 94  94  94  THR THR A . n 
A 1 95  LYS 95  95  95  LYS LYS A . n 
A 1 96  ALA 96  96  96  ALA ALA A . n 
A 1 97  GLN 97  97  97  GLN GLN A . n 
A 1 98  ILE 98  98  98  ILE ILE A . n 
A 1 99  ALA 99  99  99  ALA ALA A . n 
A 1 100 ALA 100 100 100 ALA ALA A . n 
A 1 101 ALA 101 101 101 ALA ALA A . n 
A 1 102 ALA 102 102 102 ALA ALA A . n 
A 1 103 PRO 103 103 103 PRO PRO A . n 
A 1 104 MET 104 104 104 MET MET A . n 
A 1 105 THR 105 105 105 THR THR A . n 
A 1 106 ASP 106 106 106 ASP ASP A . n 
A 1 107 ASP 107 107 107 ASP ASP A . n 
A 1 108 LEU 108 108 108 LEU LEU A . n 
A 1 109 SER 109 109 109 SER SER A . n 
A 1 110 ARG 110 110 110 ARG ARG A . n 
A 1 111 GLN 111 111 111 GLN GLN A . n 
A 1 112 ILE 112 112 112 ILE ILE A . n 
A 1 113 ILE 113 113 113 ILE ILE A . n 
A 1 114 SER 114 114 114 SER SER A . n 
A 1 115 TRP 115 115 115 TRP TRP A . n 
A 1 116 LEU 116 116 116 LEU LEU A . n 
A 1 117 GLN 117 117 117 GLN GLN A . n 
A 1 118 ALA 118 118 118 ALA ALA A . n 
A 1 119 HIS 119 119 119 HIS HIS A . n 
A 1 120 PRO 120 120 120 PRO PRO A . n 
A 1 121 VAL 121 121 ?   ?   ?   A . n 
A 1 122 GLN 122 122 ?   ?   ?   A . n 
A 1 123 ALA 123 123 ?   ?   ?   A . n 
A 1 124 GLU 124 124 ?   ?   ?   A . n 
A 1 125 LYS 125 125 ?   ?   ?   A . n 
A 1 126 PRO 126 126 ?   ?   ?   A . n 
A 1 127 GLU 127 127 ?   ?   ?   A . n 
A 1 128 TYR 128 128 ?   ?   ?   A . n 
A 1 129 TYR 129 129 ?   ?   ?   A . n 
A 1 130 GLY 130 130 ?   ?   ?   A . n 
A 1 131 GLN 131 131 ?   ?   ?   A . n 
A 1 132 ASP 132 132 ?   ?   ?   A . n 
A 1 133 GLU 133 133 ?   ?   ?   A . n 
A 1 134 GLN 134 134 ?   ?   ?   A . n 
A 1 135 PRO 135 135 ?   ?   ?   A . n 
A 1 136 ARG 136 136 ?   ?   ?   A . n 
# 
loop_
_pdbx_nonpoly_scheme.asym_id 
_pdbx_nonpoly_scheme.entity_id 
_pdbx_nonpoly_scheme.mon_id 
_pdbx_nonpoly_scheme.ndb_seq_num 
_pdbx_nonpoly_scheme.pdb_seq_num 
_pdbx_nonpoly_scheme.auth_seq_num 
_pdbx_nonpoly_scheme.pdb_mon_id 
_pdbx_nonpoly_scheme.auth_mon_id 
_pdbx_nonpoly_scheme.pdb_strand_id 
_pdbx_nonpoly_scheme.pdb_ins_code 
B 2 PO4 1   201 201 PO4 PO4 A . 
C 3 HOH 1   301 143 HOH HOH A . 
C 3 HOH 2   302 15  HOH HOH A . 
C 3 HOH 3   303 116 HOH HOH A . 
C 3 HOH 4   304 58  HOH HOH A . 
C 3 HOH 5   305 57  HOH HOH A . 
C 3 HOH 6   306 40  HOH HOH A . 
C 3 HOH 7   307 89  HOH HOH A . 
C 3 HOH 8   308 33  HOH HOH A . 
C 3 HOH 9   309 81  HOH HOH A . 
C 3 HOH 10  310 43  HOH HOH A . 
C 3 HOH 11  311 124 HOH HOH A . 
C 3 HOH 12  312 48  HOH HOH A . 
C 3 HOH 13  313 52  HOH HOH A . 
C 3 HOH 14  314 141 HOH HOH A . 
C 3 HOH 15  315 32  HOH HOH A . 
C 3 HOH 16  316 37  HOH HOH A . 
C 3 HOH 17  317 41  HOH HOH A . 
C 3 HOH 18  318 50  HOH HOH A . 
C 3 HOH 19  319 74  HOH HOH A . 
C 3 HOH 20  320 79  HOH HOH A . 
C 3 HOH 21  321 133 HOH HOH A . 
C 3 HOH 22  322 3   HOH HOH A . 
C 3 HOH 23  323 142 HOH HOH A . 
C 3 HOH 24  324 126 HOH HOH A . 
C 3 HOH 25  325 28  HOH HOH A . 
C 3 HOH 26  326 11  HOH HOH A . 
C 3 HOH 27  327 38  HOH HOH A . 
C 3 HOH 28  328 129 HOH HOH A . 
C 3 HOH 29  329 51  HOH HOH A . 
C 3 HOH 30  330 115 HOH HOH A . 
C 3 HOH 31  331 101 HOH HOH A . 
C 3 HOH 32  332 25  HOH HOH A . 
C 3 HOH 33  333 47  HOH HOH A . 
C 3 HOH 34  334 105 HOH HOH A . 
C 3 HOH 35  335 132 HOH HOH A . 
C 3 HOH 36  336 17  HOH HOH A . 
C 3 HOH 37  337 75  HOH HOH A . 
C 3 HOH 38  338 144 HOH HOH A . 
C 3 HOH 39  339 4   HOH HOH A . 
C 3 HOH 40  340 26  HOH HOH A . 
C 3 HOH 41  341 30  HOH HOH A . 
C 3 HOH 42  342 2   HOH HOH A . 
C 3 HOH 43  343 21  HOH HOH A . 
C 3 HOH 44  344 12  HOH HOH A . 
C 3 HOH 45  345 5   HOH HOH A . 
C 3 HOH 46  346 10  HOH HOH A . 
C 3 HOH 47  347 39  HOH HOH A . 
C 3 HOH 48  348 54  HOH HOH A . 
C 3 HOH 49  349 56  HOH HOH A . 
C 3 HOH 50  350 1   HOH HOH A . 
C 3 HOH 51  351 94  HOH HOH A . 
C 3 HOH 52  352 108 HOH HOH A . 
C 3 HOH 53  353 119 HOH HOH A . 
C 3 HOH 54  354 16  HOH HOH A . 
C 3 HOH 55  355 29  HOH HOH A . 
C 3 HOH 56  356 102 HOH HOH A . 
C 3 HOH 57  357 83  HOH HOH A . 
C 3 HOH 58  358 34  HOH HOH A . 
C 3 HOH 59  359 127 HOH HOH A . 
C 3 HOH 60  360 24  HOH HOH A . 
C 3 HOH 61  361 18  HOH HOH A . 
C 3 HOH 62  362 55  HOH HOH A . 
C 3 HOH 63  363 13  HOH HOH A . 
C 3 HOH 64  364 61  HOH HOH A . 
C 3 HOH 65  365 137 HOH HOH A . 
C 3 HOH 66  366 62  HOH HOH A . 
C 3 HOH 67  367 22  HOH HOH A . 
C 3 HOH 68  368 71  HOH HOH A . 
C 3 HOH 69  369 6   HOH HOH A . 
C 3 HOH 70  370 118 HOH HOH A . 
C 3 HOH 71  371 106 HOH HOH A . 
C 3 HOH 72  372 27  HOH HOH A . 
C 3 HOH 73  373 67  HOH HOH A . 
C 3 HOH 74  374 103 HOH HOH A . 
C 3 HOH 75  375 84  HOH HOH A . 
C 3 HOH 76  376 44  HOH HOH A . 
C 3 HOH 77  377 53  HOH HOH A . 
C 3 HOH 78  378 63  HOH HOH A . 
C 3 HOH 79  379 9   HOH HOH A . 
C 3 HOH 80  380 59  HOH HOH A . 
C 3 HOH 81  381 8   HOH HOH A . 
C 3 HOH 82  382 14  HOH HOH A . 
C 3 HOH 83  383 117 HOH HOH A . 
C 3 HOH 84  384 49  HOH HOH A . 
C 3 HOH 85  385 23  HOH HOH A . 
C 3 HOH 86  386 68  HOH HOH A . 
C 3 HOH 87  387 64  HOH HOH A . 
C 3 HOH 88  388 19  HOH HOH A . 
C 3 HOH 89  389 7   HOH HOH A . 
C 3 HOH 90  390 96  HOH HOH A . 
C 3 HOH 91  391 65  HOH HOH A . 
C 3 HOH 92  392 72  HOH HOH A . 
C 3 HOH 93  393 130 HOH HOH A . 
C 3 HOH 94  394 78  HOH HOH A . 
C 3 HOH 95  395 138 HOH HOH A . 
C 3 HOH 96  396 73  HOH HOH A . 
C 3 HOH 97  397 42  HOH HOH A . 
C 3 HOH 98  398 46  HOH HOH A . 
C 3 HOH 99  399 60  HOH HOH A . 
C 3 HOH 100 400 20  HOH HOH A . 
C 3 HOH 101 401 100 HOH HOH A . 
C 3 HOH 102 402 99  HOH HOH A . 
C 3 HOH 103 403 88  HOH HOH A . 
C 3 HOH 104 404 146 HOH HOH A . 
C 3 HOH 105 405 121 HOH HOH A . 
C 3 HOH 106 406 85  HOH HOH A . 
C 3 HOH 107 407 139 HOH HOH A . 
C 3 HOH 108 408 134 HOH HOH A . 
C 3 HOH 109 409 110 HOH HOH A . 
C 3 HOH 110 410 76  HOH HOH A . 
C 3 HOH 111 411 98  HOH HOH A . 
C 3 HOH 112 412 125 HOH HOH A . 
C 3 HOH 113 413 147 HOH HOH A . 
C 3 HOH 114 414 36  HOH HOH A . 
C 3 HOH 115 415 148 HOH HOH A . 
C 3 HOH 116 416 31  HOH HOH A . 
C 3 HOH 117 417 131 HOH HOH A . 
C 3 HOH 118 418 135 HOH HOH A . 
C 3 HOH 119 419 107 HOH HOH A . 
C 3 HOH 120 420 140 HOH HOH A . 
C 3 HOH 121 421 35  HOH HOH A . 
C 3 HOH 122 422 109 HOH HOH A . 
C 3 HOH 123 423 66  HOH HOH A . 
C 3 HOH 124 424 82  HOH HOH A . 
C 3 HOH 125 425 45  HOH HOH A . 
C 3 HOH 126 426 104 HOH HOH A . 
C 3 HOH 127 427 80  HOH HOH A . 
C 3 HOH 128 428 113 HOH HOH A . 
C 3 HOH 129 429 86  HOH HOH A . 
C 3 HOH 130 430 120 HOH HOH A . 
C 3 HOH 131 431 87  HOH HOH A . 
C 3 HOH 132 432 91  HOH HOH A . 
C 3 HOH 133 433 114 HOH HOH A . 
C 3 HOH 134 434 97  HOH HOH A . 
C 3 HOH 135 435 112 HOH HOH A . 
C 3 HOH 136 436 93  HOH HOH A . 
C 3 HOH 137 437 92  HOH HOH A . 
C 3 HOH 138 438 69  HOH HOH A . 
C 3 HOH 139 439 122 HOH HOH A . 
C 3 HOH 140 440 77  HOH HOH A . 
C 3 HOH 141 441 70  HOH HOH A . 
C 3 HOH 142 442 128 HOH HOH A . 
C 3 HOH 143 443 123 HOH HOH A . 
C 3 HOH 144 444 95  HOH HOH A . 
C 3 HOH 145 445 111 HOH HOH A . 
C 3 HOH 146 446 136 HOH HOH A . 
C 3 HOH 147 447 90  HOH HOH A . 
C 3 HOH 148 448 145 HOH HOH A . 
# 
loop_
_pdbx_unobs_or_zero_occ_atoms.id 
_pdbx_unobs_or_zero_occ_atoms.PDB_model_num 
_pdbx_unobs_or_zero_occ_atoms.polymer_flag 
_pdbx_unobs_or_zero_occ_atoms.occupancy_flag 
_pdbx_unobs_or_zero_occ_atoms.auth_asym_id 
_pdbx_unobs_or_zero_occ_atoms.auth_comp_id 
_pdbx_unobs_or_zero_occ_atoms.auth_seq_id 
_pdbx_unobs_or_zero_occ_atoms.PDB_ins_code 
_pdbx_unobs_or_zero_occ_atoms.auth_atom_id 
_pdbx_unobs_or_zero_occ_atoms.label_alt_id 
_pdbx_unobs_or_zero_occ_atoms.label_asym_id 
_pdbx_unobs_or_zero_occ_atoms.label_comp_id 
_pdbx_unobs_or_zero_occ_atoms.label_seq_id 
_pdbx_unobs_or_zero_occ_atoms.label_atom_id 
1 1 Y 1 A HIS 35 ? CG  ? A HIS 35 CG  
2 1 Y 1 A HIS 35 ? ND1 ? A HIS 35 ND1 
3 1 Y 1 A HIS 35 ? CD2 ? A HIS 35 CD2 
4 1 Y 1 A HIS 35 ? CE1 ? A HIS 35 CE1 
5 1 Y 1 A HIS 35 ? NE2 ? A HIS 35 NE2 
# 
loop_
_software.citation_id 
_software.classification 
_software.compiler_name 
_software.compiler_version 
_software.contact_author 
_software.contact_author_email 
_software.date 
_software.description 
_software.dependencies 
_software.hardware 
_software.language 
_software.location 
_software.mods 
_software.name 
_software.os 
_software.os_version 
_software.type 
_software.version 
_software.pdbx_ordinal 
? refinement       ? ? ? ? ? ? ? ? ? ? ? PHENIX ? ? ? '(1.14_3260: ???)' 1 
? phasing          ? ? ? ? ? ? ? ? ? ? ? PHASER ? ? ? .                  2 
? 'data reduction' ? ? ? ? ? ? ? ? ? ? ? XDS    ? ? ? .                  3 
? 'data scaling'   ? ? ? ? ? ? ? ? ? ? ? XDS    ? ? ? .                  4 
# 
_cell.angle_alpha                  90.00 
_cell.angle_alpha_esd              ? 
_cell.angle_beta                   90.00 
_cell.angle_beta_esd               ? 
_cell.angle_gamma                  90.00 
_cell.angle_gamma_esd              ? 
_cell.entry_id                     8P4W 
_cell.details                      ? 
_cell.formula_units_Z              ? 
_cell.length_a                     58.970 
_cell.length_a_esd                 ? 
_cell.length_b                     58.970 
_cell.length_b_esd                 ? 
_cell.length_c                     83.380 
_cell.length_c_esd                 ? 
_cell.volume                       ? 
_cell.volume_esd                   ? 
_cell.Z_PDB                        8 
_cell.reciprocal_angle_alpha       ? 
_cell.reciprocal_angle_beta        ? 
_cell.reciprocal_angle_gamma       ? 
_cell.reciprocal_angle_alpha_esd   ? 
_cell.reciprocal_angle_beta_esd    ? 
_cell.reciprocal_angle_gamma_esd   ? 
_cell.reciprocal_length_a          ? 
_cell.reciprocal_length_b          ? 
_cell.reciprocal_length_c          ? 
_cell.reciprocal_length_a_esd      ? 
_cell.reciprocal_length_b_esd      ? 
_cell.reciprocal_length_c_esd      ? 
_cell.pdbx_unique_axis             ? 
_cell.pdbx_esd_method              ? 
# 
_symmetry.entry_id                         8P4W 
_symmetry.cell_setting                     ? 
_symmetry.Int_Tables_number                92 
_symmetry.space_group_name_Hall            ? 
_symmetry.space_group_name_H-M             'P 41 21 2' 
_symmetry.pdbx_full_space_group_name_H-M   ? 
# 
_exptl.absorpt_coefficient_mu     ? 
_exptl.absorpt_correction_T_max   ? 
_exptl.absorpt_correction_T_min   ? 
_exptl.absorpt_correction_type    ? 
_exptl.absorpt_process_details    ? 
_exptl.entry_id                   8P4W 
_exptl.crystals_number            1 
_exptl.details                    ? 
_exptl.method                     'X-RAY DIFFRACTION' 
_exptl.method_details             ? 
# 
_exptl_crystal.colour                       ? 
_exptl_crystal.density_diffrn               ? 
_exptl_crystal.density_Matthews             2.41 
_exptl_crystal.density_method               ? 
_exptl_crystal.density_percent_sol          48.94 
_exptl_crystal.description                  ? 
_exptl_crystal.F_000                        ? 
_exptl_crystal.id                           1 
_exptl_crystal.preparation                  ? 
_exptl_crystal.size_max                     ? 
_exptl_crystal.size_mid                     ? 
_exptl_crystal.size_min                     ? 
_exptl_crystal.size_rad                     ? 
_exptl_crystal.colour_lustre                ? 
_exptl_crystal.colour_modifier              ? 
_exptl_crystal.colour_primary               ? 
_exptl_crystal.density_meas                 ? 
_exptl_crystal.density_meas_esd             ? 
_exptl_crystal.density_meas_gt              ? 
_exptl_crystal.density_meas_lt              ? 
_exptl_crystal.density_meas_temp            ? 
_exptl_crystal.density_meas_temp_esd        ? 
_exptl_crystal.density_meas_temp_gt         ? 
_exptl_crystal.density_meas_temp_lt         ? 
_exptl_crystal.pdbx_crystal_image_url       ? 
_exptl_crystal.pdbx_crystal_image_format    ? 
_exptl_crystal.pdbx_mosaicity               ? 
_exptl_crystal.pdbx_mosaicity_esd           ? 
_exptl_crystal.pdbx_mosaic_method           ? 
_exptl_crystal.pdbx_mosaic_block_size       ? 
_exptl_crystal.pdbx_mosaic_block_size_esd   ? 
# 
_exptl_crystal_grow.apparatus       ? 
_exptl_crystal_grow.atmosphere      ? 
_exptl_crystal_grow.crystal_id      1 
_exptl_crystal_grow.details         ? 
_exptl_crystal_grow.method          'VAPOR DIFFUSION' 
_exptl_crystal_grow.method_ref      ? 
_exptl_crystal_grow.pH              ? 
_exptl_crystal_grow.pressure        ? 
_exptl_crystal_grow.pressure_esd    ? 
_exptl_crystal_grow.seeding         ? 
_exptl_crystal_grow.seeding_ref     ? 
_exptl_crystal_grow.temp_details    ? 
_exptl_crystal_grow.temp_esd        ? 
_exptl_crystal_grow.time            ? 
_exptl_crystal_grow.pdbx_details    '0.1M Sodium Acetate pH 4.6, 2.0M Ammonium Sulphate' 
_exptl_crystal_grow.pdbx_pH_range   ? 
_exptl_crystal_grow.temp            293 
# 
_diffrn.ambient_environment              ? 
_diffrn.ambient_temp                     80 
_diffrn.ambient_temp_details             ? 
_diffrn.ambient_temp_esd                 ? 
_diffrn.crystal_id                       1 
_diffrn.crystal_support                  ? 
_diffrn.crystal_treatment                ? 
_diffrn.details                          ? 
_diffrn.id                               1 
_diffrn.ambient_pressure                 ? 
_diffrn.ambient_pressure_esd             ? 
_diffrn.ambient_pressure_gt              ? 
_diffrn.ambient_pressure_lt              ? 
_diffrn.ambient_temp_gt                  ? 
_diffrn.ambient_temp_lt                  ? 
_diffrn.pdbx_serial_crystal_experiment   N 
# 
_diffrn_detector.details                      ? 
_diffrn_detector.detector                     PIXEL 
_diffrn_detector.diffrn_id                    1 
_diffrn_detector.type                         'DECTRIS EIGER2 XE 16M' 
_diffrn_detector.area_resol_mean              ? 
_diffrn_detector.dtime                        ? 
_diffrn_detector.pdbx_frames_total            ? 
_diffrn_detector.pdbx_collection_time_total   ? 
_diffrn_detector.pdbx_collection_date         2021-04-30 
_diffrn_detector.pdbx_frequency               ? 
_diffrn_detector.id                           ? 
_diffrn_detector.number_of_axes               ? 
# 
_diffrn_radiation.collimation                      ? 
_diffrn_radiation.diffrn_id                        1 
_diffrn_radiation.filter_edge                      ? 
_diffrn_radiation.inhomogeneity                    ? 
_diffrn_radiation.monochromator                    ? 
_diffrn_radiation.polarisn_norm                    ? 
_diffrn_radiation.polarisn_ratio                   ? 
_diffrn_radiation.probe                            ? 
_diffrn_radiation.type                             ? 
_diffrn_radiation.xray_symbol                      ? 
_diffrn_radiation.wavelength_id                    1 
_diffrn_radiation.pdbx_monochromatic_or_laue_m_l   M 
_diffrn_radiation.pdbx_wavelength_list             ? 
_diffrn_radiation.pdbx_wavelength                  ? 
_diffrn_radiation.pdbx_diffrn_protocol             'SINGLE WAVELENGTH' 
_diffrn_radiation.pdbx_analyzer                    ? 
_diffrn_radiation.pdbx_scattering_type             x-ray 
# 
_diffrn_radiation_wavelength.id           1 
_diffrn_radiation_wavelength.wavelength   0.9795 
_diffrn_radiation_wavelength.wt           1.0 
# 
_diffrn_source.current                     ? 
_diffrn_source.details                     ? 
_diffrn_source.diffrn_id                   1 
_diffrn_source.power                       ? 
_diffrn_source.size                        ? 
_diffrn_source.source                      SYNCHROTRON 
_diffrn_source.target                      ? 
_diffrn_source.type                        'DIAMOND BEAMLINE I04' 
_diffrn_source.voltage                     ? 
_diffrn_source.take-off_angle              ? 
_diffrn_source.pdbx_wavelength_list        0.9795 
_diffrn_source.pdbx_wavelength             ? 
_diffrn_source.pdbx_synchrotron_beamline   I04 
_diffrn_source.pdbx_synchrotron_site       Diamond 
# 
_reflns.B_iso_Wilson_estimate                          ? 
_reflns.entry_id                                       8P4W 
_reflns.data_reduction_details                         ? 
_reflns.data_reduction_method                          ? 
_reflns.d_resolution_high                              1.73 
_reflns.d_resolution_low                               48.146 
_reflns.details                                        ? 
_reflns.limit_h_max                                    ? 
_reflns.limit_h_min                                    ? 
_reflns.limit_k_max                                    ? 
_reflns.limit_k_min                                    ? 
_reflns.limit_l_max                                    ? 
_reflns.limit_l_min                                    ? 
_reflns.number_all                                     ? 
_reflns.number_obs                                     15850 
_reflns.observed_criterion                             ? 
_reflns.observed_criterion_F_max                       ? 
_reflns.observed_criterion_F_min                       ? 
_reflns.observed_criterion_I_max                       ? 
_reflns.observed_criterion_I_min                       ? 
_reflns.observed_criterion_sigma_F                     ? 
_reflns.observed_criterion_sigma_I                     ? 
_reflns.percent_possible_obs                           100 
_reflns.R_free_details                                 ? 
_reflns.Rmerge_F_all                                   ? 
_reflns.Rmerge_F_obs                                   ? 
_reflns.Friedel_coverage                               ? 
_reflns.number_gt                                      ? 
_reflns.threshold_expression                           ? 
_reflns.pdbx_redundancy                                17 
_reflns.pdbx_netI_over_av_sigmaI                       ? 
_reflns.pdbx_netI_over_sigmaI                          13.4 
_reflns.pdbx_res_netI_over_av_sigmaI_2                 ? 
_reflns.pdbx_res_netI_over_sigmaI_2                    ? 
_reflns.pdbx_chi_squared                               ? 
_reflns.pdbx_scaling_rejects                           ? 
_reflns.pdbx_d_res_high_opt                            ? 
_reflns.pdbx_d_res_low_opt                             ? 
_reflns.pdbx_d_res_opt_method                          ? 
_reflns.phase_calculation_details                      ? 
_reflns.pdbx_Rrim_I_all                                ? 
_reflns.pdbx_Rpim_I_all                                ? 
_reflns.pdbx_d_opt                                     ? 
_reflns.pdbx_number_measured_all                       ? 
_reflns.pdbx_diffrn_id                                 1 
_reflns.pdbx_ordinal                                   1 
_reflns.pdbx_CC_half                                   1.0 
_reflns.pdbx_CC_star                                   ? 
_reflns.pdbx_R_split                                   ? 
_reflns.pdbx_Rmerge_I_obs                              ? 
_reflns.pdbx_Rmerge_I_all                              ? 
_reflns.pdbx_Rsym_value                                ? 
_reflns.pdbx_CC_split_method                           ? 
_reflns.pdbx_aniso_diffraction_limit_axis_1_ortho[1]   ? 
_reflns.pdbx_aniso_diffraction_limit_axis_1_ortho[2]   ? 
_reflns.pdbx_aniso_diffraction_limit_axis_1_ortho[3]   ? 
_reflns.pdbx_aniso_diffraction_limit_axis_2_ortho[1]   ? 
_reflns.pdbx_aniso_diffraction_limit_axis_2_ortho[2]   ? 
_reflns.pdbx_aniso_diffraction_limit_axis_2_ortho[3]   ? 
_reflns.pdbx_aniso_diffraction_limit_axis_3_ortho[1]   ? 
_reflns.pdbx_aniso_diffraction_limit_axis_3_ortho[2]   ? 
_reflns.pdbx_aniso_diffraction_limit_axis_3_ortho[3]   ? 
_reflns.pdbx_aniso_diffraction_limit_1                 ? 
_reflns.pdbx_aniso_diffraction_limit_2                 ? 
_reflns.pdbx_aniso_diffraction_limit_3                 ? 
_reflns.pdbx_aniso_B_tensor_eigenvector_1_ortho[1]     ? 
_reflns.pdbx_aniso_B_tensor_eigenvector_1_ortho[2]     ? 
_reflns.pdbx_aniso_B_tensor_eigenvector_1_ortho[3]     ? 
_reflns.pdbx_aniso_B_tensor_eigenvector_2_ortho[1]     ? 
_reflns.pdbx_aniso_B_tensor_eigenvector_2_ortho[2]     ? 
_reflns.pdbx_aniso_B_tensor_eigenvector_2_ortho[3]     ? 
_reflns.pdbx_aniso_B_tensor_eigenvector_3_ortho[1]     ? 
_reflns.pdbx_aniso_B_tensor_eigenvector_3_ortho[2]     ? 
_reflns.pdbx_aniso_B_tensor_eigenvector_3_ortho[3]     ? 
_reflns.pdbx_aniso_B_tensor_eigenvalue_1               ? 
_reflns.pdbx_aniso_B_tensor_eigenvalue_2               ? 
_reflns.pdbx_aniso_B_tensor_eigenvalue_3               ? 
_reflns.pdbx_orthogonalization_convention              ? 
_reflns.pdbx_percent_possible_ellipsoidal              ? 
_reflns.pdbx_percent_possible_spherical                ? 
_reflns.pdbx_percent_possible_ellipsoidal_anomalous    ? 
_reflns.pdbx_percent_possible_spherical_anomalous      ? 
_reflns.pdbx_redundancy_anomalous                      ? 
_reflns.pdbx_CC_half_anomalous                         ? 
_reflns.pdbx_absDiff_over_sigma_anomalous              ? 
_reflns.pdbx_percent_possible_anomalous                ? 
_reflns.pdbx_observed_signal_threshold                 ? 
_reflns.pdbx_signal_type                               ? 
_reflns.pdbx_signal_details                            ? 
_reflns.pdbx_signal_software_id                        ? 
# 
_reflns_shell.d_res_high                                    1.73 
_reflns_shell.d_res_low                                     1.76 
_reflns_shell.meanI_over_sigI_all                           ? 
_reflns_shell.meanI_over_sigI_obs                           ? 
_reflns_shell.number_measured_all                           ? 
_reflns_shell.number_measured_obs                           ? 
_reflns_shell.number_possible                               ? 
_reflns_shell.number_unique_all                             ? 
_reflns_shell.number_unique_obs                             748 
_reflns_shell.percent_possible_obs                          ? 
_reflns_shell.Rmerge_F_all                                  ? 
_reflns_shell.Rmerge_F_obs                                  ? 
_reflns_shell.meanI_over_sigI_gt                            ? 
_reflns_shell.meanI_over_uI_all                             ? 
_reflns_shell.meanI_over_uI_gt                              ? 
_reflns_shell.number_measured_gt                            ? 
_reflns_shell.number_unique_gt                              ? 
_reflns_shell.percent_possible_gt                           ? 
_reflns_shell.Rmerge_F_gt                                   ? 
_reflns_shell.Rmerge_I_gt                                   ? 
_reflns_shell.pdbx_redundancy                               ? 
_reflns_shell.pdbx_chi_squared                              ? 
_reflns_shell.pdbx_netI_over_sigmaI_all                     ? 
_reflns_shell.pdbx_netI_over_sigmaI_obs                     ? 
_reflns_shell.pdbx_Rrim_I_all                               ? 
_reflns_shell.pdbx_Rpim_I_all                               ? 
_reflns_shell.pdbx_rejects                                  ? 
_reflns_shell.pdbx_ordinal                                  1 
_reflns_shell.pdbx_diffrn_id                                1 
_reflns_shell.pdbx_CC_half                                  0.3 
_reflns_shell.pdbx_CC_star                                  ? 
_reflns_shell.pdbx_R_split                                  ? 
_reflns_shell.percent_possible_all                          ? 
_reflns_shell.Rmerge_I_all                                  ? 
_reflns_shell.Rmerge_I_obs                                  ? 
_reflns_shell.pdbx_Rsym_value                               ? 
_reflns_shell.pdbx_percent_possible_ellipsoidal             ? 
_reflns_shell.pdbx_percent_possible_spherical               ? 
_reflns_shell.pdbx_percent_possible_ellipsoidal_anomalous   ? 
_reflns_shell.pdbx_percent_possible_spherical_anomalous     ? 
_reflns_shell.pdbx_redundancy_anomalous                     ? 
_reflns_shell.pdbx_CC_half_anomalous                        ? 
_reflns_shell.pdbx_absDiff_over_sigma_anomalous             ? 
_reflns_shell.pdbx_percent_possible_anomalous               ? 
# 
_refine.aniso_B[1][1]                            ? 
_refine.aniso_B[1][2]                            ? 
_refine.aniso_B[1][3]                            ? 
_refine.aniso_B[2][2]                            ? 
_refine.aniso_B[2][3]                            ? 
_refine.aniso_B[3][3]                            ? 
_refine.B_iso_max                                ? 
_refine.B_iso_mean                               ? 
_refine.B_iso_min                                ? 
_refine.correlation_coeff_Fo_to_Fc               ? 
_refine.correlation_coeff_Fo_to_Fc_free          ? 
_refine.details                                  ? 
_refine.diff_density_max                         ? 
_refine.diff_density_max_esd                     ? 
_refine.diff_density_min                         ? 
_refine.diff_density_min_esd                     ? 
_refine.diff_density_rms                         ? 
_refine.diff_density_rms_esd                     ? 
_refine.entry_id                                 8P4W 
_refine.pdbx_refine_id                           'X-RAY DIFFRACTION' 
_refine.ls_abs_structure_details                 ? 
_refine.ls_abs_structure_Flack                   ? 
_refine.ls_abs_structure_Flack_esd               ? 
_refine.ls_abs_structure_Rogers                  ? 
_refine.ls_abs_structure_Rogers_esd              ? 
_refine.ls_d_res_high                            1.780 
_refine.ls_d_res_low                             48.146 
_refine.ls_extinction_coef                       ? 
_refine.ls_extinction_coef_esd                   ? 
_refine.ls_extinction_expression                 ? 
_refine.ls_extinction_method                     ? 
_refine.ls_goodness_of_fit_all                   ? 
_refine.ls_goodness_of_fit_all_esd               ? 
_refine.ls_goodness_of_fit_obs                   ? 
_refine.ls_goodness_of_fit_obs_esd               ? 
_refine.ls_hydrogen_treatment                    ? 
_refine.ls_matrix_type                           ? 
_refine.ls_number_constraints                    ? 
_refine.ls_number_parameters                     ? 
_refine.ls_number_reflns_all                     ? 
_refine.ls_number_reflns_obs                     14618 
_refine.ls_number_reflns_R_free                  663 
_refine.ls_number_reflns_R_work                  ? 
_refine.ls_number_restraints                     ? 
_refine.ls_percent_reflns_obs                    99.52 
_refine.ls_percent_reflns_R_free                 4.54 
_refine.ls_R_factor_all                          ? 
_refine.ls_R_factor_obs                          0.1951 
_refine.ls_R_factor_R_free                       0.2197 
_refine.ls_R_factor_R_free_error                 ? 
_refine.ls_R_factor_R_free_error_details         ? 
_refine.ls_R_factor_R_work                       0.1940 
_refine.ls_R_Fsqd_factor_obs                     ? 
_refine.ls_R_I_factor_obs                        ? 
_refine.ls_redundancy_reflns_all                 ? 
_refine.ls_redundancy_reflns_obs                 ? 
_refine.ls_restrained_S_all                      ? 
_refine.ls_restrained_S_obs                      ? 
_refine.ls_shift_over_esd_max                    ? 
_refine.ls_shift_over_esd_mean                   ? 
_refine.ls_structure_factor_coef                 ? 
_refine.ls_weighting_details                     ? 
_refine.ls_weighting_scheme                      ? 
_refine.ls_wR_factor_all                         ? 
_refine.ls_wR_factor_obs                         ? 
_refine.ls_wR_factor_R_free                      ? 
_refine.ls_wR_factor_R_work                      ? 
_refine.occupancy_max                            ? 
_refine.occupancy_min                            ? 
_refine.solvent_model_details                    'FLAT BULK SOLVENT MODEL' 
_refine.solvent_model_param_bsol                 ? 
_refine.solvent_model_param_ksol                 ? 
_refine.pdbx_R_complete                          ? 
_refine.ls_R_factor_gt                           ? 
_refine.ls_goodness_of_fit_gt                    ? 
_refine.ls_goodness_of_fit_ref                   ? 
_refine.ls_shift_over_su_max                     ? 
_refine.ls_shift_over_su_max_lt                  ? 
_refine.ls_shift_over_su_mean                    ? 
_refine.ls_shift_over_su_mean_lt                 ? 
_refine.pdbx_ls_sigma_I                          ? 
_refine.pdbx_ls_sigma_F                          1.34 
_refine.pdbx_ls_sigma_Fsqd                       ? 
_refine.pdbx_data_cutoff_high_absF               ? 
_refine.pdbx_data_cutoff_high_rms_absF           ? 
_refine.pdbx_data_cutoff_low_absF                ? 
_refine.pdbx_isotropic_thermal_model             ? 
_refine.pdbx_ls_cross_valid_method               'FREE R-VALUE' 
_refine.pdbx_method_to_determine_struct          MIR 
_refine.pdbx_starting_model                      ? 
_refine.pdbx_stereochemistry_target_values       ML 
_refine.pdbx_R_Free_selection_details            ? 
_refine.pdbx_stereochem_target_val_spec_case     ? 
_refine.pdbx_overall_ESU_R                       ? 
_refine.pdbx_overall_ESU_R_Free                  ? 
_refine.pdbx_solvent_vdw_probe_radii             1.11 
_refine.pdbx_solvent_ion_probe_radii             ? 
_refine.pdbx_solvent_shrinkage_radii             0.90 
_refine.pdbx_real_space_R                        ? 
_refine.pdbx_density_correlation                 ? 
_refine.pdbx_pd_number_of_powder_patterns        ? 
_refine.pdbx_pd_number_of_points                 ? 
_refine.pdbx_pd_meas_number_of_points            ? 
_refine.pdbx_pd_proc_ls_prof_R_factor            ? 
_refine.pdbx_pd_proc_ls_prof_wR_factor           ? 
_refine.pdbx_pd_Marquardt_correlation_coeff      ? 
_refine.pdbx_pd_Fsqrd_R_factor                   ? 
_refine.pdbx_pd_ls_matrix_band_width             ? 
_refine.pdbx_overall_phase_error                 23.94 
_refine.pdbx_overall_SU_R_free_Cruickshank_DPI   ? 
_refine.pdbx_overall_SU_R_free_Blow_DPI          ? 
_refine.pdbx_overall_SU_R_Blow_DPI               ? 
_refine.pdbx_TLS_residual_ADP_flag               ? 
_refine.pdbx_diffrn_id                           1 
_refine.overall_SU_B                             ? 
_refine.overall_SU_ML                            0.24 
_refine.overall_SU_R_Cruickshank_DPI             ? 
_refine.overall_SU_R_free                        ? 
_refine.overall_FOM_free_R_set                   ? 
_refine.overall_FOM_work_R_set                   ? 
_refine.pdbx_average_fsc_overall                 ? 
_refine.pdbx_average_fsc_work                    ? 
_refine.pdbx_average_fsc_free                    ? 
# 
_refine_hist.pdbx_refine_id                   'X-RAY DIFFRACTION' 
_refine_hist.cycle_id                         LAST 
_refine_hist.pdbx_number_atoms_protein        915 
_refine_hist.pdbx_number_atoms_nucleic_acid   0 
_refine_hist.pdbx_number_atoms_ligand         5 
_refine_hist.number_atoms_solvent             148 
_refine_hist.number_atoms_total               1068 
_refine_hist.d_res_high                       1.780 
_refine_hist.d_res_low                        48.146 
# 
loop_
_refine_ls_restr.pdbx_refine_id 
_refine_ls_restr.criterion 
_refine_ls_restr.dev_ideal 
_refine_ls_restr.dev_ideal_target 
_refine_ls_restr.number 
_refine_ls_restr.rejects 
_refine_ls_restr.type 
_refine_ls_restr.weight 
_refine_ls_restr.pdbx_restraint_function 
'X-RAY DIFFRACTION' ? 0.006 ? 936  ? f_bond_d           ? ? 
'X-RAY DIFFRACTION' ? 0.749 ? 1274 ? f_angle_d          ? ? 
'X-RAY DIFFRACTION' ? 2.564 ? 558  ? f_dihedral_angle_d ? ? 
'X-RAY DIFFRACTION' ? 0.052 ? 152  ? f_chiral_restr     ? ? 
'X-RAY DIFFRACTION' ? 0.006 ? 162  ? f_plane_restr      ? ? 
# 
loop_
_refine_ls_shell.pdbx_refine_id 
_refine_ls_shell.d_res_high 
_refine_ls_shell.d_res_low 
_refine_ls_shell.number_reflns_all 
_refine_ls_shell.number_reflns_obs 
_refine_ls_shell.number_reflns_R_free 
_refine_ls_shell.number_reflns_R_work 
_refine_ls_shell.percent_reflns_obs 
_refine_ls_shell.percent_reflns_R_free 
_refine_ls_shell.R_factor_all 
_refine_ls_shell.R_factor_obs 
_refine_ls_shell.R_factor_R_free_error 
_refine_ls_shell.R_factor_R_work 
_refine_ls_shell.redundancy_reflns_all 
_refine_ls_shell.redundancy_reflns_obs 
_refine_ls_shell.wR_factor_all 
_refine_ls_shell.wR_factor_obs 
_refine_ls_shell.wR_factor_R_free 
_refine_ls_shell.wR_factor_R_work 
_refine_ls_shell.pdbx_R_complete 
_refine_ls_shell.pdbx_total_number_of_bins_used 
_refine_ls_shell.pdbx_phase_error 
_refine_ls_shell.pdbx_fsc_work 
_refine_ls_shell.pdbx_fsc_free 
_refine_ls_shell.R_factor_R_free 
'X-RAY DIFFRACTION' 1.7800 1.9174 . . 129 2670 98.00  . . . . 0.2800 . . . . . . . . . . . 0.3273 
'X-RAY DIFFRACTION' 1.9174 2.1104 . . 141 2748 100.00 . . . . 0.2198 . . . . . . . . . . . 0.2318 
'X-RAY DIFFRACTION' 2.1104 2.4158 . . 115 2780 100.00 . . . . 0.1964 . . . . . . . . . . . 0.2200 
'X-RAY DIFFRACTION' 2.4158 3.0436 . . 138 2793 100.00 . . . . 0.2003 . . . . . . . . . . . 0.2282 
'X-RAY DIFFRACTION' 3.0436 48.146 . . 140 2964 100.00 . . . . 0.1759 . . . . . . . . . . . 0.2019 
# 
_struct.entry_id                     8P4W 
_struct.title                        'Lactobacillus plantarum LpdD mutant - H35A' 
_struct.pdbx_model_details           ? 
_struct.pdbx_formula_weight          ? 
_struct.pdbx_formula_weight_method   ? 
_struct.pdbx_model_type_details      ? 
_struct.pdbx_CASP_flag               N 
# 
_struct_keywords.entry_id        8P4W 
_struct_keywords.text            'UbiD, UbiX, LpdD, FLAVOPROTEIN' 
_struct_keywords.pdbx_keywords   FLAVOPROTEIN 
# 
loop_
_struct_asym.id 
_struct_asym.pdbx_blank_PDB_chainid_flag 
_struct_asym.pdbx_modified 
_struct_asym.entity_id 
_struct_asym.details 
A N N 1 ? 
B N N 2 ? 
C N N 3 ? 
# 
_struct_ref.id                         1 
_struct_ref.db_name                    UNP 
_struct_ref.db_code                    LPDD_LACPL 
_struct_ref.pdbx_db_accession          F9UT68 
_struct_ref.pdbx_db_isoform            ? 
_struct_ref.entity_id                  1 
_struct_ref.pdbx_seq_one_letter_code   
;MATFTTEQAGYQMQAILQVIGYDLLIVVTGGTNPHIGDVTTLTASTVPETVKFPSHDGRFHKDNFISERMAKRIQRYLAG
SCTITAGIHVNQITKAQIAAAAPMTDDLSRQIISWLQAHPVQAEKPEYYGQDEQPR
;
_struct_ref.pdbx_align_begin           1 
# 
_struct_ref_seq.align_id                      1 
_struct_ref_seq.ref_id                        1 
_struct_ref_seq.pdbx_PDB_id_code              8P4W 
_struct_ref_seq.pdbx_strand_id                A 
_struct_ref_seq.seq_align_beg                 1 
_struct_ref_seq.pdbx_seq_align_beg_ins_code   ? 
_struct_ref_seq.seq_align_end                 136 
_struct_ref_seq.pdbx_seq_align_end_ins_code   ? 
_struct_ref_seq.pdbx_db_accession             F9UT68 
_struct_ref_seq.db_align_beg                  1 
_struct_ref_seq.pdbx_db_align_beg_ins_code    ? 
_struct_ref_seq.db_align_end                  136 
_struct_ref_seq.pdbx_db_align_end_ins_code    ? 
_struct_ref_seq.pdbx_auth_seq_align_beg       1 
_struct_ref_seq.pdbx_auth_seq_align_end       136 
# 
_pdbx_struct_assembly.id                   1 
_pdbx_struct_assembly.details              author_and_software_defined_assembly 
_pdbx_struct_assembly.method_details       PISA 
_pdbx_struct_assembly.oligomeric_details   dimeric 
_pdbx_struct_assembly.oligomeric_count     2 
# 
loop_
_pdbx_struct_assembly_prop.biol_id 
_pdbx_struct_assembly_prop.type 
_pdbx_struct_assembly_prop.value 
_pdbx_struct_assembly_prop.details 
1 'ABSA (A^2)' 2210  ? 
1 MORE         -30   ? 
1 'SSA (A^2)'  11610 ? 
# 
_pdbx_struct_assembly_gen.assembly_id       1 
_pdbx_struct_assembly_gen.oper_expression   1,2 
_pdbx_struct_assembly_gen.asym_id_list      A,B,C 
# 
_pdbx_struct_assembly_auth_evidence.id                     1 
_pdbx_struct_assembly_auth_evidence.assembly_id            1 
_pdbx_struct_assembly_auth_evidence.experimental_support   none 
_pdbx_struct_assembly_auth_evidence.details                ? 
# 
loop_
_pdbx_struct_oper_list.id 
_pdbx_struct_oper_list.type 
_pdbx_struct_oper_list.name 
_pdbx_struct_oper_list.symmetry_operation 
_pdbx_struct_oper_list.matrix[1][1] 
_pdbx_struct_oper_list.matrix[1][2] 
_pdbx_struct_oper_list.matrix[1][3] 
_pdbx_struct_oper_list.vector[1] 
_pdbx_struct_oper_list.matrix[2][1] 
_pdbx_struct_oper_list.matrix[2][2] 
_pdbx_struct_oper_list.matrix[2][3] 
_pdbx_struct_oper_list.vector[2] 
_pdbx_struct_oper_list.matrix[3][1] 
_pdbx_struct_oper_list.matrix[3][2] 
_pdbx_struct_oper_list.matrix[3][3] 
_pdbx_struct_oper_list.vector[3] 
1 'identity operation'         1_555 x,y,z        1.0000000000  0.0000000000  0.0000000000 0.0000000000 0.0000000000  1.0000000000  0.0000000000  0.0000000000  0.0000000000 0.0000000000  1.0000000000  0.0000000000 
2 'crystal symmetry operation' 8_554 -y,-x,-z-1/2 -0.3252310642 -0.5456801806 0.7723068661 8.0752503195 -0.5456801806 -0.5587128516 -0.6245583159 18.8963060722 0.7723068661 -0.6245583159 -0.1160560842 6.2959580693 
# 
loop_
_struct_conf.conf_type_id 
_struct_conf.id 
_struct_conf.pdbx_PDB_helix_id 
_struct_conf.beg_label_comp_id 
_struct_conf.beg_label_asym_id 
_struct_conf.beg_label_seq_id 
_struct_conf.pdbx_beg_PDB_ins_code 
_struct_conf.end_label_comp_id 
_struct_conf.end_label_asym_id 
_struct_conf.end_label_seq_id 
_struct_conf.pdbx_end_PDB_ins_code 
_struct_conf.beg_auth_comp_id 
_struct_conf.beg_auth_asym_id 
_struct_conf.beg_auth_seq_id 
_struct_conf.end_auth_comp_id 
_struct_conf.end_auth_asym_id 
_struct_conf.end_auth_seq_id 
_struct_conf.pdbx_PDB_helix_class 
_struct_conf.details 
_struct_conf.pdbx_PDB_helix_length 
HELX_P HELX_P1 AA1 ASP A 63 ? GLN A 75  ? ASP A 63 GLN A 75  1 ? 13 
HELX_P HELX_P2 AA2 ARG A 76 ? LEU A 78  ? ARG A 76 LEU A 78  5 ? 3  
HELX_P HELX_P3 AA3 THR A 94 ? HIS A 119 ? THR A 94 HIS A 119 1 ? 26 
# 
_struct_conf_type.id          HELX_P 
_struct_conf_type.criteria    ? 
_struct_conf_type.reference   ? 
# 
_struct_sheet.id               AA1 
_struct_sheet.type             ? 
_struct_sheet.number_strands   6 
_struct_sheet.details          ? 
# 
loop_
_struct_sheet_order.sheet_id 
_struct_sheet_order.range_id_1 
_struct_sheet_order.range_id_2 
_struct_sheet_order.offset 
_struct_sheet_order.sense 
AA1 1 2 ? anti-parallel 
AA1 2 3 ? anti-parallel 
AA1 3 4 ? parallel      
AA1 4 5 ? anti-parallel 
AA1 5 6 ? anti-parallel 
# 
loop_
_struct_sheet_range.sheet_id 
_struct_sheet_range.id 
_struct_sheet_range.beg_label_comp_id 
_struct_sheet_range.beg_label_asym_id 
_struct_sheet_range.beg_label_seq_id 
_struct_sheet_range.pdbx_beg_PDB_ins_code 
_struct_sheet_range.end_label_comp_id 
_struct_sheet_range.end_label_asym_id 
_struct_sheet_range.end_label_seq_id 
_struct_sheet_range.pdbx_end_PDB_ins_code 
_struct_sheet_range.beg_auth_comp_id 
_struct_sheet_range.beg_auth_asym_id 
_struct_sheet_range.beg_auth_seq_id 
_struct_sheet_range.end_auth_comp_id 
_struct_sheet_range.end_auth_asym_id 
_struct_sheet_range.end_auth_seq_id 
AA1 1 ALA A 2  ? GLN A 8  ? ALA A 2  GLN A 8  
AA1 2 TYR A 11 ? ILE A 20 ? TYR A 11 ILE A 20 
AA1 3 ASP A 23 ? GLY A 30 ? ASP A 23 GLY A 30 
AA1 4 SER A 81 ? GLY A 87 ? SER A 81 GLY A 87 
AA1 5 ASP A 38 ? THR A 43 ? ASP A 38 THR A 43 
AA1 6 THR A 46 ? LYS A 52 ? THR A 46 LYS A 52 
# 
loop_
_pdbx_struct_sheet_hbond.sheet_id 
_pdbx_struct_sheet_hbond.range_id_1 
_pdbx_struct_sheet_hbond.range_id_2 
_pdbx_struct_sheet_hbond.range_1_label_atom_id 
_pdbx_struct_sheet_hbond.range_1_label_comp_id 
_pdbx_struct_sheet_hbond.range_1_label_asym_id 
_pdbx_struct_sheet_hbond.range_1_label_seq_id 
_pdbx_struct_sheet_hbond.range_1_PDB_ins_code 
_pdbx_struct_sheet_hbond.range_1_auth_atom_id 
_pdbx_struct_sheet_hbond.range_1_auth_comp_id 
_pdbx_struct_sheet_hbond.range_1_auth_asym_id 
_pdbx_struct_sheet_hbond.range_1_auth_seq_id 
_pdbx_struct_sheet_hbond.range_2_label_atom_id 
_pdbx_struct_sheet_hbond.range_2_label_comp_id 
_pdbx_struct_sheet_hbond.range_2_label_asym_id 
_pdbx_struct_sheet_hbond.range_2_label_seq_id 
_pdbx_struct_sheet_hbond.range_2_PDB_ins_code 
_pdbx_struct_sheet_hbond.range_2_auth_atom_id 
_pdbx_struct_sheet_hbond.range_2_auth_comp_id 
_pdbx_struct_sheet_hbond.range_2_auth_asym_id 
_pdbx_struct_sheet_hbond.range_2_auth_seq_id 
AA1 1 2 N ALA A 2  ? N ALA A 2  O LEU A 17 ? O LEU A 17 
AA1 2 3 N ILE A 20 ? N ILE A 20 O ASP A 23 ? O ASP A 23 
AA1 3 4 N ILE A 26 ? N ILE A 26 O THR A 85 ? O THR A 85 
AA1 4 5 O ILE A 84 ? O ILE A 84 N THR A 40 ? N THR A 40 
AA1 5 6 N THR A 41 ? N THR A 41 O GLU A 49 ? O GLU A 49 
# 
_pdbx_entry_details.entry_id                   8P4W 
_pdbx_entry_details.has_ligand_of_interest     N 
_pdbx_entry_details.compound_details           ? 
_pdbx_entry_details.source_details             ? 
_pdbx_entry_details.nonpolymer_details         ? 
_pdbx_entry_details.sequence_details           ? 
_pdbx_entry_details.has_protein_modification   N 
# 
loop_
_pdbx_validate_close_contact.id 
_pdbx_validate_close_contact.PDB_model_num 
_pdbx_validate_close_contact.auth_atom_id_1 
_pdbx_validate_close_contact.auth_asym_id_1 
_pdbx_validate_close_contact.auth_comp_id_1 
_pdbx_validate_close_contact.auth_seq_id_1 
_pdbx_validate_close_contact.PDB_ins_code_1 
_pdbx_validate_close_contact.label_alt_id_1 
_pdbx_validate_close_contact.auth_atom_id_2 
_pdbx_validate_close_contact.auth_asym_id_2 
_pdbx_validate_close_contact.auth_comp_id_2 
_pdbx_validate_close_contact.auth_seq_id_2 
_pdbx_validate_close_contact.PDB_ins_code_2 
_pdbx_validate_close_contact.label_alt_id_2 
_pdbx_validate_close_contact.dist 
1 1 O   A HOH 419 ? ? O A HOH 436 ? ? 1.99 
2 1 O   A HOH 401 ? ? O A HOH 427 ? ? 2.06 
3 1 NE2 A GLN 97  ? ? O A HOH 301 ? ? 2.07 
4 1 O   A HOH 371 ? ? O A HOH 422 ? ? 2.15 
# 
loop_
_pdbx_struct_special_symmetry.id 
_pdbx_struct_special_symmetry.PDB_model_num 
_pdbx_struct_special_symmetry.auth_asym_id 
_pdbx_struct_special_symmetry.auth_comp_id 
_pdbx_struct_special_symmetry.auth_seq_id 
_pdbx_struct_special_symmetry.PDB_ins_code 
_pdbx_struct_special_symmetry.label_asym_id 
_pdbx_struct_special_symmetry.label_comp_id 
_pdbx_struct_special_symmetry.label_seq_id 
1 1 A HOH 330 ? C HOH . 
2 1 A HOH 438 ? C HOH . 
# 
loop_
_pdbx_distant_solvent_atoms.id 
_pdbx_distant_solvent_atoms.PDB_model_num 
_pdbx_distant_solvent_atoms.auth_atom_id 
_pdbx_distant_solvent_atoms.label_alt_id 
_pdbx_distant_solvent_atoms.auth_asym_id 
_pdbx_distant_solvent_atoms.auth_comp_id 
_pdbx_distant_solvent_atoms.auth_seq_id 
_pdbx_distant_solvent_atoms.PDB_ins_code 
_pdbx_distant_solvent_atoms.neighbor_macromolecule_distance 
_pdbx_distant_solvent_atoms.neighbor_ligand_distance 
1 1 O ? A HOH 445 ? 5.81 . 
2 1 O ? A HOH 446 ? 6.23 . 
3 1 O ? A HOH 447 ? 6.30 . 
4 1 O ? A HOH 448 ? 6.63 . 
# 
loop_
_pdbx_unobs_or_zero_occ_residues.id 
_pdbx_unobs_or_zero_occ_residues.PDB_model_num 
_pdbx_unobs_or_zero_occ_residues.polymer_flag 
_pdbx_unobs_or_zero_occ_residues.occupancy_flag 
_pdbx_unobs_or_zero_occ_residues.auth_asym_id 
_pdbx_unobs_or_zero_occ_residues.auth_comp_id 
_pdbx_unobs_or_zero_occ_residues.auth_seq_id 
_pdbx_unobs_or_zero_occ_residues.PDB_ins_code 
_pdbx_unobs_or_zero_occ_residues.label_asym_id 
_pdbx_unobs_or_zero_occ_residues.label_comp_id 
_pdbx_unobs_or_zero_occ_residues.label_seq_id 
1  1 Y 1 A VAL 121 ? A VAL 121 
2  1 Y 1 A GLN 122 ? A GLN 122 
3  1 Y 1 A ALA 123 ? A ALA 123 
4  1 Y 1 A GLU 124 ? A GLU 124 
5  1 Y 1 A LYS 125 ? A LYS 125 
6  1 Y 1 A PRO 126 ? A PRO 126 
7  1 Y 1 A GLU 127 ? A GLU 127 
8  1 Y 1 A TYR 128 ? A TYR 128 
9  1 Y 1 A TYR 129 ? A TYR 129 
10 1 Y 1 A GLY 130 ? A GLY 130 
11 1 Y 1 A GLN 131 ? A GLN 131 
12 1 Y 1 A ASP 132 ? A ASP 132 
13 1 Y 1 A GLU 133 ? A GLU 133 
14 1 Y 1 A GLN 134 ? A GLN 134 
15 1 Y 1 A PRO 135 ? A PRO 135 
16 1 Y 1 A ARG 136 ? A ARG 136 
# 
loop_
_chem_comp_atom.comp_id 
_chem_comp_atom.atom_id 
_chem_comp_atom.type_symbol 
_chem_comp_atom.pdbx_aromatic_flag 
_chem_comp_atom.pdbx_stereo_config 
_chem_comp_atom.pdbx_ordinal 
ALA N    N N N 1   
ALA CA   C N S 2   
ALA C    C N N 3   
ALA O    O N N 4   
ALA CB   C N N 5   
ALA OXT  O N N 6   
ALA H    H N N 7   
ALA H2   H N N 8   
ALA HA   H N N 9   
ALA HB1  H N N 10  
ALA HB2  H N N 11  
ALA HB3  H N N 12  
ALA HXT  H N N 13  
ARG N    N N N 14  
ARG CA   C N S 15  
ARG C    C N N 16  
ARG O    O N N 17  
ARG CB   C N N 18  
ARG CG   C N N 19  
ARG CD   C N N 20  
ARG NE   N N N 21  
ARG CZ   C N N 22  
ARG NH1  N N N 23  
ARG NH2  N N N 24  
ARG OXT  O N N 25  
ARG H    H N N 26  
ARG H2   H N N 27  
ARG HA   H N N 28  
ARG HB2  H N N 29  
ARG HB3  H N N 30  
ARG HG2  H N N 31  
ARG HG3  H N N 32  
ARG HD2  H N N 33  
ARG HD3  H N N 34  
ARG HE   H N N 35  
ARG HH11 H N N 36  
ARG HH12 H N N 37  
ARG HH21 H N N 38  
ARG HH22 H N N 39  
ARG HXT  H N N 40  
ASN N    N N N 41  
ASN CA   C N S 42  
ASN C    C N N 43  
ASN O    O N N 44  
ASN CB   C N N 45  
ASN CG   C N N 46  
ASN OD1  O N N 47  
ASN ND2  N N N 48  
ASN OXT  O N N 49  
ASN H    H N N 50  
ASN H2   H N N 51  
ASN HA   H N N 52  
ASN HB2  H N N 53  
ASN HB3  H N N 54  
ASN HD21 H N N 55  
ASN HD22 H N N 56  
ASN HXT  H N N 57  
ASP N    N N N 58  
ASP CA   C N S 59  
ASP C    C N N 60  
ASP O    O N N 61  
ASP CB   C N N 62  
ASP CG   C N N 63  
ASP OD1  O N N 64  
ASP OD2  O N N 65  
ASP OXT  O N N 66  
ASP H    H N N 67  
ASP H2   H N N 68  
ASP HA   H N N 69  
ASP HB2  H N N 70  
ASP HB3  H N N 71  
ASP HD2  H N N 72  
ASP HXT  H N N 73  
CYS N    N N N 74  
CYS CA   C N R 75  
CYS C    C N N 76  
CYS O    O N N 77  
CYS CB   C N N 78  
CYS SG   S N N 79  
CYS OXT  O N N 80  
CYS H    H N N 81  
CYS H2   H N N 82  
CYS HA   H N N 83  
CYS HB2  H N N 84  
CYS HB3  H N N 85  
CYS HG   H N N 86  
CYS HXT  H N N 87  
GLN N    N N N 88  
GLN CA   C N S 89  
GLN C    C N N 90  
GLN O    O N N 91  
GLN CB   C N N 92  
GLN CG   C N N 93  
GLN CD   C N N 94  
GLN OE1  O N N 95  
GLN NE2  N N N 96  
GLN OXT  O N N 97  
GLN H    H N N 98  
GLN H2   H N N 99  
GLN HA   H N N 100 
GLN HB2  H N N 101 
GLN HB3  H N N 102 
GLN HG2  H N N 103 
GLN HG3  H N N 104 
GLN HE21 H N N 105 
GLN HE22 H N N 106 
GLN HXT  H N N 107 
GLU N    N N N 108 
GLU CA   C N S 109 
GLU C    C N N 110 
GLU O    O N N 111 
GLU CB   C N N 112 
GLU CG   C N N 113 
GLU CD   C N N 114 
GLU OE1  O N N 115 
GLU OE2  O N N 116 
GLU OXT  O N N 117 
GLU H    H N N 118 
GLU H2   H N N 119 
GLU HA   H N N 120 
GLU HB2  H N N 121 
GLU HB3  H N N 122 
GLU HG2  H N N 123 
GLU HG3  H N N 124 
GLU HE2  H N N 125 
GLU HXT  H N N 126 
GLY N    N N N 127 
GLY CA   C N N 128 
GLY C    C N N 129 
GLY O    O N N 130 
GLY OXT  O N N 131 
GLY H    H N N 132 
GLY H2   H N N 133 
GLY HA2  H N N 134 
GLY HA3  H N N 135 
GLY HXT  H N N 136 
HIS N    N N N 137 
HIS CA   C N S 138 
HIS C    C N N 139 
HIS O    O N N 140 
HIS CB   C N N 141 
HIS CG   C Y N 142 
HIS ND1  N Y N 143 
HIS CD2  C Y N 144 
HIS CE1  C Y N 145 
HIS NE2  N Y N 146 
HIS OXT  O N N 147 
HIS H    H N N 148 
HIS H2   H N N 149 
HIS HA   H N N 150 
HIS HB2  H N N 151 
HIS HB3  H N N 152 
HIS HD1  H N N 153 
HIS HD2  H N N 154 
HIS HE1  H N N 155 
HIS HE2  H N N 156 
HIS HXT  H N N 157 
HOH O    O N N 158 
HOH H1   H N N 159 
HOH H2   H N N 160 
ILE N    N N N 161 
ILE CA   C N S 162 
ILE C    C N N 163 
ILE O    O N N 164 
ILE CB   C N S 165 
ILE CG1  C N N 166 
ILE CG2  C N N 167 
ILE CD1  C N N 168 
ILE OXT  O N N 169 
ILE H    H N N 170 
ILE H2   H N N 171 
ILE HA   H N N 172 
ILE HB   H N N 173 
ILE HG12 H N N 174 
ILE HG13 H N N 175 
ILE HG21 H N N 176 
ILE HG22 H N N 177 
ILE HG23 H N N 178 
ILE HD11 H N N 179 
ILE HD12 H N N 180 
ILE HD13 H N N 181 
ILE HXT  H N N 182 
LEU N    N N N 183 
LEU CA   C N S 184 
LEU C    C N N 185 
LEU O    O N N 186 
LEU CB   C N N 187 
LEU CG   C N N 188 
LEU CD1  C N N 189 
LEU CD2  C N N 190 
LEU OXT  O N N 191 
LEU H    H N N 192 
LEU H2   H N N 193 
LEU HA   H N N 194 
LEU HB2  H N N 195 
LEU HB3  H N N 196 
LEU HG   H N N 197 
LEU HD11 H N N 198 
LEU HD12 H N N 199 
LEU HD13 H N N 200 
LEU HD21 H N N 201 
LEU HD22 H N N 202 
LEU HD23 H N N 203 
LEU HXT  H N N 204 
LYS N    N N N 205 
LYS CA   C N S 206 
LYS C    C N N 207 
LYS O    O N N 208 
LYS CB   C N N 209 
LYS CG   C N N 210 
LYS CD   C N N 211 
LYS CE   C N N 212 
LYS NZ   N N N 213 
LYS OXT  O N N 214 
LYS H    H N N 215 
LYS H2   H N N 216 
LYS HA   H N N 217 
LYS HB2  H N N 218 
LYS HB3  H N N 219 
LYS HG2  H N N 220 
LYS HG3  H N N 221 
LYS HD2  H N N 222 
LYS HD3  H N N 223 
LYS HE2  H N N 224 
LYS HE3  H N N 225 
LYS HZ1  H N N 226 
LYS HZ2  H N N 227 
LYS HZ3  H N N 228 
LYS HXT  H N N 229 
MET N    N N N 230 
MET CA   C N S 231 
MET C    C N N 232 
MET O    O N N 233 
MET CB   C N N 234 
MET CG   C N N 235 
MET SD   S N N 236 
MET CE   C N N 237 
MET OXT  O N N 238 
MET H    H N N 239 
MET H2   H N N 240 
MET HA   H N N 241 
MET HB2  H N N 242 
MET HB3  H N N 243 
MET HG2  H N N 244 
MET HG3  H N N 245 
MET HE1  H N N 246 
MET HE2  H N N 247 
MET HE3  H N N 248 
MET HXT  H N N 249 
PHE N    N N N 250 
PHE CA   C N S 251 
PHE C    C N N 252 
PHE O    O N N 253 
PHE CB   C N N 254 
PHE CG   C Y N 255 
PHE CD1  C Y N 256 
PHE CD2  C Y N 257 
PHE CE1  C Y N 258 
PHE CE2  C Y N 259 
PHE CZ   C Y N 260 
PHE OXT  O N N 261 
PHE H    H N N 262 
PHE H2   H N N 263 
PHE HA   H N N 264 
PHE HB2  H N N 265 
PHE HB3  H N N 266 
PHE HD1  H N N 267 
PHE HD2  H N N 268 
PHE HE1  H N N 269 
PHE HE2  H N N 270 
PHE HZ   H N N 271 
PHE HXT  H N N 272 
PO4 P    P N N 273 
PO4 O1   O N N 274 
PO4 O2   O N N 275 
PO4 O3   O N N 276 
PO4 O4   O N N 277 
PRO N    N N N 278 
PRO CA   C N S 279 
PRO C    C N N 280 
PRO O    O N N 281 
PRO CB   C N N 282 
PRO CG   C N N 283 
PRO CD   C N N 284 
PRO OXT  O N N 285 
PRO H    H N N 286 
PRO HA   H N N 287 
PRO HB2  H N N 288 
PRO HB3  H N N 289 
PRO HG2  H N N 290 
PRO HG3  H N N 291 
PRO HD2  H N N 292 
PRO HD3  H N N 293 
PRO HXT  H N N 294 
SER N    N N N 295 
SER CA   C N S 296 
SER C    C N N 297 
SER O    O N N 298 
SER CB   C N N 299 
SER OG   O N N 300 
SER OXT  O N N 301 
SER H    H N N 302 
SER H2   H N N 303 
SER HA   H N N 304 
SER HB2  H N N 305 
SER HB3  H N N 306 
SER HG   H N N 307 
SER HXT  H N N 308 
THR N    N N N 309 
THR CA   C N S 310 
THR C    C N N 311 
THR O    O N N 312 
THR CB   C N R 313 
THR OG1  O N N 314 
THR CG2  C N N 315 
THR OXT  O N N 316 
THR H    H N N 317 
THR H2   H N N 318 
THR HA   H N N 319 
THR HB   H N N 320 
THR HG1  H N N 321 
THR HG21 H N N 322 
THR HG22 H N N 323 
THR HG23 H N N 324 
THR HXT  H N N 325 
TRP N    N N N 326 
TRP CA   C N S 327 
TRP C    C N N 328 
TRP O    O N N 329 
TRP CB   C N N 330 
TRP CG   C Y N 331 
TRP CD1  C Y N 332 
TRP CD2  C Y N 333 
TRP NE1  N Y N 334 
TRP CE2  C Y N 335 
TRP CE3  C Y N 336 
TRP CZ2  C Y N 337 
TRP CZ3  C Y N 338 
TRP CH2  C Y N 339 
TRP OXT  O N N 340 
TRP H    H N N 341 
TRP H2   H N N 342 
TRP HA   H N N 343 
TRP HB2  H N N 344 
TRP HB3  H N N 345 
TRP HD1  H N N 346 
TRP HE1  H N N 347 
TRP HE3  H N N 348 
TRP HZ2  H N N 349 
TRP HZ3  H N N 350 
TRP HH2  H N N 351 
TRP HXT  H N N 352 
TYR N    N N N 353 
TYR CA   C N S 354 
TYR C    C N N 355 
TYR O    O N N 356 
TYR CB   C N N 357 
TYR CG   C Y N 358 
TYR CD1  C Y N 359 
TYR CD2  C Y N 360 
TYR CE1  C Y N 361 
TYR CE2  C Y N 362 
TYR CZ   C Y N 363 
TYR OH   O N N 364 
TYR OXT  O N N 365 
TYR H    H N N 366 
TYR H2   H N N 367 
TYR HA   H N N 368 
TYR HB2  H N N 369 
TYR HB3  H N N 370 
TYR HD1  H N N 371 
TYR HD2  H N N 372 
TYR HE1  H N N 373 
TYR HE2  H N N 374 
TYR HH   H N N 375 
TYR HXT  H N N 376 
VAL N    N N N 377 
VAL CA   C N S 378 
VAL C    C N N 379 
VAL O    O N N 380 
VAL CB   C N N 381 
VAL CG1  C N N 382 
VAL CG2  C N N 383 
VAL OXT  O N N 384 
VAL H    H N N 385 
VAL H2   H N N 386 
VAL HA   H N N 387 
VAL HB   H N N 388 
VAL HG11 H N N 389 
VAL HG12 H N N 390 
VAL HG13 H N N 391 
VAL HG21 H N N 392 
VAL HG22 H N N 393 
VAL HG23 H N N 394 
VAL HXT  H N N 395 
# 
loop_
_chem_comp_bond.comp_id 
_chem_comp_bond.atom_id_1 
_chem_comp_bond.atom_id_2 
_chem_comp_bond.value_order 
_chem_comp_bond.pdbx_aromatic_flag 
_chem_comp_bond.pdbx_stereo_config 
_chem_comp_bond.pdbx_ordinal 
ALA N   CA   sing N N 1   
ALA N   H    sing N N 2   
ALA N   H2   sing N N 3   
ALA CA  C    sing N N 4   
ALA CA  CB   sing N N 5   
ALA CA  HA   sing N N 6   
ALA C   O    doub N N 7   
ALA C   OXT  sing N N 8   
ALA CB  HB1  sing N N 9   
ALA CB  HB2  sing N N 10  
ALA CB  HB3  sing N N 11  
ALA OXT HXT  sing N N 12  
ARG N   CA   sing N N 13  
ARG N   H    sing N N 14  
ARG N   H2   sing N N 15  
ARG CA  C    sing N N 16  
ARG CA  CB   sing N N 17  
ARG CA  HA   sing N N 18  
ARG C   O    doub N N 19  
ARG C   OXT  sing N N 20  
ARG CB  CG   sing N N 21  
ARG CB  HB2  sing N N 22  
ARG CB  HB3  sing N N 23  
ARG CG  CD   sing N N 24  
ARG CG  HG2  sing N N 25  
ARG CG  HG3  sing N N 26  
ARG CD  NE   sing N N 27  
ARG CD  HD2  sing N N 28  
ARG CD  HD3  sing N N 29  
ARG NE  CZ   sing N N 30  
ARG NE  HE   sing N N 31  
ARG CZ  NH1  sing N N 32  
ARG CZ  NH2  doub N N 33  
ARG NH1 HH11 sing N N 34  
ARG NH1 HH12 sing N N 35  
ARG NH2 HH21 sing N N 36  
ARG NH2 HH22 sing N N 37  
ARG OXT HXT  sing N N 38  
ASN N   CA   sing N N 39  
ASN N   H    sing N N 40  
ASN N   H2   sing N N 41  
ASN CA  C    sing N N 42  
ASN CA  CB   sing N N 43  
ASN CA  HA   sing N N 44  
ASN C   O    doub N N 45  
ASN C   OXT  sing N N 46  
ASN CB  CG   sing N N 47  
ASN CB  HB2  sing N N 48  
ASN CB  HB3  sing N N 49  
ASN CG  OD1  doub N N 50  
ASN CG  ND2  sing N N 51  
ASN ND2 HD21 sing N N 52  
ASN ND2 HD22 sing N N 53  
ASN OXT HXT  sing N N 54  
ASP N   CA   sing N N 55  
ASP N   H    sing N N 56  
ASP N   H2   sing N N 57  
ASP CA  C    sing N N 58  
ASP CA  CB   sing N N 59  
ASP CA  HA   sing N N 60  
ASP C   O    doub N N 61  
ASP C   OXT  sing N N 62  
ASP CB  CG   sing N N 63  
ASP CB  HB2  sing N N 64  
ASP CB  HB3  sing N N 65  
ASP CG  OD1  doub N N 66  
ASP CG  OD2  sing N N 67  
ASP OD2 HD2  sing N N 68  
ASP OXT HXT  sing N N 69  
CYS N   CA   sing N N 70  
CYS N   H    sing N N 71  
CYS N   H2   sing N N 72  
CYS CA  C    sing N N 73  
CYS CA  CB   sing N N 74  
CYS CA  HA   sing N N 75  
CYS C   O    doub N N 76  
CYS C   OXT  sing N N 77  
CYS CB  SG   sing N N 78  
CYS CB  HB2  sing N N 79  
CYS CB  HB3  sing N N 80  
CYS SG  HG   sing N N 81  
CYS OXT HXT  sing N N 82  
GLN N   CA   sing N N 83  
GLN N   H    sing N N 84  
GLN N   H2   sing N N 85  
GLN CA  C    sing N N 86  
GLN CA  CB   sing N N 87  
GLN CA  HA   sing N N 88  
GLN C   O    doub N N 89  
GLN C   OXT  sing N N 90  
GLN CB  CG   sing N N 91  
GLN CB  HB2  sing N N 92  
GLN CB  HB3  sing N N 93  
GLN CG  CD   sing N N 94  
GLN CG  HG2  sing N N 95  
GLN CG  HG3  sing N N 96  
GLN CD  OE1  doub N N 97  
GLN CD  NE2  sing N N 98  
GLN NE2 HE21 sing N N 99  
GLN NE2 HE22 sing N N 100 
GLN OXT HXT  sing N N 101 
GLU N   CA   sing N N 102 
GLU N   H    sing N N 103 
GLU N   H2   sing N N 104 
GLU CA  C    sing N N 105 
GLU CA  CB   sing N N 106 
GLU CA  HA   sing N N 107 
GLU C   O    doub N N 108 
GLU C   OXT  sing N N 109 
GLU CB  CG   sing N N 110 
GLU CB  HB2  sing N N 111 
GLU CB  HB3  sing N N 112 
GLU CG  CD   sing N N 113 
GLU CG  HG2  sing N N 114 
GLU CG  HG3  sing N N 115 
GLU CD  OE1  doub N N 116 
GLU CD  OE2  sing N N 117 
GLU OE2 HE2  sing N N 118 
GLU OXT HXT  sing N N 119 
GLY N   CA   sing N N 120 
GLY N   H    sing N N 121 
GLY N   H2   sing N N 122 
GLY CA  C    sing N N 123 
GLY CA  HA2  sing N N 124 
GLY CA  HA3  sing N N 125 
GLY C   O    doub N N 126 
GLY C   OXT  sing N N 127 
GLY OXT HXT  sing N N 128 
HIS N   CA   sing N N 129 
HIS N   H    sing N N 130 
HIS N   H2   sing N N 131 
HIS CA  C    sing N N 132 
HIS CA  CB   sing N N 133 
HIS CA  HA   sing N N 134 
HIS C   O    doub N N 135 
HIS C   OXT  sing N N 136 
HIS CB  CG   sing N N 137 
HIS CB  HB2  sing N N 138 
HIS CB  HB3  sing N N 139 
HIS CG  ND1  sing Y N 140 
HIS CG  CD2  doub Y N 141 
HIS ND1 CE1  doub Y N 142 
HIS ND1 HD1  sing N N 143 
HIS CD2 NE2  sing Y N 144 
HIS CD2 HD2  sing N N 145 
HIS CE1 NE2  sing Y N 146 
HIS CE1 HE1  sing N N 147 
HIS NE2 HE2  sing N N 148 
HIS OXT HXT  sing N N 149 
HOH O   H1   sing N N 150 
HOH O   H2   sing N N 151 
ILE N   CA   sing N N 152 
ILE N   H    sing N N 153 
ILE N   H2   sing N N 154 
ILE CA  C    sing N N 155 
ILE CA  CB   sing N N 156 
ILE CA  HA   sing N N 157 
ILE C   O    doub N N 158 
ILE C   OXT  sing N N 159 
ILE CB  CG1  sing N N 160 
ILE CB  CG2  sing N N 161 
ILE CB  HB   sing N N 162 
ILE CG1 CD1  sing N N 163 
ILE CG1 HG12 sing N N 164 
ILE CG1 HG13 sing N N 165 
ILE CG2 HG21 sing N N 166 
ILE CG2 HG22 sing N N 167 
ILE CG2 HG23 sing N N 168 
ILE CD1 HD11 sing N N 169 
ILE CD1 HD12 sing N N 170 
ILE CD1 HD13 sing N N 171 
ILE OXT HXT  sing N N 172 
LEU N   CA   sing N N 173 
LEU N   H    sing N N 174 
LEU N   H2   sing N N 175 
LEU CA  C    sing N N 176 
LEU CA  CB   sing N N 177 
LEU CA  HA   sing N N 178 
LEU C   O    doub N N 179 
LEU C   OXT  sing N N 180 
LEU CB  CG   sing N N 181 
LEU CB  HB2  sing N N 182 
LEU CB  HB3  sing N N 183 
LEU CG  CD1  sing N N 184 
LEU CG  CD2  sing N N 185 
LEU CG  HG   sing N N 186 
LEU CD1 HD11 sing N N 187 
LEU CD1 HD12 sing N N 188 
LEU CD1 HD13 sing N N 189 
LEU CD2 HD21 sing N N 190 
LEU CD2 HD22 sing N N 191 
LEU CD2 HD23 sing N N 192 
LEU OXT HXT  sing N N 193 
LYS N   CA   sing N N 194 
LYS N   H    sing N N 195 
LYS N   H2   sing N N 196 
LYS CA  C    sing N N 197 
LYS CA  CB   sing N N 198 
LYS CA  HA   sing N N 199 
LYS C   O    doub N N 200 
LYS C   OXT  sing N N 201 
LYS CB  CG   sing N N 202 
LYS CB  HB2  sing N N 203 
LYS CB  HB3  sing N N 204 
LYS CG  CD   sing N N 205 
LYS CG  HG2  sing N N 206 
LYS CG  HG3  sing N N 207 
LYS CD  CE   sing N N 208 
LYS CD  HD2  sing N N 209 
LYS CD  HD3  sing N N 210 
LYS CE  NZ   sing N N 211 
LYS CE  HE2  sing N N 212 
LYS CE  HE3  sing N N 213 
LYS NZ  HZ1  sing N N 214 
LYS NZ  HZ2  sing N N 215 
LYS NZ  HZ3  sing N N 216 
LYS OXT HXT  sing N N 217 
MET N   CA   sing N N 218 
MET N   H    sing N N 219 
MET N   H2   sing N N 220 
MET CA  C    sing N N 221 
MET CA  CB   sing N N 222 
MET CA  HA   sing N N 223 
MET C   O    doub N N 224 
MET C   OXT  sing N N 225 
MET CB  CG   sing N N 226 
MET CB  HB2  sing N N 227 
MET CB  HB3  sing N N 228 
MET CG  SD   sing N N 229 
MET CG  HG2  sing N N 230 
MET CG  HG3  sing N N 231 
MET SD  CE   sing N N 232 
MET CE  HE1  sing N N 233 
MET CE  HE2  sing N N 234 
MET CE  HE3  sing N N 235 
MET OXT HXT  sing N N 236 
PHE N   CA   sing N N 237 
PHE N   H    sing N N 238 
PHE N   H2   sing N N 239 
PHE CA  C    sing N N 240 
PHE CA  CB   sing N N 241 
PHE CA  HA   sing N N 242 
PHE C   O    doub N N 243 
PHE C   OXT  sing N N 244 
PHE CB  CG   sing N N 245 
PHE CB  HB2  sing N N 246 
PHE CB  HB3  sing N N 247 
PHE CG  CD1  doub Y N 248 
PHE CG  CD2  sing Y N 249 
PHE CD1 CE1  sing Y N 250 
PHE CD1 HD1  sing N N 251 
PHE CD2 CE2  doub Y N 252 
PHE CD2 HD2  sing N N 253 
PHE CE1 CZ   doub Y N 254 
PHE CE1 HE1  sing N N 255 
PHE CE2 CZ   sing Y N 256 
PHE CE2 HE2  sing N N 257 
PHE CZ  HZ   sing N N 258 
PHE OXT HXT  sing N N 259 
PO4 P   O1   doub N N 260 
PO4 P   O2   sing N N 261 
PO4 P   O3   sing N N 262 
PO4 P   O4   sing N N 263 
PRO N   CA   sing N N 264 
PRO N   CD   sing N N 265 
PRO N   H    sing N N 266 
PRO CA  C    sing N N 267 
PRO CA  CB   sing N N 268 
PRO CA  HA   sing N N 269 
PRO C   O    doub N N 270 
PRO C   OXT  sing N N 271 
PRO CB  CG   sing N N 272 
PRO CB  HB2  sing N N 273 
PRO CB  HB3  sing N N 274 
PRO CG  CD   sing N N 275 
PRO CG  HG2  sing N N 276 
PRO CG  HG3  sing N N 277 
PRO CD  HD2  sing N N 278 
PRO CD  HD3  sing N N 279 
PRO OXT HXT  sing N N 280 
SER N   CA   sing N N 281 
SER N   H    sing N N 282 
SER N   H2   sing N N 283 
SER CA  C    sing N N 284 
SER CA  CB   sing N N 285 
SER CA  HA   sing N N 286 
SER C   O    doub N N 287 
SER C   OXT  sing N N 288 
SER CB  OG   sing N N 289 
SER CB  HB2  sing N N 290 
SER CB  HB3  sing N N 291 
SER OG  HG   sing N N 292 
SER OXT HXT  sing N N 293 
THR N   CA   sing N N 294 
THR N   H    sing N N 295 
THR N   H2   sing N N 296 
THR CA  C    sing N N 297 
THR CA  CB   sing N N 298 
THR CA  HA   sing N N 299 
THR C   O    doub N N 300 
THR C   OXT  sing N N 301 
THR CB  OG1  sing N N 302 
THR CB  CG2  sing N N 303 
THR CB  HB   sing N N 304 
THR OG1 HG1  sing N N 305 
THR CG2 HG21 sing N N 306 
THR CG2 HG22 sing N N 307 
THR CG2 HG23 sing N N 308 
THR OXT HXT  sing N N 309 
TRP N   CA   sing N N 310 
TRP N   H    sing N N 311 
TRP N   H2   sing N N 312 
TRP CA  C    sing N N 313 
TRP CA  CB   sing N N 314 
TRP CA  HA   sing N N 315 
TRP C   O    doub N N 316 
TRP C   OXT  sing N N 317 
TRP CB  CG   sing N N 318 
TRP CB  HB2  sing N N 319 
TRP CB  HB3  sing N N 320 
TRP CG  CD1  doub Y N 321 
TRP CG  CD2  sing Y N 322 
TRP CD1 NE1  sing Y N 323 
TRP CD1 HD1  sing N N 324 
TRP CD2 CE2  doub Y N 325 
TRP CD2 CE3  sing Y N 326 
TRP NE1 CE2  sing Y N 327 
TRP NE1 HE1  sing N N 328 
TRP CE2 CZ2  sing Y N 329 
TRP CE3 CZ3  doub Y N 330 
TRP CE3 HE3  sing N N 331 
TRP CZ2 CH2  doub Y N 332 
TRP CZ2 HZ2  sing N N 333 
TRP CZ3 CH2  sing Y N 334 
TRP CZ3 HZ3  sing N N 335 
TRP CH2 HH2  sing N N 336 
TRP OXT HXT  sing N N 337 
TYR N   CA   sing N N 338 
TYR N   H    sing N N 339 
TYR N   H2   sing N N 340 
TYR CA  C    sing N N 341 
TYR CA  CB   sing N N 342 
TYR CA  HA   sing N N 343 
TYR C   O    doub N N 344 
TYR C   OXT  sing N N 345 
TYR CB  CG   sing N N 346 
TYR CB  HB2  sing N N 347 
TYR CB  HB3  sing N N 348 
TYR CG  CD1  doub Y N 349 
TYR CG  CD2  sing Y N 350 
TYR CD1 CE1  sing Y N 351 
TYR CD1 HD1  sing N N 352 
TYR CD2 CE2  doub Y N 353 
TYR CD2 HD2  sing N N 354 
TYR CE1 CZ   doub Y N 355 
TYR CE1 HE1  sing N N 356 
TYR CE2 CZ   sing Y N 357 
TYR CE2 HE2  sing N N 358 
TYR CZ  OH   sing N N 359 
TYR OH  HH   sing N N 360 
TYR OXT HXT  sing N N 361 
VAL N   CA   sing N N 362 
VAL N   H    sing N N 363 
VAL N   H2   sing N N 364 
VAL CA  C    sing N N 365 
VAL CA  CB   sing N N 366 
VAL CA  HA   sing N N 367 
VAL C   O    doub N N 368 
VAL C   OXT  sing N N 369 
VAL CB  CG1  sing N N 370 
VAL CB  CG2  sing N N 371 
VAL CB  HB   sing N N 372 
VAL CG1 HG11 sing N N 373 
VAL CG1 HG12 sing N N 374 
VAL CG1 HG13 sing N N 375 
VAL CG2 HG21 sing N N 376 
VAL CG2 HG22 sing N N 377 
VAL CG2 HG23 sing N N 378 
VAL OXT HXT  sing N N 379 
# 
_pdbx_audit_support.funding_organization   'European Research Council (ERC)' 
_pdbx_audit_support.country                'European Union' 
_pdbx_audit_support.grant_number           ? 
_pdbx_audit_support.ordinal                1 
# 
_atom_sites.entry_id                    8P4W 
_atom_sites.Cartn_transf_matrix[1][1]   ? 
_atom_sites.Cartn_transf_matrix[1][2]   ? 
_atom_sites.Cartn_transf_matrix[1][3]   ? 
_atom_sites.Cartn_transf_matrix[2][1]   ? 
_atom_sites.Cartn_transf_matrix[2][2]   ? 
_atom_sites.Cartn_transf_matrix[2][3]   ? 
_atom_sites.Cartn_transf_matrix[3][1]   ? 
_atom_sites.Cartn_transf_matrix[3][2]   ? 
_atom_sites.Cartn_transf_matrix[3][3]   ? 
_atom_sites.Cartn_transf_vector[1]      ? 
_atom_sites.Cartn_transf_vector[2]      ? 
_atom_sites.Cartn_transf_vector[3]      ? 
_atom_sites.fract_transf_matrix[1][1]   -0.00079702 
_atom_sites.fract_transf_matrix[1][2]   -0.01476655 
_atom_sites.fract_transf_matrix[1][3]   0.00829984 
_atom_sites.fract_transf_matrix[2][1]   -0.01472706 
_atom_sites.fract_transf_matrix[2][2]   -0.00350145 
_atom_sites.fract_transf_matrix[2][3]   -0.00764378 
_atom_sites.fract_transf_matrix[3][1]   0.00591922 
_atom_sites.fract_transf_matrix[3][2]   -0.00535166 
_atom_sites.fract_transf_matrix[3][3]   -0.00895291 
_atom_sites.fract_transf_vector[1]      0.051595 
_atom_sites.fract_transf_vector[2]      0.181619 
_atom_sites.fract_transf_vector[3]      -0.195147 
_atom_sites.solution_primary            ? 
_atom_sites.solution_secondary          ? 
_atom_sites.solution_hydrogens          ? 
_atom_sites.special_details             ? 
# 
loop_
_atom_type.symbol 
C 
N 
O 
P 
S 
# 
loop_
_atom_site.group_PDB 
_atom_site.id 
_atom_site.type_symbol 
_atom_site.label_atom_id 
_atom_site.label_alt_id 
_atom_site.label_comp_id 
_atom_site.label_asym_id 
_atom_site.label_entity_id 
_atom_site.label_seq_id 
_atom_site.pdbx_PDB_ins_code 
_atom_site.Cartn_x 
_atom_site.Cartn_y 
_atom_site.Cartn_z 
_atom_site.occupancy 
_atom_site.B_iso_or_equiv 
_atom_site.pdbx_formal_charge 
_atom_site.auth_seq_id 
_atom_site.auth_comp_id 
_atom_site.auth_asym_id 
_atom_site.auth_atom_id 
_atom_site.pdbx_PDB_model_num 
ATOM   1    N N   . MET A 1 1   ? 6.954   1.801   13.284  1.00 39.99 ? 1   MET A N   1 
ATOM   2    C CA  . MET A 1 1   ? 6.170   1.157   14.333  1.00 41.65 ? 1   MET A CA  1 
ATOM   3    C C   . MET A 1 1   ? 5.961   -0.347  14.067  1.00 37.36 ? 1   MET A C   1 
ATOM   4    O O   . MET A 1 1   ? 6.078   -1.138  14.995  1.00 40.77 ? 1   MET A O   1 
ATOM   5    C CB  . MET A 1 1   ? 4.804   1.840   14.503  1.00 43.36 ? 1   MET A CB  1 
ATOM   6    C CG  . MET A 1 1   ? 4.816   3.263   15.058  1.00 33.60 ? 1   MET A CG  1 
ATOM   7    S SD  . MET A 1 1   ? 4.830   3.468   16.878  1.00 55.50 ? 1   MET A SD  1 
ATOM   8    C CE  . MET A 1 1   ? 4.013   1.987   17.482  1.00 40.96 ? 1   MET A CE  1 
ATOM   9    N N   . ALA A 1 2   ? 5.639   -0.754  12.831  1.00 33.99 ? 2   ALA A N   1 
ATOM   10   C CA  . ALA A 1 2   ? 5.380   -2.170  12.585  1.00 30.00 ? 2   ALA A CA  1 
ATOM   11   C C   . ALA A 1 2   ? 5.587   -2.520  11.115  1.00 30.32 ? 2   ALA A C   1 
ATOM   12   O O   . ALA A 1 2   ? 5.213   -1.747  10.229  1.00 28.53 ? 2   ALA A O   1 
ATOM   13   C CB  . ALA A 1 2   ? 3.960   -2.556  13.011  1.00 34.69 ? 2   ALA A CB  1 
ATOM   14   N N   . THR A 1 3   ? 6.154   -3.707  10.871  1.00 29.07 ? 3   THR A N   1 
ATOM   15   C CA  . THR A 1 3   ? 6.419   -4.216  9.531   1.00 29.92 ? 3   THR A CA  1 
ATOM   16   C C   . THR A 1 3   ? 5.651   -5.513  9.296   1.00 30.99 ? 3   THR A C   1 
ATOM   17   O O   . THR A 1 3   ? 5.557   -6.363  10.188  1.00 29.59 ? 3   THR A O   1 
ATOM   18   C CB  . THR A 1 3   ? 7.926   -4.457  9.324   1.00 33.17 ? 3   THR A CB  1 
ATOM   19   O OG1 . THR A 1 3   ? 8.609   -3.198  9.320   1.00 37.14 ? 3   THR A OG1 1 
ATOM   20   C CG2 . THR A 1 3   ? 8.195   -5.178  7.999   1.00 34.70 ? 3   THR A CG2 1 
ATOM   21   N N   . PHE A 1 4   ? 5.100   -5.659  8.090   1.00 28.12 ? 4   PHE A N   1 
ATOM   22   C CA  . PHE A 1 4   ? 4.369   -6.852  7.689   1.00 29.82 ? 4   PHE A CA  1 
ATOM   23   C C   . PHE A 1 4   ? 4.882   -7.323  6.339   1.00 28.58 ? 4   PHE A C   1 
ATOM   24   O O   . PHE A 1 4   ? 5.306   -6.514  5.511   1.00 28.29 ? 4   PHE A O   1 
ATOM   25   C CB  . PHE A 1 4   ? 2.863   -6.579  7.617   1.00 28.73 ? 4   PHE A CB  1 
ATOM   26   C CG  . PHE A 1 4   ? 2.331   -5.874  8.820   1.00 30.72 ? 4   PHE A CG  1 
ATOM   27   C CD1 . PHE A 1 4   ? 2.293   -4.486  8.873   1.00 29.10 ? 4   PHE A CD1 1 
ATOM   28   C CD2 . PHE A 1 4   ? 1.903   -6.597  9.922   1.00 30.53 ? 4   PHE A CD2 1 
ATOM   29   C CE1 . PHE A 1 4   ? 1.819   -3.841  10.002  1.00 29.54 ? 4   PHE A CE1 1 
ATOM   30   C CE2 . PHE A 1 4   ? 1.428   -5.961  11.046  1.00 30.89 ? 4   PHE A CE2 1 
ATOM   31   C CZ  . PHE A 1 4   ? 1.382   -4.582  11.089  1.00 31.34 ? 4   PHE A CZ  1 
ATOM   32   N N   . THR A 1 5   ? 4.873   -8.638  6.125   1.00 26.07 ? 5   THR A N   1 
ATOM   33   C CA  . THR A 1 5   ? 5.223   -9.188  4.824   1.00 26.67 ? 5   THR A CA  1 
ATOM   34   C C   . THR A 1 5   ? 4.143   -10.169 4.387   1.00 26.64 ? 5   THR A C   1 
ATOM   35   O O   . THR A 1 5   ? 3.400   -10.723 5.206   1.00 26.84 ? 5   THR A O   1 
ATOM   36   C CB  . THR A 1 5   ? 6.599   -9.890  4.823   1.00 30.18 ? 5   THR A CB  1 
ATOM   37   O OG1 . THR A 1 5   ? 6.580   -10.994 5.733   1.00 35.01 ? 5   THR A OG1 1 
ATOM   38   C CG2 . THR A 1 5   ? 7.702   -8.925  5.233   1.00 32.65 ? 5   THR A CG2 1 
ATOM   39   N N   . THR A 1 6   ? 4.056   -10.367 3.076   1.00 24.83 ? 6   THR A N   1 
ATOM   40   C CA  . THR A 1 6   ? 3.139   -11.343 2.504   1.00 26.09 ? 6   THR A CA  1 
ATOM   41   C C   . THR A 1 6   ? 3.815   -11.998 1.309   1.00 25.99 ? 6   THR A C   1 
ATOM   42   O O   . THR A 1 6   ? 4.647   -11.383 0.637   1.00 25.12 ? 6   THR A O   1 
ATOM   43   C CB  . THR A 1 6   ? 1.798   -10.692 2.103   1.00 26.37 ? 6   THR A CB  1 
ATOM   44   O OG1 . THR A 1 6   ? 0.832   -11.711 1.802   1.00 28.36 ? 6   THR A OG1 1 
ATOM   45   C CG2 . THR A 1 6   ? 1.971   -9.777  0.885   1.00 24.97 ? 6   THR A CG2 1 
ATOM   46   N N   . GLU A 1 7   ? 3.473   -13.262 1.049   1.00 26.79 ? 7   GLU A N   1 
ATOM   47   C CA  . GLU A 1 7   ? 4.137   -13.974 -0.031  1.00 27.70 ? 7   GLU A CA  1 
ATOM   48   C C   . GLU A 1 7   ? 3.140   -14.843 -0.771  1.00 27.45 ? 7   GLU A C   1 
ATOM   49   O O   . GLU A 1 7   ? 2.309   -15.515 -0.154  1.00 25.10 ? 7   GLU A O   1 
ATOM   50   C CB  . GLU A 1 7   ? 5.301   -14.835 0.491   1.00 27.57 ? 7   GLU A CB  1 
ATOM   51   C CG  . GLU A 1 7   ? 6.071   -15.537 -0.619  1.00 29.85 ? 7   GLU A CG  1 
ATOM   52   C CD  . GLU A 1 7   ? 7.222   -16.373 -0.087  1.00 35.27 ? 7   GLU A CD  1 
ATOM   53   O OE1 . GLU A 1 7   ? 7.818   -15.976 0.936   1.00 35.30 ? 7   GLU A OE1 1 
ATOM   54   O OE2 . GLU A 1 7   ? 7.516   -17.435 -0.682  1.00 36.12 ? 7   GLU A OE2 1 
ATOM   55   N N   . GLN A 1 8   ? 3.221   -14.803 -2.095  1.00 24.87 ? 8   GLN A N   1 
ATOM   56   C CA  . GLN A 1 8   ? 2.391   -15.625 -2.970  1.00 25.17 ? 8   GLN A CA  1 
ATOM   57   C C   . GLN A 1 8   ? 3.306   -16.182 -4.046  1.00 28.72 ? 8   GLN A C   1 
ATOM   58   O O   . GLN A 1 8   ? 3.860   -15.414 -4.838  1.00 26.87 ? 8   GLN A O   1 
ATOM   59   C CB  . GLN A 1 8   ? 1.249   -14.812 -3.591  1.00 25.57 ? 8   GLN A CB  1 
ATOM   60   C CG  . GLN A 1 8   ? 0.336   -15.593 -4.518  1.00 23.95 ? 8   GLN A CG  1 
ATOM   61   C CD  . GLN A 1 8   ? -0.552  -16.563 -3.756  1.00 27.78 ? 8   GLN A CD  1 
ATOM   62   O OE1 . GLN A 1 8   ? -0.075  -17.563 -3.236  1.00 25.00 ? 8   GLN A OE1 1 
ATOM   63   N NE2 . GLN A 1 8   ? -1.843  -16.253 -3.661  1.00 22.94 ? 8   GLN A NE2 1 
ATOM   64   N N   . ALA A 1 9   ? 3.475   -17.507 -4.064  1.00 25.71 ? 9   ALA A N   1 
ATOM   65   C CA  . ALA A 1 9   ? 4.214   -18.193 -5.123  1.00 25.88 ? 9   ALA A CA  1 
ATOM   66   C C   . ALA A 1 9   ? 5.568   -17.535 -5.382  1.00 29.67 ? 9   ALA A C   1 
ATOM   67   O O   . ALA A 1 9   ? 5.951   -17.266 -6.523  1.00 32.46 ? 9   ALA A O   1 
ATOM   68   C CB  . ALA A 1 9   ? 3.385   -18.260 -6.406  1.00 29.19 ? 9   ALA A CB  1 
ATOM   69   N N   . GLY A 1 10  ? 6.300   -17.268 -4.302  1.00 26.05 ? 10  GLY A N   1 
ATOM   70   C CA  . GLY A 1 10  ? 7.667   -16.802 -4.418  1.00 29.65 ? 10  GLY A CA  1 
ATOM   71   C C   . GLY A 1 10  ? 7.843   -15.301 -4.455  1.00 29.90 ? 10  GLY A C   1 
ATOM   72   O O   . GLY A 1 10  ? 8.972   -14.817 -4.271  1.00 28.37 ? 10  GLY A O   1 
ATOM   73   N N   . TYR A 1 11  ? 6.770   -14.554 -4.695  1.00 29.60 ? 11  TYR A N   1 
ATOM   74   C CA  . TYR A 1 11  ? 6.821   -13.100 -4.772  1.00 28.99 ? 11  TYR A CA  1 
ATOM   75   C C   . TYR A 1 11  ? 6.427   -12.516 -3.422  1.00 31.40 ? 11  TYR A C   1 
ATOM   76   O O   . TYR A 1 11  ? 5.430   -12.937 -2.829  1.00 29.17 ? 11  TYR A O   1 
ATOM   77   C CB  . TYR A 1 11  ? 5.890   -12.596 -5.877  1.00 30.99 ? 11  TYR A CB  1 
ATOM   78   C CG  . TYR A 1 11  ? 5.869   -11.095 -6.024  1.00 33.45 ? 11  TYR A CG  1 
ATOM   79   C CD1 . TYR A 1 11  ? 7.051   -10.374 -6.126  1.00 36.69 ? 11  TYR A CD1 1 
ATOM   80   C CD2 . TYR A 1 11  ? 4.668   -10.397 -6.059  1.00 34.45 ? 11  TYR A CD2 1 
ATOM   81   C CE1 . TYR A 1 11  ? 7.040   -8.989  -6.261  1.00 36.53 ? 11  TYR A CE1 1 
ATOM   82   C CE2 . TYR A 1 11  ? 4.645   -9.014  -6.195  1.00 35.18 ? 11  TYR A CE2 1 
ATOM   83   C CZ  . TYR A 1 11  ? 5.837   -8.318  -6.292  1.00 36.27 ? 11  TYR A CZ  1 
ATOM   84   O OH  . TYR A 1 11  ? 5.832   -6.947  -6.416  1.00 35.01 ? 11  TYR A OH  1 
ATOM   85   N N   . GLN A 1 12  ? 7.210   -11.555 -2.935  1.00 29.25 ? 12  GLN A N   1 
ATOM   86   C CA  . GLN A 1 12  ? 7.011   -10.993 -1.607  1.00 28.67 ? 12  GLN A CA  1 
ATOM   87   C C   . GLN A 1 12  ? 6.702   -9.504  -1.693  1.00 28.82 ? 12  GLN A C   1 
ATOM   88   O O   . GLN A 1 12  ? 7.323   -8.776  -2.475  1.00 29.80 ? 12  GLN A O   1 
ATOM   89   C CB  . GLN A 1 12  ? 8.241   -11.208 -0.741  1.00 28.65 ? 12  GLN A CB  1 
ATOM   90   C CG  . GLN A 1 12  ? 8.027   -10.854 0.719   1.00 28.45 ? 12  GLN A CG  1 
ATOM   91   C CD  . GLN A 1 12  ? 9.325   -10.732 1.469   1.00 39.11 ? 12  GLN A CD  1 
ATOM   92   O OE1 . GLN A 1 12  ? 9.967   -9.682  1.436   1.00 39.59 ? 12  GLN A OE1 1 
ATOM   93   N NE2 . GLN A 1 12  ? 9.730   -11.810 2.146   1.00 37.81 ? 12  GLN A NE2 1 
ATOM   94   N N   . MET A 1 13  ? 5.735   -9.064  -0.892  1.00 27.24 ? 13  MET A N   1 
ATOM   95   C CA  . MET A 1 13  ? 5.470   -7.650  -0.668  1.00 22.62 ? 13  MET A CA  1 
ATOM   96   C C   . MET A 1 13  ? 5.576   -7.363  0.818   1.00 26.51 ? 13  MET A C   1 
ATOM   97   O O   . MET A 1 13  ? 5.435   -8.256  1.663   1.00 24.42 ? 13  MET A O   1 
ATOM   98   C CB  . MET A 1 13  ? 4.088   -7.229  -1.193  1.00 24.79 ? 13  MET A CB  1 
ATOM   99   C CG  . MET A 1 13  ? 4.011   -7.171  -2.709  1.00 22.73 ? 13  MET A CG  1 
ATOM   100  S SD  . MET A 1 13  ? 2.333   -6.917  -3.310  1.00 24.68 ? 13  MET A SD  1 
ATOM   101  C CE  . MET A 1 13  ? 2.021   -5.246  -2.716  1.00 21.25 ? 13  MET A CE  1 
ATOM   102  N N   . GLN A 1 14  ? 5.830   -6.093  1.126   1.00 25.79 ? 14  GLN A N   1 
ATOM   103  C CA  . GLN A 1 14  ? 6.052   -5.648  2.490   1.00 27.47 ? 14  GLN A CA  1 
ATOM   104  C C   . GLN A 1 14  ? 5.291   -4.348  2.711   1.00 25.63 ? 14  GLN A C   1 
ATOM   105  O O   . GLN A 1 14  ? 5.102   -3.555  1.779   1.00 22.20 ? 14  GLN A O   1 
ATOM   106  C CB  . GLN A 1 14  ? 7.554   -5.466  2.752   1.00 29.24 ? 14  GLN A CB  1 
ATOM   107  C CG  . GLN A 1 14  ? 7.910   -4.690  4.007   1.00 38.70 ? 14  GLN A CG  1 
ATOM   108  C CD  . GLN A 1 14  ? 9.405   -4.440  4.128   1.00 44.11 ? 14  GLN A CD  1 
ATOM   109  O OE1 . GLN A 1 14  ? 9.866   -3.297  4.030   1.00 48.13 ? 14  GLN A OE1 1 
ATOM   110  N NE2 . GLN A 1 14  ? 10.172  -5.512  4.336   1.00 43.21 ? 14  GLN A NE2 1 
ATOM   111  N N   . ALA A 1 15  ? 4.828   -4.155  3.945   1.00 23.77 ? 15  ALA A N   1 
ATOM   112  C CA  . ALA A 1 15  ? 4.187   -2.911  4.361   1.00 22.92 ? 15  ALA A CA  1 
ATOM   113  C C   . ALA A 1 15  ? 4.832   -2.458  5.660   1.00 28.48 ? 15  ALA A C   1 
ATOM   114  O O   . ALA A 1 15  ? 4.907   -3.234  6.616   1.00 28.87 ? 15  ALA A O   1 
ATOM   115  C CB  . ALA A 1 15  ? 2.678   -3.090  4.549   1.00 23.52 ? 15  ALA A CB  1 
ATOM   116  N N   . ILE A 1 16  ? 5.305   -1.217  5.691   1.00 25.58 ? 16  ILE A N   1 
ATOM   117  C CA  . ILE A 1 16  ? 5.811   -0.600  6.912   1.00 23.82 ? 16  ILE A CA  1 
ATOM   118  C C   . ILE A 1 16  ? 4.790   0.429   7.356   1.00 29.67 ? 16  ILE A C   1 
ATOM   119  O O   . ILE A 1 16  ? 4.485   1.371   6.611   1.00 25.47 ? 16  ILE A O   1 
ATOM   120  C CB  . ILE A 1 16  ? 7.185   0.050   6.711   1.00 28.07 ? 16  ILE A CB  1 
ATOM   121  C CG1 . ILE A 1 16  ? 8.167   -0.951  6.110   1.00 33.89 ? 16  ILE A CG1 1 
ATOM   122  C CG2 . ILE A 1 16  ? 7.700   0.597   8.043   1.00 33.53 ? 16  ILE A CG2 1 
ATOM   123  C CD1 . ILE A 1 16  ? 9.330   -0.287  5.393   1.00 39.45 ? 16  ILE A CD1 1 
ATOM   124  N N   . LEU A 1 17  ? 4.261   0.249   8.564   1.00 25.75 ? 17  LEU A N   1 
ATOM   125  C CA  . LEU A 1 17  ? 3.239   1.121   9.123   1.00 26.30 ? 17  LEU A CA  1 
ATOM   126  C C   . LEU A 1 17  ? 3.849   1.999   10.206  1.00 31.74 ? 17  LEU A C   1 
ATOM   127  O O   . LEU A 1 17  ? 4.621   1.522   11.041  1.00 28.27 ? 17  LEU A O   1 
ATOM   128  C CB  . LEU A 1 17  ? 2.084   0.303   9.698   1.00 27.61 ? 17  LEU A CB  1 
ATOM   129  C CG  . LEU A 1 17  ? 1.034   1.056   10.501  1.00 33.31 ? 17  LEU A CG  1 
ATOM   130  C CD1 . LEU A 1 17  ? -0.355  0.681   10.023  1.00 35.85 ? 17  LEU A CD1 1 
ATOM   131  C CD2 . LEU A 1 17  ? 1.197   0.738   11.964  1.00 35.11 ? 17  LEU A CD2 1 
ATOM   132  N N   . GLN A 1 18  ? 3.512   3.284   10.179  1.00 27.76 ? 18  GLN A N   1 
ATOM   133  C CA  . GLN A 1 18  ? 3.945   4.227   11.202  1.00 29.66 ? 18  GLN A CA  1 
ATOM   134  C C   . GLN A 1 18  ? 2.725   4.960   11.729  1.00 28.72 ? 18  GLN A C   1 
ATOM   135  O O   . GLN A 1 18  ? 1.945   5.505   10.942  1.00 26.83 ? 18  GLN A O   1 
ATOM   136  C CB  . GLN A 1 18  ? 4.935   5.242   10.647  1.00 30.41 ? 18  GLN A CB  1 
ATOM   137  C CG  . GLN A 1 18  ? 6.360   4.777   10.582  1.00 40.72 ? 18  GLN A CG  1 
ATOM   138  C CD  . GLN A 1 18  ? 7.167   5.673   9.689   1.00 44.03 ? 18  GLN A CD  1 
ATOM   139  O OE1 . GLN A 1 18  ? 7.790   6.638   10.146  1.00 48.39 ? 18  GLN A OE1 1 
ATOM   140  N NE2 . GLN A 1 18  ? 7.125   5.393   8.393   1.00 41.31 ? 18  GLN A NE2 1 
ATOM   141  N N   . VAL A 1 19  ? 2.568   4.971   13.048  1.00 28.34 ? 19  VAL A N   1 
ATOM   142  C CA  . VAL A 1 19  ? 1.513   5.732   13.709  1.00 28.58 ? 19  VAL A CA  1 
ATOM   143  C C   . VAL A 1 19  ? 2.085   7.091   14.088  1.00 29.11 ? 19  VAL A C   1 
ATOM   144  O O   . VAL A 1 19  ? 3.052   7.169   14.851  1.00 26.58 ? 19  VAL A O   1 
ATOM   145  C CB  . VAL A 1 19  ? 0.986   4.991   14.946  1.00 32.39 ? 19  VAL A CB  1 
ATOM   146  C CG1 . VAL A 1 19  ? -0.210  5.727   15.535  1.00 29.02 ? 19  VAL A CG1 1 
ATOM   147  C CG2 . VAL A 1 19  ? 0.627   3.564   14.597  1.00 31.82 ? 19  VAL A CG2 1 
ATOM   148  N N   . ILE A 1 20  ? 1.493   8.156   13.547  1.00 26.06 ? 20  ILE A N   1 
ATOM   149  C CA  . ILE A 1 20  ? 1.941   9.526   13.784  1.00 24.78 ? 20  ILE A CA  1 
ATOM   150  C C   . ILE A 1 20  ? 0.782   10.221  14.492  1.00 25.22 ? 20  ILE A C   1 
ATOM   151  O O   . ILE A 1 20  ? -0.093  10.803  13.850  1.00 25.04 ? 20  ILE A O   1 
ATOM   152  C CB  . ILE A 1 20  ? 2.329   10.240  12.485  1.00 25.14 ? 20  ILE A CB  1 
ATOM   153  C CG1 . ILE A 1 20  ? 3.338   9.388   11.693  1.00 25.96 ? 20  ILE A CG1 1 
ATOM   154  C CG2 . ILE A 1 20  ? 2.897   11.625  12.762  1.00 24.20 ? 20  ILE A CG2 1 
ATOM   155  C CD1 . ILE A 1 20  ? 4.738   9.391   12.277  1.00 27.69 ? 20  ILE A CD1 1 
ATOM   156  N N   . GLY A 1 21  ? 0.758   10.138  15.824  1.00 25.30 ? 21  GLY A N   1 
ATOM   157  C CA  . GLY A 1 21  ? -0.393  10.651  16.553  1.00 27.74 ? 21  GLY A CA  1 
ATOM   158  C C   . GLY A 1 21  ? -1.595  9.751   16.329  1.00 29.25 ? 21  GLY A C   1 
ATOM   159  O O   . GLY A 1 21  ? -1.538  8.539   16.562  1.00 30.85 ? 21  GLY A O   1 
ATOM   160  N N   . TYR A 1 22  ? -2.704  10.346  15.887  1.00 23.99 ? 22  TYR A N   1 
ATOM   161  C CA  . TYR A 1 22  ? -3.888  9.610   15.453  1.00 29.15 ? 22  TYR A CA  1 
ATOM   162  C C   . TYR A 1 22  ? -3.823  9.211   13.986  1.00 25.89 ? 22  TYR A C   1 
ATOM   163  O O   . TYR A 1 22  ? -4.730  8.528   13.508  1.00 26.66 ? 22  TYR A O   1 
ATOM   164  C CB  . TYR A 1 22  ? -5.164  10.444  15.656  1.00 30.97 ? 22  TYR A CB  1 
ATOM   165  C CG  . TYR A 1 22  ? -5.464  10.803  17.084  1.00 41.65 ? 22  TYR A CG  1 
ATOM   166  C CD1 . TYR A 1 22  ? -6.207  9.952   17.892  1.00 42.23 ? 22  TYR A CD1 1 
ATOM   167  C CD2 . TYR A 1 22  ? -5.021  12.003  17.623  1.00 44.59 ? 22  TYR A CD2 1 
ATOM   168  C CE1 . TYR A 1 22  ? -6.491  10.280  19.206  1.00 48.72 ? 22  TYR A CE1 1 
ATOM   169  C CE2 . TYR A 1 22  ? -5.296  12.341  18.937  1.00 48.81 ? 22  TYR A CE2 1 
ATOM   170  C CZ  . TYR A 1 22  ? -6.031  11.476  19.722  1.00 52.25 ? 22  TYR A CZ  1 
ATOM   171  O OH  . TYR A 1 22  ? -6.307  11.817  21.026  1.00 58.98 ? 22  TYR A OH  1 
ATOM   172  N N   . ASP A 1 23  ? -2.781  9.621   13.271  1.00 24.57 ? 23  ASP A N   1 
ATOM   173  C CA  . ASP A 1 23  ? -2.710  9.508   11.823  1.00 22.06 ? 23  ASP A CA  1 
ATOM   174  C C   . ASP A 1 23  ? -1.740  8.402   11.424  1.00 23.81 ? 23  ASP A C   1 
ATOM   175  O O   . ASP A 1 23  ? -0.824  8.058   12.174  1.00 27.05 ? 23  ASP A O   1 
ATOM   176  C CB  . ASP A 1 23  ? -2.285  10.846  11.218  1.00 22.51 ? 23  ASP A CB  1 
ATOM   177  C CG  . ASP A 1 23  ? -3.161  11.977  11.690  1.00 21.74 ? 23  ASP A CG  1 
ATOM   178  O OD1 . ASP A 1 23  ? -4.396  11.784  11.681  1.00 22.99 ? 23  ASP A OD1 1 
ATOM   179  O OD2 . ASP A 1 23  ? -2.629  13.038  12.090  1.00 21.04 ? 23  ASP A OD2 1 
ATOM   180  N N   . LEU A 1 24  ? -1.962  7.842   10.235  1.00 25.34 ? 24  LEU A N   1 
ATOM   181  C CA  . LEU A 1 24  ? -1.231  6.674   9.761   1.00 22.11 ? 24  LEU A CA  1 
ATOM   182  C C   . LEU A 1 24  ? -0.408  7.003   8.522   1.00 23.23 ? 24  LEU A C   1 
ATOM   183  O O   . LEU A 1 24  ? -0.824  7.793   7.669   1.00 21.83 ? 24  LEU A O   1 
ATOM   184  C CB  . LEU A 1 24  ? -2.171  5.526   9.412   1.00 25.39 ? 24  LEU A CB  1 
ATOM   185  C CG  . LEU A 1 24  ? -2.917  4.858   10.554  1.00 27.81 ? 24  LEU A CG  1 
ATOM   186  C CD1 . LEU A 1 24  ? -3.586  3.602   10.015  1.00 28.27 ? 24  LEU A CD1 1 
ATOM   187  C CD2 . LEU A 1 24  ? -1.977  4.532   11.721  1.00 29.02 ? 24  LEU A CD2 1 
ATOM   188  N N   . LEU A 1 25  ? 0.740   6.331   8.409   1.00 21.12 ? 25  LEU A N   1 
ATOM   189  C CA  . LEU A 1 25  ? 1.598   6.409   7.230   1.00 21.15 ? 25  LEU A CA  1 
ATOM   190  C C   . LEU A 1 25  ? 2.080   5.001   6.923   1.00 21.59 ? 25  LEU A C   1 
ATOM   191  O O   . LEU A 1 25  ? 2.700   4.365   7.779   1.00 24.69 ? 25  LEU A O   1 
ATOM   192  C CB  . LEU A 1 25  ? 2.784   7.345   7.469   1.00 20.53 ? 25  LEU A CB  1 
ATOM   193  C CG  . LEU A 1 25  ? 3.822   7.488   6.362   1.00 22.49 ? 25  LEU A CG  1 
ATOM   194  C CD1 . LEU A 1 25  ? 3.217   8.060   5.078   1.00 22.01 ? 25  LEU A CD1 1 
ATOM   195  C CD2 . LEU A 1 25  ? 4.935   8.383   6.856   1.00 21.53 ? 25  LEU A CD2 1 
ATOM   196  N N   . ILE A 1 26  ? 1.768   4.508   5.725   1.00 19.58 ? 26  ILE A N   1 
ATOM   197  C CA  . ILE A 1 26  ? 2.055   3.133   5.324   1.00 18.77 ? 26  ILE A CA  1 
ATOM   198  C C   . ILE A 1 26  ? 2.821   3.156   4.011   1.00 21.99 ? 26  ILE A C   1 
ATOM   199  O O   . ILE A 1 26  ? 2.381   3.796   3.052   1.00 21.97 ? 26  ILE A O   1 
ATOM   200  C CB  . ILE A 1 26  ? 0.764   2.311   5.146   1.00 19.72 ? 26  ILE A CB  1 
ATOM   201  C CG1 . ILE A 1 26  ? -0.077  2.353   6.424   1.00 21.83 ? 26  ILE A CG1 1 
ATOM   202  C CG2 . ILE A 1 26  ? 1.106   0.870   4.745   1.00 22.51 ? 26  ILE A CG2 1 
ATOM   203  C CD1 . ILE A 1 26  ? -1.481  1.794   6.230   1.00 21.23 ? 26  ILE A CD1 1 
ATOM   204  N N   . VAL A 1 27  ? 3.946   2.438   3.968   1.00 22.56 ? 27  VAL A N   1 
ATOM   205  C CA  . VAL A 1 27  ? 4.778   2.268   2.778   1.00 19.60 ? 27  VAL A CA  1 
ATOM   206  C C   . VAL A 1 27  ? 4.602   0.833   2.300   1.00 23.29 ? 27  VAL A C   1 
ATOM   207  O O   . VAL A 1 27  ? 4.897   -0.104  3.051   1.00 24.29 ? 27  VAL A O   1 
ATOM   208  C CB  . VAL A 1 27  ? 6.257   2.550   3.092   1.00 23.02 ? 27  VAL A CB  1 
ATOM   209  C CG1 . VAL A 1 27  ? 7.153   2.167   1.924   1.00 23.18 ? 27  VAL A CG1 1 
ATOM   210  C CG2 . VAL A 1 27  ? 6.443   4.006   3.470   1.00 24.98 ? 27  VAL A CG2 1 
ATOM   211  N N   . VAL A 1 28  ? 4.103   0.642   1.074   1.00 19.71 ? 28  VAL A N   1 
ATOM   212  C CA  . VAL A 1 28  ? 3.908   -0.701  0.521   1.00 20.19 ? 28  VAL A CA  1 
ATOM   213  C C   . VAL A 1 28  ? 4.903   -0.903  -0.614  1.00 23.64 ? 28  VAL A C   1 
ATOM   214  O O   . VAL A 1 28  ? 4.912   -0.137  -1.585  1.00 23.15 ? 28  VAL A O   1 
ATOM   215  C CB  . VAL A 1 28  ? 2.475   -0.911  0.011   1.00 21.71 ? 28  VAL A CB  1 
ATOM   216  C CG1 . VAL A 1 28  ? 2.285   -2.376  -0.387  1.00 23.92 ? 28  VAL A CG1 1 
ATOM   217  C CG2 . VAL A 1 28  ? 1.466   -0.489  1.053   1.00 22.24 ? 28  VAL A CG2 1 
ATOM   218  N N   . THR A 1 29  ? 5.733   -1.943  -0.509  1.00 22.85 ? 29  THR A N   1 
ATOM   219  C CA  . THR A 1 29  ? 6.741   -2.221  -1.524  1.00 24.14 ? 29  THR A CA  1 
ATOM   220  C C   . THR A 1 29  ? 6.728   -3.712  -1.828  1.00 27.45 ? 29  THR A C   1 
ATOM   221  O O   . THR A 1 29  ? 5.973   -4.483  -1.229  1.00 25.64 ? 29  THR A O   1 
ATOM   222  C CB  . THR A 1 29  ? 8.146   -1.807  -1.081  1.00 27.03 ? 29  THR A CB  1 
ATOM   223  O OG1 . THR A 1 29  ? 8.463   -2.462  0.152   1.00 29.96 ? 29  THR A OG1 1 
ATOM   224  C CG2 . THR A 1 29  ? 8.245   -0.302  -0.892  1.00 26.71 ? 29  THR A CG2 1 
ATOM   225  N N   . GLY A 1 30  ? 7.589   -4.123  -2.752  1.00 26.63 ? 30  GLY A N   1 
ATOM   226  C CA  . GLY A 1 30  ? 7.595   -5.515  -3.163  1.00 31.07 ? 30  GLY A CA  1 
ATOM   227  C C   . GLY A 1 30  ? 8.900   -5.892  -3.826  1.00 34.38 ? 30  GLY A C   1 
ATOM   228  O O   . GLY A 1 30  ? 9.708   -5.038  -4.195  1.00 36.40 ? 30  GLY A O   1 
ATOM   229  N N   . GLY A 1 31  ? 9.093   -7.201  -3.979  1.00 34.96 ? 31  GLY A N   1 
ATOM   230  C CA  . GLY A 1 31  ? 10.323  -7.666  -4.586  1.00 35.99 ? 31  GLY A CA  1 
ATOM   231  C C   . GLY A 1 31  ? 11.546  -7.210  -3.812  1.00 36.49 ? 31  GLY A C   1 
ATOM   232  O O   . GLY A 1 31  ? 11.530  -7.050  -2.584  1.00 35.38 ? 31  GLY A O   1 
ATOM   233  N N   . THR A 1 32  ? 12.629  -6.977  -4.551  1.00 38.03 ? 32  THR A N   1 
ATOM   234  C CA  . THR A 1 32  ? 13.922  -6.683  -3.948  1.00 39.34 ? 32  THR A CA  1 
ATOM   235  C C   . THR A 1 32  ? 14.341  -5.221  -4.079  1.00 42.65 ? 32  THR A C   1 
ATOM   236  O O   . THR A 1 32  ? 15.427  -4.858  -3.607  1.00 43.52 ? 32  THR A O   1 
ATOM   237  C CB  . THR A 1 32  ? 14.995  -7.597  -4.557  1.00 41.87 ? 32  THR A CB  1 
ATOM   238  O OG1 . THR A 1 32  ? 15.375  -7.119  -5.855  1.00 46.73 ? 32  THR A OG1 1 
ATOM   239  C CG2 . THR A 1 32  ? 14.452  -9.015  -4.691  1.00 40.28 ? 32  THR A CG2 1 
ATOM   240  N N   . ASN A 1 33  ? 13.508  -4.366  -4.673  1.00 38.48 ? 33  ASN A N   1 
ATOM   241  C CA  . ASN A 1 33  ? 13.865  -2.972  -4.937  1.00 34.32 ? 33  ASN A CA  1 
ATOM   242  C C   . ASN A 1 33  ? 12.788  -2.041  -4.412  1.00 32.95 ? 33  ASN A C   1 
ATOM   243  O O   . ASN A 1 33  ? 11.818  -1.733  -5.119  1.00 30.05 ? 33  ASN A O   1 
ATOM   244  C CB  . ASN A 1 33  ? 14.081  -2.745  -6.424  1.00 37.59 ? 33  ASN A CB  1 
ATOM   245  C CG  . ASN A 1 33  ? 14.876  -3.846  -7.044  1.00 41.15 ? 33  ASN A CG  1 
ATOM   246  O OD1 . ASN A 1 33  ? 16.100  -3.894  -6.904  1.00 38.75 ? 33  ASN A OD1 1 
ATOM   247  N ND2 . ASN A 1 33  ? 14.187  -4.772  -7.701  1.00 43.60 ? 33  ASN A ND2 1 
ATOM   248  N N   . PRO A 1 34  ? 12.933  -1.549  -3.186  1.00 30.50 ? 34  PRO A N   1 
ATOM   249  C CA  . PRO A 1 34  ? 11.919  -0.651  -2.629  1.00 28.79 ? 34  PRO A CA  1 
ATOM   250  C C   . PRO A 1 34  ? 11.818  0.629   -3.446  1.00 27.93 ? 34  PRO A C   1 
ATOM   251  O O   . PRO A 1 34  ? 12.804  1.110   -4.015  1.00 25.53 ? 34  PRO A O   1 
ATOM   252  C CB  . PRO A 1 34  ? 12.424  -0.373  -1.209  1.00 30.23 ? 34  PRO A CB  1 
ATOM   253  C CG  . PRO A 1 34  ? 13.453  -1.434  -0.947  1.00 36.26 ? 34  PRO A CG  1 
ATOM   254  C CD  . PRO A 1 34  ? 14.057  -1.759  -2.261  1.00 33.33 ? 34  PRO A CD  1 
ATOM   255  N N   . HIS A 1 35  ? 10.603  1.169   -3.509  1.00 25.08 ? 35  HIS A N   1 
ATOM   256  C CA  . HIS A 1 35  ? 10.340  2.370   -4.296  1.00 22.50 ? 35  HIS A CA  1 
ATOM   257  C C   . HIS A 1 35  ? 9.007   2.959   -3.861  1.00 22.44 ? 35  HIS A C   1 
ATOM   258  O O   . HIS A 1 35  ? 8.165   2.271   -3.278  1.00 21.26 ? 35  HIS A O   1 
ATOM   259  C CB  . HIS A 1 35  ? 10.320  2.070   -5.796  1.00 22.47 ? 35  HIS A CB  1 
ATOM   260  N N   . ILE A 1 36  ? 8.831   4.248   -4.165  1.00 18.84 ? 36  ILE A N   1 
ATOM   261  C CA  . ILE A 1 36  ? 7.554   4.945   -4.028  1.00 20.48 ? 36  ILE A CA  1 
ATOM   262  C C   . ILE A 1 36  ? 7.176   5.473   -5.407  1.00 21.00 ? 36  ILE A C   1 
ATOM   263  O O   . ILE A 1 36  ? 7.804   6.415   -5.902  1.00 23.02 ? 36  ILE A O   1 
ATOM   264  C CB  . ILE A 1 36  ? 7.628   6.102   -3.022  1.00 18.14 ? 36  ILE A CB  1 
ATOM   265  C CG1 . ILE A 1 36  ? 7.910   5.579   -1.613  1.00 18.37 ? 36  ILE A CG1 1 
ATOM   266  C CG2 . ILE A 1 36  ? 6.317   6.902   -3.048  1.00 17.88 ? 36  ILE A CG2 1 
ATOM   267  C CD1 . ILE A 1 36  ? 8.228   6.698   -0.603  1.00 20.62 ? 36  ILE A CD1 1 
ATOM   268  N N   . GLY A 1 37  ? 6.147   4.888   -6.018  1.00 22.73 ? 37  GLY A N   1 
ATOM   269  C CA  . GLY A 1 37  ? 5.693   5.336   -7.323  1.00 19.96 ? 37  GLY A CA  1 
ATOM   270  C C   . GLY A 1 37  ? 4.391   6.117   -7.284  1.00 20.86 ? 37  GLY A C   1 
ATOM   271  O O   . GLY A 1 37  ? 4.054   6.830   -8.236  1.00 21.90 ? 37  GLY A O   1 
ATOM   272  N N   . ASP A 1 38  ? 3.648   5.992   -6.186  1.00 18.96 ? 38  ASP A N   1 
ATOM   273  C CA  . ASP A 1 38  ? 2.317   6.568   -6.059  1.00 18.36 ? 38  ASP A CA  1 
ATOM   274  C C   . ASP A 1 38  ? 2.009   6.767   -4.585  1.00 19.22 ? 38  ASP A C   1 
ATOM   275  O O   . ASP A 1 38  ? 2.553   6.063   -3.732  1.00 19.56 ? 38  ASP A O   1 
ATOM   276  C CB  . ASP A 1 38  ? 1.251   5.667   -6.692  1.00 19.86 ? 38  ASP A CB  1 
ATOM   277  C CG  . ASP A 1 38  ? 1.531   5.373   -8.142  1.00 21.59 ? 38  ASP A CG  1 
ATOM   278  O OD1 . ASP A 1 38  ? 2.286   4.406   -8.420  1.00 19.72 ? 38  ASP A OD1 1 
ATOM   279  O OD2 . ASP A 1 38  ? 1.029   6.123   -9.002  1.00 24.14 ? 38  ASP A OD2 1 
ATOM   280  N N   . VAL A 1 39  ? 1.135   7.732   -4.297  1.00 18.72 ? 39  VAL A N   1 
ATOM   281  C CA  . VAL A 1 39  ? 0.714   8.040   -2.932  1.00 19.84 ? 39  VAL A CA  1 
ATOM   282  C C   . VAL A 1 39  ? -0.795  8.214   -2.926  1.00 20.15 ? 39  VAL A C   1 
ATOM   283  O O   . VAL A 1 39  ? -1.336  8.988   -3.722  1.00 22.37 ? 39  VAL A O   1 
ATOM   284  C CB  . VAL A 1 39  ? 1.368   9.317   -2.376  1.00 21.47 ? 39  VAL A CB  1 
ATOM   285  C CG1 . VAL A 1 39  ? 0.962   9.509   -0.915  1.00 19.00 ? 39  VAL A CG1 1 
ATOM   286  C CG2 . VAL A 1 39  ? 2.875   9.260   -2.506  1.00 19.59 ? 39  VAL A CG2 1 
ATOM   287  N N   . THR A 1 40  ? -1.470  7.525   -2.015  1.00 19.82 ? 40  THR A N   1 
ATOM   288  C CA  . THR A 1 40  ? -2.913  7.658   -1.859  1.00 19.04 ? 40  THR A CA  1 
ATOM   289  C C   . THR A 1 40  ? -3.212  8.143   -0.447  1.00 20.04 ? 40  THR A C   1 
ATOM   290  O O   . THR A 1 40  ? -2.647  7.621   0.522   1.00 19.82 ? 40  THR A O   1 
ATOM   291  C CB  . THR A 1 40  ? -3.604  6.319   -2.132  1.00 17.69 ? 40  THR A CB  1 
ATOM   292  O OG1 . THR A 1 40  ? -3.319  5.913   -3.479  1.00 22.83 ? 40  THR A OG1 1 
ATOM   293  C CG2 . THR A 1 40  ? -5.116  6.452   -1.947  1.00 20.05 ? 40  THR A CG2 1 
ATOM   294  N N   . THR A 1 41  ? -4.087  9.139   -0.331  1.00 20.77 ? 41  THR A N   1 
ATOM   295  C CA  . THR A 1 41  ? -4.462  9.735   0.939   1.00 18.51 ? 41  THR A CA  1 
ATOM   296  C C   . THR A 1 41  ? -5.959  9.577   1.157   1.00 19.77 ? 41  THR A C   1 
ATOM   297  O O   . THR A 1 41  ? -6.744  9.580   0.203   1.00 20.91 ? 41  THR A O   1 
ATOM   298  C CB  . THR A 1 41  ? -4.108  11.218  0.978   1.00 20.64 ? 41  THR A CB  1 
ATOM   299  O OG1 . THR A 1 41  ? -4.627  11.844  -0.204  1.00 22.72 ? 41  THR A OG1 1 
ATOM   300  C CG2 . THR A 1 41  ? -2.595  11.399  1.029   1.00 22.11 ? 41  THR A CG2 1 
ATOM   301  N N   . LEU A 1 42  ? -6.352  9.431   2.420   1.00 19.26 ? 42  LEU A N   1 
ATOM   302  C CA  . LEU A 1 42  ? -7.760  9.235   2.732   1.00 19.81 ? 42  LEU A CA  1 
ATOM   303  C C   . LEU A 1 42  ? -7.979  9.504   4.210   1.00 19.36 ? 42  LEU A C   1 
ATOM   304  O O   . LEU A 1 42  ? -7.034  9.600   4.994   1.00 22.74 ? 42  LEU A O   1 
ATOM   305  C CB  . LEU A 1 42  ? -8.217  7.812   2.384   1.00 21.36 ? 42  LEU A CB  1 
ATOM   306  C CG  . LEU A 1 42  ? -7.751  6.714   3.341   1.00 19.31 ? 42  LEU A CG  1 
ATOM   307  C CD1 . LEU A 1 42  ? -8.707  5.526   3.310   1.00 20.61 ? 42  LEU A CD1 1 
ATOM   308  C CD2 . LEU A 1 42  ? -6.340  6.250   2.998   1.00 21.30 ? 42  LEU A CD2 1 
ATOM   309  N N   . THR A 1 43  ? -9.252  9.636   4.572   1.00 21.36 ? 43  THR A N   1 
ATOM   310  C CA  . THR A 1 43  ? -9.719  9.570   5.947   1.00 22.26 ? 43  THR A CA  1 
ATOM   311  C C   . THR A 1 43  ? -10.848 8.550   6.005   1.00 24.40 ? 43  THR A C   1 
ATOM   312  O O   . THR A 1 43  ? -11.276 8.005   4.982   1.00 20.51 ? 43  THR A O   1 
ATOM   313  C CB  . THR A 1 43  ? -10.210 10.927  6.464   1.00 23.26 ? 43  THR A CB  1 
ATOM   314  O OG1 . THR A 1 43  ? -11.481 11.220  5.863   1.00 20.96 ? 43  THR A OG1 1 
ATOM   315  C CG2 . THR A 1 43  ? -9.209  12.038  6.123   1.00 22.94 ? 43  THR A CG2 1 
ATOM   316  N N   . ALA A 1 44  ? -11.347 8.290   7.209   1.00 23.90 ? 44  ALA A N   1 
ATOM   317  C CA  . ALA A 1 44  ? -12.426 7.318   7.328   1.00 27.53 ? 44  ALA A CA  1 
ATOM   318  C C   . ALA A 1 44  ? -13.639 7.713   6.495   1.00 28.18 ? 44  ALA A C   1 
ATOM   319  O O   . ALA A 1 44  ? -14.394 6.839   6.061   1.00 26.06 ? 44  ALA A O   1 
ATOM   320  C CB  . ALA A 1 44  ? -12.822 7.134   8.792   1.00 24.99 ? 44  ALA A CB  1 
ATOM   321  N N   . SER A 1 45  ? -13.820 9.009   6.213   1.00 24.24 ? 45  SER A N   1 
ATOM   322  C CA  . SER A 1 45  ? -15.073 9.488   5.625   1.00 28.57 ? 45  SER A CA  1 
ATOM   323  C C   . SER A 1 45  ? -14.906 10.176  4.272   1.00 28.63 ? 45  SER A C   1 
ATOM   324  O O   . SER A 1 45  ? -15.892 10.687  3.721   1.00 30.33 ? 45  SER A O   1 
ATOM   325  C CB  . SER A 1 45  ? -15.775 10.440  6.601   1.00 31.76 ? 45  SER A CB  1 
ATOM   326  O OG  . SER A 1 45  ? -15.008 11.616  6.799   1.00 31.67 ? 45  SER A OG  1 
ATOM   327  N N   . THR A 1 46  ? -13.704 10.211  3.712   1.00 23.73 ? 46  THR A N   1 
ATOM   328  C CA  . THR A 1 46  ? -13.507 10.806  2.399   1.00 28.96 ? 46  THR A CA  1 
ATOM   329  C C   . THR A 1 46  ? -12.910 9.782   1.443   1.00 27.67 ? 46  THR A C   1 
ATOM   330  O O   . THR A 1 46  ? -12.200 8.861   1.856   1.00 25.30 ? 46  THR A O   1 
ATOM   331  C CB  . THR A 1 46  ? -12.617 12.050  2.469   1.00 30.16 ? 46  THR A CB  1 
ATOM   332  O OG1 . THR A 1 46  ? -11.330 11.695  2.990   1.00 24.08 ? 46  THR A OG1 1 
ATOM   333  C CG2 . THR A 1 46  ? -13.258 13.103  3.371   1.00 30.32 ? 46  THR A CG2 1 
ATOM   334  N N   . VAL A 1 47  ? -13.228 9.942   0.162   1.00 25.81 ? 47  VAL A N   1 
ATOM   335  C CA  . VAL A 1 47  ? -12.791 8.986   -0.862  1.00 24.19 ? 47  VAL A CA  1 
ATOM   336  C C   . VAL A 1 47  ? -11.286 9.121   -1.056  1.00 22.06 ? 47  VAL A C   1 
ATOM   337  O O   . VAL A 1 47  ? -10.778 10.257  -1.113  1.00 22.13 ? 47  VAL A O   1 
ATOM   338  C CB  . VAL A 1 47  ? -13.535 9.236   -2.175  1.00 24.12 ? 47  VAL A CB  1 
ATOM   339  C CG1 . VAL A 1 47  ? -13.000 8.328   -3.273  1.00 24.74 ? 47  VAL A CG1 1 
ATOM   340  C CG2 . VAL A 1 47  ? -15.039 9.026   -1.977  1.00 25.47 ? 47  VAL A CG2 1 
ATOM   341  N N   . PRO A 1 48  ? -10.539 8.023   -1.143  1.00 24.74 ? 48  PRO A N   1 
ATOM   342  C CA  . PRO A 1 48  ? -9.086  8.157   -1.275  1.00 22.71 ? 48  PRO A CA  1 
ATOM   343  C C   . PRO A 1 48  ? -8.733  8.833   -2.588  1.00 22.77 ? 48  PRO A C   1 
ATOM   344  O O   . PRO A 1 48  ? -9.369  8.601   -3.618  1.00 21.06 ? 48  PRO A O   1 
ATOM   345  C CB  . PRO A 1 48  ? -8.581  6.707   -1.231  1.00 24.41 ? 48  PRO A CB  1 
ATOM   346  C CG  . PRO A 1 48  ? -9.694  5.918   -0.591  1.00 24.57 ? 48  PRO A CG  1 
ATOM   347  C CD  . PRO A 1 48  ? -10.963 6.615   -1.015  1.00 23.95 ? 48  PRO A CD  1 
ATOM   348  N N   . GLU A 1 49  ? -7.712  9.679   -2.543  1.00 20.10 ? 49  GLU A N   1 
ATOM   349  C CA  . GLU A 1 49  ? -7.221  10.388  -3.715  1.00 18.98 ? 49  GLU A CA  1 
ATOM   350  C C   . GLU A 1 49  ? -5.755  10.053  -3.915  1.00 20.35 ? 49  GLU A C   1 
ATOM   351  O O   . GLU A 1 49  ? -5.010  9.913   -2.943  1.00 20.69 ? 49  GLU A O   1 
ATOM   352  C CB  . GLU A 1 49  ? -7.388  11.904  -3.577  1.00 24.31 ? 49  GLU A CB  1 
ATOM   353  C CG  . GLU A 1 49  ? -7.031  12.637  -4.872  1.00 27.03 ? 49  GLU A CG  1 
ATOM   354  C CD  . GLU A 1 49  ? -7.607  14.035  -4.954  1.00 31.65 ? 49  GLU A CD  1 
ATOM   355  O OE1 . GLU A 1 49  ? -7.937  14.613  -3.899  1.00 26.59 ? 49  GLU A OE1 1 
ATOM   356  O OE2 . GLU A 1 49  ? -7.727  14.552  -6.086  1.00 35.08 ? 49  GLU A OE2 1 
ATOM   357  N N   . THR A 1 50  ? -5.343  9.948   -5.174  1.00 20.47 ? 50  THR A N   1 
ATOM   358  C CA  . THR A 1 50  ? -4.012  9.479   -5.525  1.00 19.58 ? 50  THR A CA  1 
ATOM   359  C C   . THR A 1 50  ? -3.246  10.559  -6.281  1.00 21.38 ? 50  THR A C   1 
ATOM   360  O O   . THR A 1 50  ? -3.811  11.249  -7.136  1.00 22.38 ? 50  THR A O   1 
ATOM   361  C CB  . THR A 1 50  ? -4.110  8.225   -6.389  1.00 19.28 ? 50  THR A CB  1 
ATOM   362  O OG1 . THR A 1 50  ? -4.556  7.119   -5.577  1.00 20.29 ? 50  THR A OG1 1 
ATOM   363  C CG2 . THR A 1 50  ? -2.774  7.903   -7.063  1.00 20.47 ? 50  THR A CG2 1 
ATOM   364  N N   . VAL A 1 51  ? -1.956  10.681  -5.970  1.00 19.50 ? 51  VAL A N   1 
ATOM   365  C CA  . VAL A 1 51  ? -0.996  11.377  -6.815  1.00 19.75 ? 51  VAL A CA  1 
ATOM   366  C C   . VAL A 1 51  ? -0.031  10.339  -7.360  1.00 20.19 ? 51  VAL A C   1 
ATOM   367  O O   . VAL A 1 51  ? 0.471   9.494   -6.605  1.00 21.31 ? 51  VAL A O   1 
ATOM   368  C CB  . VAL A 1 51  ? -0.236  12.477  -6.053  1.00 23.19 ? 51  VAL A CB  1 
ATOM   369  C CG1 . VAL A 1 51  ? 0.825   13.088  -6.967  1.00 19.76 ? 51  VAL A CG1 1 
ATOM   370  C CG2 . VAL A 1 51  ? -1.195  13.541  -5.586  1.00 20.94 ? 51  VAL A CG2 1 
ATOM   371  N N   . LYS A 1 52  ? 0.211   10.384  -8.673  1.00 20.66 ? 52  LYS A N   1 
ATOM   372  C CA  . LYS A 1 52  ? 1.163   9.487   -9.310  1.00 20.40 ? 52  LYS A CA  1 
ATOM   373  C C   . LYS A 1 52  ? 2.477   10.202  -9.580  1.00 21.95 ? 52  LYS A C   1 
ATOM   374  O O   . LYS A 1 52  ? 2.492   11.364  -10.002 1.00 19.95 ? 52  LYS A O   1 
ATOM   375  C CB  . LYS A 1 52  ? 0.621   8.948   -10.627 1.00 17.92 ? 52  LYS A CB  1 
ATOM   376  C CG  . LYS A 1 52  ? -0.828  8.542   -10.594 1.00 21.90 ? 52  LYS A CG  1 
ATOM   377  C CD  . LYS A 1 52  ? -1.248  8.208   -12.012 1.00 24.06 ? 52  LYS A CD  1 
ATOM   378  C CE  . LYS A 1 52  ? -2.628  7.645   -12.027 1.00 26.46 ? 52  LYS A CE  1 
ATOM   379  N NZ  . LYS A 1 52  ? -3.567  8.505   -12.779 1.00 34.22 ? 52  LYS A NZ  1 
ATOM   380  N N   . PHE A 1 53  ? 3.573   9.490   -9.366  1.00 19.40 ? 53  PHE A N   1 
ATOM   381  C CA  . PHE A 1 53  ? 4.894   9.989   -9.712  1.00 21.25 ? 53  PHE A CA  1 
ATOM   382  C C   . PHE A 1 53  ? 5.274   9.561   -11.121 1.00 22.59 ? 53  PHE A C   1 
ATOM   383  O O   . PHE A 1 53  ? 4.902   8.471   -11.572 1.00 21.78 ? 53  PHE A O   1 
ATOM   384  C CB  . PHE A 1 53  ? 5.942   9.467   -8.734  1.00 21.44 ? 53  PHE A CB  1 
ATOM   385  C CG  . PHE A 1 53  ? 5.929   10.172  -7.409  1.00 20.45 ? 53  PHE A CG  1 
ATOM   386  C CD1 . PHE A 1 53  ? 6.227   11.527  -7.329  1.00 21.00 ? 53  PHE A CD1 1 
ATOM   387  C CD2 . PHE A 1 53  ? 5.634   9.480   -6.244  1.00 21.40 ? 53  PHE A CD2 1 
ATOM   388  C CE1 . PHE A 1 53  ? 6.221   12.178  -6.108  1.00 20.93 ? 53  PHE A CE1 1 
ATOM   389  C CE2 . PHE A 1 53  ? 5.626   10.117  -5.022  1.00 20.73 ? 53  PHE A CE2 1 
ATOM   390  C CZ  . PHE A 1 53  ? 5.921   11.471  -4.947  1.00 17.49 ? 53  PHE A CZ  1 
ATOM   391  N N   . PRO A 1 54  ? 6.022   10.403  -11.827 1.00 20.59 ? 54  PRO A N   1 
ATOM   392  C CA  . PRO A 1 54  ? 6.460   10.034  -13.177 1.00 23.11 ? 54  PRO A CA  1 
ATOM   393  C C   . PRO A 1 54  ? 7.572   9.001   -13.132 1.00 25.75 ? 54  PRO A C   1 
ATOM   394  O O   . PRO A 1 54  ? 8.443   9.035   -12.259 1.00 26.03 ? 54  PRO A O   1 
ATOM   395  C CB  . PRO A 1 54  ? 6.951   11.359  -13.775 1.00 27.67 ? 54  PRO A CB  1 
ATOM   396  C CG  . PRO A 1 54  ? 7.227   12.240  -12.612 1.00 29.64 ? 54  PRO A CG  1 
ATOM   397  C CD  . PRO A 1 54  ? 6.348   11.795  -11.473 1.00 23.18 ? 54  PRO A CD  1 
ATOM   398  N N   . SER A 1 55  ? 7.533   8.076   -14.084 1.00 23.60 ? 55  SER A N   1 
ATOM   399  C CA  . SER A 1 55  ? 8.635   7.155   -14.284 1.00 27.09 ? 55  SER A CA  1 
ATOM   400  C C   . SER A 1 55  ? 9.662   7.792   -15.218 1.00 28.96 ? 55  SER A C   1 
ATOM   401  O O   . SER A 1 55  ? 9.438   8.861   -15.797 1.00 28.92 ? 55  SER A O   1 
ATOM   402  C CB  . SER A 1 55  ? 8.138   5.831   -14.859 1.00 26.45 ? 55  SER A CB  1 
ATOM   403  O OG  . SER A 1 55  ? 7.749   6.004   -16.211 1.00 26.68 ? 55  SER A OG  1 
ATOM   404  N N   . HIS A 1 56  ? 10.789  7.099   -15.378 1.00 30.07 ? 56  HIS A N   1 
ATOM   405  C CA  . HIS A 1 56  ? 11.889  7.636   -16.170 1.00 33.88 ? 56  HIS A CA  1 
ATOM   406  C C   . HIS A 1 56  ? 11.488  7.905   -17.621 1.00 34.23 ? 56  HIS A C   1 
ATOM   407  O O   . HIS A 1 56  ? 11.957  8.878   -18.223 1.00 35.91 ? 56  HIS A O   1 
ATOM   408  C CB  . HIS A 1 56  ? 13.080  6.682   -16.115 1.00 38.25 ? 56  HIS A CB  1 
ATOM   409  C CG  . HIS A 1 56  ? 14.318  7.238   -16.735 1.00 48.96 ? 56  HIS A CG  1 
ATOM   410  N ND1 . HIS A 1 56  ? 14.591  7.124   -18.082 1.00 52.57 ? 56  HIS A ND1 1 
ATOM   411  C CD2 . HIS A 1 56  ? 15.356  7.920   -16.195 1.00 52.10 ? 56  HIS A CD2 1 
ATOM   412  C CE1 . HIS A 1 56  ? 15.747  7.708   -18.345 1.00 55.95 ? 56  HIS A CE1 1 
ATOM   413  N NE2 . HIS A 1 56  ? 16.232  8.198   -17.216 1.00 60.27 ? 56  HIS A NE2 1 
ATOM   414  N N   . ASP A 1 57  ? 10.641  7.058   -18.212 1.00 29.86 ? 57  ASP A N   1 
ATOM   415  C CA  . ASP A 1 57  ? 10.260  7.259   -19.610 1.00 29.47 ? 57  ASP A CA  1 
ATOM   416  C C   . ASP A 1 57  ? 9.054   8.187   -19.782 1.00 28.49 ? 57  ASP A C   1 
ATOM   417  O O   . ASP A 1 57  ? 8.535   8.305   -20.898 1.00 27.75 ? 57  ASP A O   1 
ATOM   418  C CB  . ASP A 1 57  ? 10.010  5.905   -20.305 1.00 33.26 ? 57  ASP A CB  1 
ATOM   419  C CG  . ASP A 1 57  ? 8.651   5.277   -19.970 1.00 34.16 ? 57  ASP A CG  1 
ATOM   420  O OD1 . ASP A 1 57  ? 7.910   5.784   -19.098 1.00 30.03 ? 57  ASP A OD1 1 
ATOM   421  O OD2 . ASP A 1 57  ? 8.324   4.231   -20.585 1.00 32.56 ? 57  ASP A OD2 1 
ATOM   422  N N   . GLY A 1 58  ? 8.589   8.822   -18.705 1.00 29.10 ? 58  GLY A N   1 
ATOM   423  C CA  . GLY A 1 58  ? 7.512   9.793   -18.758 1.00 24.11 ? 58  GLY A CA  1 
ATOM   424  C C   . GLY A 1 58  ? 6.145   9.263   -18.367 1.00 25.72 ? 58  GLY A C   1 
ATOM   425  O O   . GLY A 1 58  ? 5.283   10.058  -17.979 1.00 24.88 ? 58  GLY A O   1 
ATOM   426  N N   . ARG A 1 59  ? 5.905   7.958   -18.495 1.00 25.10 ? 59  ARG A N   1 
ATOM   427  C CA  . ARG A 1 59  ? 4.647   7.384   -18.020 1.00 26.21 ? 59  ARG A CA  1 
ATOM   428  C C   . ARG A 1 59  ? 4.523   7.553   -16.514 1.00 25.28 ? 59  ARG A C   1 
ATOM   429  O O   . ARG A 1 59  ? 5.488   7.343   -15.772 1.00 24.74 ? 59  ARG A O   1 
ATOM   430  C CB  . ARG A 1 59  ? 4.577   5.887   -18.332 1.00 26.98 ? 59  ARG A CB  1 
ATOM   431  C CG  . ARG A 1 59  ? 4.171   5.502   -19.739 1.00 34.79 ? 59  ARG A CG  1 
ATOM   432  C CD  . ARG A 1 59  ? 3.030   6.345   -20.281 1.00 32.24 ? 59  ARG A CD  1 
ATOM   433  N NE  . ARG A 1 59  ? 1.744   6.006   -19.674 1.00 32.38 ? 59  ARG A NE  1 
ATOM   434  C CZ  . ARG A 1 59  ? 0.999   4.965   -20.042 1.00 35.61 ? 59  ARG A CZ  1 
ATOM   435  N NH1 . ARG A 1 59  ? 1.426   4.151   -21.008 1.00 33.14 ? 59  ARG A NH1 1 
ATOM   436  N NH2 . ARG A 1 59  ? -0.165  4.732   -19.441 1.00 38.89 ? 59  ARG A NH2 1 
ATOM   437  N N   . PHE A 1 60  ? 3.318   7.882   -16.047 1.00 24.31 ? 60  PHE A N   1 
ATOM   438  C CA  . PHE A 1 60  ? 3.080   7.841   -14.607 1.00 21.45 ? 60  PHE A CA  1 
ATOM   439  C C   . PHE A 1 60  ? 3.219   6.407   -14.114 1.00 21.95 ? 60  PHE A C   1 
ATOM   440  O O   . PHE A 1 60  ? 2.830   5.462   -14.801 1.00 23.39 ? 60  PHE A O   1 
ATOM   441  C CB  . PHE A 1 60  ? 1.680   8.350   -14.261 1.00 21.46 ? 60  PHE A CB  1 
ATOM   442  C CG  . PHE A 1 60  ? 1.530   9.841   -14.332 1.00 22.10 ? 60  PHE A CG  1 
ATOM   443  C CD1 . PHE A 1 60  ? 2.386   10.679  -13.636 1.00 20.81 ? 60  PHE A CD1 1 
ATOM   444  C CD2 . PHE A 1 60  ? 0.526   10.402  -15.102 1.00 22.74 ? 60  PHE A CD2 1 
ATOM   445  C CE1 . PHE A 1 60  ? 2.233   12.050  -13.698 1.00 22.66 ? 60  PHE A CE1 1 
ATOM   446  C CE2 . PHE A 1 60  ? 0.370   11.773  -15.168 1.00 23.28 ? 60  PHE A CE2 1 
ATOM   447  C CZ  . PHE A 1 60  ? 1.219   12.595  -14.471 1.00 23.50 ? 60  PHE A CZ  1 
ATOM   448  N N   . HIS A 1 61  ? 3.768   6.245   -12.916 1.00 20.85 ? 61  HIS A N   1 
ATOM   449  C CA  . HIS A 1 61  ? 3.738   4.938   -12.271 1.00 20.39 ? 61  HIS A CA  1 
ATOM   450  C C   . HIS A 1 61  ? 2.297   4.523   -12.006 1.00 24.28 ? 61  HIS A C   1 
ATOM   451  O O   . HIS A 1 61  ? 1.484   5.334   -11.568 1.00 22.55 ? 61  HIS A O   1 
ATOM   452  C CB  . HIS A 1 61  ? 4.506   4.982   -10.956 1.00 21.23 ? 61  HIS A CB  1 
ATOM   453  C CG  . HIS A 1 61  ? 5.987   5.058   -11.128 1.00 20.76 ? 61  HIS A CG  1 
ATOM   454  N ND1 . HIS A 1 61  ? 6.730   4.007   -11.610 1.00 23.27 ? 61  HIS A ND1 1 
ATOM   455  C CD2 . HIS A 1 61  ? 6.869   6.051   -10.861 1.00 22.22 ? 61  HIS A CD2 1 
ATOM   456  C CE1 . HIS A 1 61  ? 8.005   4.347   -11.642 1.00 23.93 ? 61  HIS A CE1 1 
ATOM   457  N NE2 . HIS A 1 61  ? 8.119   5.580   -11.184 1.00 22.67 ? 61  HIS A NE2 1 
ATOM   458  N N   . LYS A 1 62  ? 1.980   3.251   -12.272 1.00 18.81 ? 62  LYS A N   1 
ATOM   459  C CA  . LYS A 1 62  ? 0.629   2.729   -12.099 1.00 22.03 ? 62  LYS A CA  1 
ATOM   460  C C   . LYS A 1 62  ? 0.500   1.828   -10.874 1.00 23.10 ? 62  LYS A C   1 
ATOM   461  O O   . LYS A 1 62  ? -0.468  1.066   -10.761 1.00 25.19 ? 62  LYS A O   1 
ATOM   462  C CB  . LYS A 1 62  ? 0.187   1.986   -13.361 1.00 26.53 ? 62  LYS A CB  1 
ATOM   463  C CG  . LYS A 1 62  ? 0.026   2.898   -14.576 1.00 33.03 ? 62  LYS A CG  1 
ATOM   464  C CD  . LYS A 1 62  ? -0.547  2.131   -15.771 1.00 39.75 ? 62  LYS A CD  1 
ATOM   465  C CE  . LYS A 1 62  ? -2.066  1.986   -15.679 1.00 43.64 ? 62  LYS A CE  1 
ATOM   466  N NZ  . LYS A 1 62  ? -2.641  1.260   -16.859 1.00 48.82 ? 62  LYS A NZ  1 
ATOM   467  N N   . ASP A 1 63  ? 1.432   1.925   -9.933  1.00 20.05 ? 63  ASP A N   1 
ATOM   468  C CA  . ASP A 1 63  ? 1.322   1.144   -8.709  1.00 22.67 ? 63  ASP A CA  1 
ATOM   469  C C   . ASP A 1 63  ? 0.220   1.633   -7.784  1.00 21.31 ? 63  ASP A C   1 
ATOM   470  O O   . ASP A 1 63  ? 0.061   1.061   -6.697  1.00 22.47 ? 63  ASP A O   1 
ATOM   471  C CB  . ASP A 1 63  ? 2.655   1.172   -7.976  1.00 21.31 ? 63  ASP A CB  1 
ATOM   472  C CG  . ASP A 1 63  ? 3.820   0.889   -8.899  1.00 24.77 ? 63  ASP A CG  1 
ATOM   473  O OD1 . ASP A 1 63  ? 4.192   1.782   -9.703  1.00 25.06 ? 63  ASP A OD1 1 
ATOM   474  O OD2 . ASP A 1 63  ? 4.347   -0.233  -8.832  1.00 21.48 ? 63  ASP A OD2 1 
ATOM   475  N N   . ASN A 1 64  ? -0.531  2.677   -8.168  1.00 22.19 ? 64  ASN A N   1 
ATOM   476  C CA  . ASN A 1 64  ? -1.579  3.190   -7.298  1.00 20.25 ? 64  ASN A CA  1 
ATOM   477  C C   . ASN A 1 64  ? -2.717  2.196   -7.099  1.00 24.55 ? 64  ASN A C   1 
ATOM   478  O O   . ASN A 1 64  ? -3.469  2.335   -6.132  1.00 22.41 ? 64  ASN A O   1 
ATOM   479  C CB  . ASN A 1 64  ? -2.143  4.515   -7.823  1.00 21.77 ? 64  ASN A CB  1 
ATOM   480  C CG  . ASN A 1 64  ? -2.586  4.437   -9.267  1.00 23.73 ? 64  ASN A CG  1 
ATOM   481  O OD1 . ASN A 1 64  ? -1.809  4.070   -10.143 1.00 23.06 ? 64  ASN A OD1 1 
ATOM   482  N ND2 . ASN A 1 64  ? -3.851  4.784   -9.523  1.00 24.48 ? 64  ASN A ND2 1 
ATOM   483  N N   . PHE A 1 65  ? -2.878  1.204   -7.981  1.00 23.26 ? 65  PHE A N   1 
ATOM   484  C CA  . PHE A 1 65  ? -3.921  0.227   -7.699  1.00 25.55 ? 65  PHE A CA  1 
ATOM   485  C C   . PHE A 1 65  ? -3.664  -0.455  -6.360  1.00 22.68 ? 65  PHE A C   1 
ATOM   486  O O   . PHE A 1 65  ? -4.614  -0.818  -5.667  1.00 24.57 ? 65  PHE A O   1 
ATOM   487  C CB  . PHE A 1 65  ? -4.039  -0.796  -8.833  1.00 26.41 ? 65  PHE A CB  1 
ATOM   488  C CG  . PHE A 1 65  ? -3.064  -1.929  -8.736  1.00 27.77 ? 65  PHE A CG  1 
ATOM   489  C CD1 . PHE A 1 65  ? -1.793  -1.804  -9.267  1.00 28.17 ? 65  PHE A CD1 1 
ATOM   490  C CD2 . PHE A 1 65  ? -3.419  -3.125  -8.119  1.00 29.19 ? 65  PHE A CD2 1 
ATOM   491  C CE1 . PHE A 1 65  ? -0.884  -2.846  -9.174  1.00 30.55 ? 65  PHE A CE1 1 
ATOM   492  C CE2 . PHE A 1 65  ? -2.526  -4.163  -8.033  1.00 25.05 ? 65  PHE A CE2 1 
ATOM   493  C CZ  . PHE A 1 65  ? -1.256  -4.026  -8.556  1.00 28.07 ? 65  PHE A CZ  1 
ATOM   494  N N   . ILE A 1 66  ? -2.394  -0.557  -5.955  1.00 20.65 ? 66  ILE A N   1 
ATOM   495  C CA  . ILE A 1 66  ? -2.043  -1.131  -4.657  1.00 23.33 ? 66  ILE A CA  1 
ATOM   496  C C   . ILE A 1 66  ? -2.491  -0.209  -3.523  1.00 25.88 ? 66  ILE A C   1 
ATOM   497  O O   . ILE A 1 66  ? -3.235  -0.619  -2.623  1.00 21.78 ? 66  ILE A O   1 
ATOM   498  C CB  . ILE A 1 66  ? -0.530  -1.409  -4.596  1.00 21.97 ? 66  ILE A CB  1 
ATOM   499  C CG1 . ILE A 1 66  ? -0.172  -2.554  -5.542  1.00 22.41 ? 66  ILE A CG1 1 
ATOM   500  C CG2 . ILE A 1 66  ? -0.079  -1.729  -3.172  1.00 19.14 ? 66  ILE A CG2 1 
ATOM   501  C CD1 . ILE A 1 66  ? 1.300   -2.702  -5.729  1.00 23.04 ? 66  ILE A CD1 1 
ATOM   502  N N   . SER A 1 67  ? -2.034  1.053   -3.540  1.00 21.81 ? 67  SER A N   1 
ATOM   503  C CA  . SER A 1 67  ? -2.356  1.956   -2.438  1.00 19.05 ? 67  SER A CA  1 
ATOM   504  C C   . SER A 1 67  ? -3.855  2.226   -2.352  1.00 20.66 ? 67  SER A C   1 
ATOM   505  O O   . SER A 1 67  ? -4.406  2.327   -1.252  1.00 24.11 ? 67  SER A O   1 
ATOM   506  C CB  . SER A 1 67  ? -1.583  3.266   -2.581  1.00 21.07 ? 67  SER A CB  1 
ATOM   507  O OG  . SER A 1 67  ? -1.643  3.723   -3.925  1.00 20.32 ? 67  SER A OG  1 
ATOM   508  N N   . GLU A 1 68  ? -4.533  2.355   -3.496  1.00 22.51 ? 68  GLU A N   1 
ATOM   509  C CA  . GLU A 1 68  ? -5.978  2.575   -3.457  1.00 21.48 ? 68  GLU A CA  1 
ATOM   510  C C   . GLU A 1 68  ? -6.718  1.349   -2.938  1.00 22.79 ? 68  GLU A C   1 
ATOM   511  O O   . GLU A 1 68  ? -7.732  1.478   -2.240  1.00 24.23 ? 68  GLU A O   1 
ATOM   512  C CB  . GLU A 1 68  ? -6.480  2.963   -4.849  1.00 21.78 ? 68  GLU A CB  1 
ATOM   513  C CG  . GLU A 1 68  ? -5.907  4.298   -5.341  1.00 19.90 ? 68  GLU A CG  1 
ATOM   514  C CD  . GLU A 1 68  ? -6.065  4.493   -6.833  1.00 25.72 ? 68  GLU A CD  1 
ATOM   515  O OE1 . GLU A 1 68  ? -6.704  3.632   -7.489  1.00 24.50 ? 68  GLU A OE1 1 
ATOM   516  O OE2 . GLU A 1 68  ? -5.540  5.508   -7.347  1.00 23.42 ? 68  GLU A OE2 1 
ATOM   517  N N   . ARG A 1 69  ? -6.222  0.154   -3.248  1.00 22.06 ? 69  ARG A N   1 
ATOM   518  C CA  . ARG A 1 69  ? -6.862  -1.054  -2.737  1.00 24.94 ? 69  ARG A CA  1 
ATOM   519  C C   . ARG A 1 69  ? -6.729  -1.145  -1.226  1.00 23.66 ? 69  ARG A C   1 
ATOM   520  O O   . ARG A 1 69  ? -7.698  -1.450  -0.520  1.00 21.79 ? 69  ARG A O   1 
ATOM   521  C CB  . ARG A 1 69  ? -6.247  -2.286  -3.390  1.00 26.22 ? 69  ARG A CB  1 
ATOM   522  C CG  . ARG A 1 69  ? -6.990  -3.541  -3.028  1.00 26.97 ? 69  ARG A CG  1 
ATOM   523  C CD  . ARG A 1 69  ? -6.583  -4.668  -3.914  1.00 29.88 ? 69  ARG A CD  1 
ATOM   524  N NE  . ARG A 1 69  ? -7.439  -5.830  -3.703  1.00 33.64 ? 69  ARG A NE  1 
ATOM   525  C CZ  . ARG A 1 69  ? -8.280  -6.311  -4.611  1.00 39.02 ? 69  ARG A CZ  1 
ATOM   526  N NH1 . ARG A 1 69  ? -8.384  -5.718  -5.791  1.00 35.40 ? 69  ARG A NH1 1 
ATOM   527  N NH2 . ARG A 1 69  ? -9.012  -7.389  -4.337  1.00 41.18 ? 69  ARG A NH2 1 
ATOM   528  N N   . MET A 1 70  ? -5.526  -0.904  -0.711  1.00 23.56 ? 70  MET A N   1 
ATOM   529  C CA  . MET A 1 70  ? -5.337  -0.930  0.733   1.00 21.33 ? 70  MET A CA  1 
ATOM   530  C C   . MET A 1 70  ? -6.176  0.148   1.402   1.00 23.07 ? 70  MET A C   1 
ATOM   531  O O   . MET A 1 70  ? -6.805  -0.087  2.445   1.00 21.37 ? 70  MET A O   1 
ATOM   532  C CB  . MET A 1 70  ? -3.850  -0.759  1.062   1.00 21.30 ? 70  MET A CB  1 
ATOM   533  C CG  . MET A 1 70  ? -3.580  -0.629  2.538   1.00 20.44 ? 70  MET A CG  1 
ATOM   534  S SD  . MET A 1 70  ? -1.850  -0.717  2.998   1.00 22.14 ? 70  MET A SD  1 
ATOM   535  C CE  . MET A 1 70  ? -1.452  -2.425  2.581   1.00 20.40 ? 70  MET A CE  1 
ATOM   536  N N   . ALA A 1 71  ? -6.215  1.334   0.799   1.00 21.16 ? 71  ALA A N   1 
ATOM   537  C CA  . ALA A 1 71  ? -7.017  2.420   1.342   1.00 21.98 ? 71  ALA A CA  1 
ATOM   538  C C   . ALA A 1 71  ? -8.470  1.991   1.502   1.00 23.08 ? 71  ALA A C   1 
ATOM   539  O O   . ALA A 1 71  ? -9.086  2.220   2.548   1.00 23.98 ? 71  ALA A O   1 
ATOM   540  C CB  . ALA A 1 71  ? -6.911  3.646   0.434   1.00 21.72 ? 71  ALA A CB  1 
ATOM   541  N N   . LYS A 1 72  ? -9.021  1.338   0.481   1.00 19.42 ? 72  LYS A N   1 
ATOM   542  C CA  . LYS A 1 72  ? -10.412 0.916   0.569   1.00 23.51 ? 72  LYS A CA  1 
ATOM   543  C C   . LYS A 1 72  ? -10.604 -0.125  1.663   1.00 26.26 ? 72  LYS A C   1 
ATOM   544  O O   . LYS A 1 72  ? -11.623 -0.108  2.355   1.00 26.57 ? 72  LYS A O   1 
ATOM   545  C CB  . LYS A 1 72  ? -10.879 0.374   -0.782  1.00 31.16 ? 72  LYS A CB  1 
ATOM   546  C CG  . LYS A 1 72  ? -12.376 0.037   -0.829  1.00 39.94 ? 72  LYS A CG  1 
ATOM   547  C CD  . LYS A 1 72  ? -12.829 -0.556  -2.171  1.00 45.68 ? 72  LYS A CD  1 
ATOM   548  C CE  . LYS A 1 72  ? -11.741 -1.388  -2.846  1.00 44.43 ? 72  LYS A CE  1 
ATOM   549  N NZ  . LYS A 1 72  ? -11.341 -2.607  -2.072  1.00 47.21 ? 72  LYS A NZ  1 
ATOM   550  N N   . ARG A 1 73  ? -9.619  -0.999  1.878   1.00 24.25 ? 73  ARG A N   1 
ATOM   551  C CA  . ARG A 1 73  ? -9.788  -2.070  2.860   1.00 27.56 ? 73  ARG A CA  1 
ATOM   552  C C   . ARG A 1 73  ? -9.713  -1.544  4.286   1.00 25.42 ? 73  ARG A C   1 
ATOM   553  O O   . ARG A 1 73  ? -10.449 -2.012  5.160   1.00 24.06 ? 73  ARG A O   1 
ATOM   554  C CB  . ARG A 1 73  ? -8.733  -3.159  2.653   1.00 25.97 ? 73  ARG A CB  1 
ATOM   555  C CG  . ARG A 1 73  ? -8.853  -3.905  1.348   1.00 30.27 ? 73  ARG A CG  1 
ATOM   556  C CD  . ARG A 1 73  ? -10.207 -4.598  1.218   1.00 32.42 ? 73  ARG A CD  1 
ATOM   557  N NE  . ARG A 1 73  ? -10.155 -5.585  0.148   1.00 35.23 ? 73  ARG A NE  1 
ATOM   558  C CZ  . ARG A 1 73  ? -11.182 -6.339  -0.228  1.00 42.68 ? 73  ARG A CZ  1 
ATOM   559  N NH1 . ARG A 1 73  ? -12.353 -6.208  0.383   1.00 43.39 ? 73  ARG A NH1 1 
ATOM   560  N NH2 . ARG A 1 73  ? -11.038 -7.224  -1.214  1.00 39.06 ? 73  ARG A NH2 1 
ATOM   561  N N   . ILE A 1 74  ? -8.822  -0.587  4.556   1.00 22.94 ? 74  ILE A N   1 
ATOM   562  C CA  . ILE A 1 74  ? -8.584  -0.160  5.931   1.00 24.17 ? 74  ILE A CA  1 
ATOM   563  C C   . ILE A 1 74  ? -9.347  1.096   6.311   1.00 25.46 ? 74  ILE A C   1 
ATOM   564  O O   . ILE A 1 74  ? -9.341  1.470   7.498   1.00 26.89 ? 74  ILE A O   1 
ATOM   565  C CB  . ILE A 1 74  ? -7.077  0.051   6.197   1.00 24.77 ? 74  ILE A CB  1 
ATOM   566  C CG1 . ILE A 1 74  ? -6.553  1.293   5.476   1.00 22.83 ? 74  ILE A CG1 1 
ATOM   567  C CG2 . ILE A 1 74  ? -6.289  -1.172  5.759   1.00 24.20 ? 74  ILE A CG2 1 
ATOM   568  C CD1 . ILE A 1 74  ? -5.131  1.662   5.923   1.00 25.81 ? 74  ILE A CD1 1 
ATOM   569  N N   . GLN A 1 75  ? -10.018 1.743   5.353   1.00 23.88 ? 75  GLN A N   1 
ATOM   570  C CA  . GLN A 1 75  ? -10.630 3.053   5.577   1.00 26.76 ? 75  GLN A CA  1 
ATOM   571  C C   . GLN A 1 75  ? -11.519 3.088   6.817   1.00 26.82 ? 75  GLN A C   1 
ATOM   572  O O   . GLN A 1 75  ? -11.444 4.025   7.615   1.00 24.38 ? 75  GLN A O   1 
ATOM   573  C CB  . GLN A 1 75  ? -11.442 3.461   4.351   1.00 25.31 ? 75  GLN A CB  1 
ATOM   574  C CG  . GLN A 1 75  ? -12.280 4.711   4.545   1.00 25.43 ? 75  GLN A CG  1 
ATOM   575  C CD  . GLN A 1 75  ? -12.926 5.151   3.259   1.00 28.36 ? 75  GLN A CD  1 
ATOM   576  O OE1 . GLN A 1 75  ? -13.511 4.335   2.534   1.00 29.01 ? 75  GLN A OE1 1 
ATOM   577  N NE2 . GLN A 1 75  ? -12.828 6.438   2.957   1.00 26.79 ? 75  GLN A NE2 1 
ATOM   578  N N   . ARG A 1 76  ? -12.390 2.092   6.985   1.00 29.85 ? 76  ARG A N   1 
ATOM   579  C CA  . ARG A 1 76  ? -13.354 2.185   8.077   1.00 31.78 ? 76  ARG A CA  1 
ATOM   580  C C   . ARG A 1 76  ? -12.704 2.067   9.450   1.00 30.93 ? 76  ARG A C   1 
ATOM   581  O O   . ARG A 1 76  ? -13.363 2.356   10.453  1.00 32.80 ? 76  ARG A O   1 
ATOM   582  C CB  . ARG A 1 76  ? -14.461 1.132   7.907   1.00 32.92 ? 76  ARG A CB  1 
ATOM   583  C CG  . ARG A 1 76  ? -14.166 -0.238  8.510   1.00 41.01 ? 76  ARG A CG  1 
ATOM   584  C CD  . ARG A 1 76  ? -15.125 -1.312  7.971   1.00 43.71 ? 76  ARG A CD  1 
ATOM   585  N NE  . ARG A 1 76  ? -14.773 -1.730  6.612   1.00 48.71 ? 76  ARG A NE  1 
ATOM   586  C CZ  . ARG A 1 76  ? -15.443 -2.635  5.900   1.00 53.07 ? 76  ARG A CZ  1 
ATOM   587  N NH1 . ARG A 1 76  ? -16.513 -3.237  6.412   1.00 57.35 ? 76  ARG A NH1 1 
ATOM   588  N NH2 . ARG A 1 76  ? -15.041 -2.943  4.670   1.00 55.32 ? 76  ARG A NH2 1 
ATOM   589  N N   . TYR A 1 77  ? -11.424 1.704   9.525   1.00 26.86 ? 77  TYR A N   1 
ATOM   590  C CA  . TYR A 1 77  ? -10.735 1.547   10.796  1.00 29.51 ? 77  TYR A CA  1 
ATOM   591  C C   . TYR A 1 77  ? -9.865  2.748   11.156  1.00 28.63 ? 77  TYR A C   1 
ATOM   592  O O   . TYR A 1 77  ? -9.172  2.713   12.173  1.00 29.46 ? 77  TYR A O   1 
ATOM   593  C CB  . TYR A 1 77  ? -9.885  0.274   10.771  1.00 30.58 ? 77  TYR A CB  1 
ATOM   594  C CG  . TYR A 1 77  ? -10.683 -0.957  10.419  1.00 30.50 ? 77  TYR A CG  1 
ATOM   595  C CD1 . TYR A 1 77  ? -11.333 -1.688  11.407  1.00 35.74 ? 77  TYR A CD1 1 
ATOM   596  C CD2 . TYR A 1 77  ? -10.801 -1.384  9.101   1.00 32.70 ? 77  TYR A CD2 1 
ATOM   597  C CE1 . TYR A 1 77  ? -12.074 -2.814  11.094  1.00 34.44 ? 77  TYR A CE1 1 
ATOM   598  C CE2 . TYR A 1 77  ? -11.546 -2.509  8.777   1.00 33.96 ? 77  TYR A CE2 1 
ATOM   599  C CZ  . TYR A 1 77  ? -12.177 -3.221  9.782   1.00 35.73 ? 77  TYR A CZ  1 
ATOM   600  O OH  . TYR A 1 77  ? -12.915 -4.344  9.472   1.00 39.99 ? 77  TYR A OH  1 
ATOM   601  N N   . LEU A 1 78  ? -9.895  3.811   10.361  1.00 26.98 ? 78  LEU A N   1 
ATOM   602  C CA  . LEU A 1 78  ? -8.991  4.934   10.580  1.00 26.38 ? 78  LEU A CA  1 
ATOM   603  C C   . LEU A 1 78  ? -9.510  5.872   11.657  1.00 27.61 ? 78  LEU A C   1 
ATOM   604  O O   . LEU A 1 78  ? -10.691 6.241   11.662  1.00 32.88 ? 78  LEU A O   1 
ATOM   605  C CB  . LEU A 1 78  ? -8.794  5.706   9.279   1.00 26.21 ? 78  LEU A CB  1 
ATOM   606  C CG  . LEU A 1 78  ? -8.192  4.865   8.153   1.00 26.00 ? 78  LEU A CG  1 
ATOM   607  C CD1 . LEU A 1 78  ? -8.165  5.693   6.876   1.00 24.82 ? 78  LEU A CD1 1 
ATOM   608  C CD2 . LEU A 1 78  ? -6.802  4.375   8.514   1.00 24.58 ? 78  LEU A CD2 1 
ATOM   609  N N   . ALA A 1 79  ? -8.618  6.268   12.564  1.00 25.52 ? 79  ALA A N   1 
ATOM   610  C CA  . ALA A 1 79  ? -8.925  7.290   13.552  1.00 28.17 ? 79  ALA A CA  1 
ATOM   611  C C   . ALA A 1 79  ? -8.624  8.703   13.065  1.00 29.33 ? 79  ALA A C   1 
ATOM   612  O O   . ALA A 1 79  ? -9.091  9.672   13.673  1.00 30.32 ? 79  ALA A O   1 
ATOM   613  C CB  . ALA A 1 79  ? -8.137  7.034   14.838  1.00 30.42 ? 79  ALA A CB  1 
ATOM   614  N N   . GLY A 1 80  ? -7.854  8.846   11.994  1.00 25.44 ? 80  GLY A N   1 
ATOM   615  C CA  . GLY A 1 80  ? -7.444  10.150  11.522  1.00 25.30 ? 80  GLY A CA  1 
ATOM   616  C C   . GLY A 1 80  ? -7.113  10.112  10.047  1.00 26.08 ? 80  GLY A C   1 
ATOM   617  O O   . GLY A 1 80  ? -7.813  9.456   9.268   1.00 24.61 ? 80  GLY A O   1 
ATOM   618  N N   . SER A 1 81  ? -6.059  10.813  9.646   1.00 23.88 ? 81  SER A N   1 
ATOM   619  C CA  . SER A 1 81  ? -5.670  10.795  8.244   1.00 20.76 ? 81  SER A CA  1 
ATOM   620  C C   . SER A 1 81  ? -4.817  9.562   7.971   1.00 22.28 ? 81  SER A C   1 
ATOM   621  O O   . SER A 1 81  ? -4.291  8.933   8.892   1.00 23.59 ? 81  SER A O   1 
ATOM   622  C CB  . SER A 1 81  ? -4.899  12.063  7.871   1.00 23.22 ? 81  SER A CB  1 
ATOM   623  O OG  . SER A 1 81  ? -3.613  12.061  8.478   1.00 22.28 ? 81  SER A OG  1 
ATOM   624  N N   . CYS A 1 82  ? -4.700  9.205   6.694   1.00 19.96 ? 82  CYS A N   1 
ATOM   625  C CA  . CYS A 1 82  ? -3.908  8.044   6.315   1.00 19.28 ? 82  CYS A CA  1 
ATOM   626  C C   . CYS A 1 82  ? -3.254  8.318   4.968   1.00 19.69 ? 82  CYS A C   1 
ATOM   627  O O   . CYS A 1 82  ? -3.899  8.814   4.035   1.00 20.38 ? 82  CYS A O   1 
ATOM   628  C CB  . CYS A 1 82  ? -4.777  6.778   6.263   1.00 20.75 ? 82  CYS A CB  1 
ATOM   629  S SG  . CYS A 1 82  ? -3.897  5.262   5.868   1.00 24.66 ? 82  CYS A SG  1 
ATOM   630  N N   . THR A 1 83  ? -1.958  8.044   4.897   1.00 21.14 ? 83  THR A N   1 
ATOM   631  C CA  . THR A 1 83  ? -1.160  8.253   3.697   1.00 21.02 ? 83  THR A CA  1 
ATOM   632  C C   . THR A 1 83  ? -0.475  6.933   3.380   1.00 21.53 ? 83  THR A C   1 
ATOM   633  O O   . THR A 1 83  ? 0.224   6.381   4.234   1.00 23.03 ? 83  THR A O   1 
ATOM   634  C CB  . THR A 1 83  ? -0.142  9.372   3.917   1.00 19.69 ? 83  THR A CB  1 
ATOM   635  O OG1 . THR A 1 83  ? -0.841  10.577  4.263   1.00 20.07 ? 83  THR A OG1 1 
ATOM   636  C CG2 . THR A 1 83  ? 0.675   9.622   2.655   1.00 23.33 ? 83  THR A CG2 1 
ATOM   637  N N   . ILE A 1 84  ? -0.706  6.415   2.175   1.00 18.24 ? 84  ILE A N   1 
ATOM   638  C CA  . ILE A 1 84  ? -0.208  5.105   1.764   1.00 16.52 ? 84  ILE A CA  1 
ATOM   639  C C   . ILE A 1 84  ? 0.616   5.278   0.497   1.00 19.35 ? 84  ILE A C   1 
ATOM   640  O O   . ILE A 1 84  ? 0.101   5.761   -0.517  1.00 21.37 ? 84  ILE A O   1 
ATOM   641  C CB  . ILE A 1 84  ? -1.354  4.114   1.516   1.00 19.67 ? 84  ILE A CB  1 
ATOM   642  C CG1 . ILE A 1 84  ? -2.287  4.052   2.730   1.00 19.96 ? 84  ILE A CG1 1 
ATOM   643  C CG2 . ILE A 1 84  ? -0.807  2.746   1.205   1.00 19.05 ? 84  ILE A CG2 1 
ATOM   644  C CD1 . ILE A 1 84  ? -3.554  3.270   2.466   1.00 20.93 ? 84  ILE A CD1 1 
ATOM   645  N N   . THR A 1 85  ? 1.883   4.881   0.541   1.00 20.62 ? 85  THR A N   1 
ATOM   646  C CA  . THR A 1 85  ? 2.701   4.874   -0.665  1.00 20.30 ? 85  THR A CA  1 
ATOM   647  C C   . THR A 1 85  ? 2.728   3.463   -1.244  1.00 20.38 ? 85  THR A C   1 
ATOM   648  O O   . THR A 1 85  ? 2.618   2.477   -0.516  1.00 22.18 ? 85  THR A O   1 
ATOM   649  C CB  . THR A 1 85  ? 4.137   5.347   -0.406  1.00 21.67 ? 85  THR A CB  1 
ATOM   650  O OG1 . THR A 1 85  ? 4.880   4.333   0.279   1.00 21.52 ? 85  THR A OG1 1 
ATOM   651  C CG2 . THR A 1 85  ? 4.169   6.654   0.404   1.00 21.91 ? 85  THR A CG2 1 
ATOM   652  N N   . ALA A 1 86  ? 2.876   3.372   -2.564  1.00 21.13 ? 86  ALA A N   1 
ATOM   653  C CA  . ALA A 1 86  ? 2.988   2.079   -3.222  1.00 19.24 ? 86  ALA A CA  1 
ATOM   654  C C   . ALA A 1 86  ? 4.038   2.157   -4.319  1.00 20.72 ? 86  ALA A C   1 
ATOM   655  O O   . ALA A 1 86  ? 4.198   3.184   -4.985  1.00 21.15 ? 86  ALA A O   1 
ATOM   656  C CB  . ALA A 1 86  ? 1.649   1.618   -3.816  1.00 22.90 ? 86  ALA A CB  1 
ATOM   657  N N   . GLY A 1 87  ? 4.743   1.050   -4.504  1.00 20.61 ? 87  GLY A N   1 
ATOM   658  C CA  . GLY A 1 87  ? 5.745   0.942   -5.537  1.00 22.67 ? 87  GLY A CA  1 
ATOM   659  C C   . GLY A 1 87  ? 6.253   -0.481  -5.614  1.00 25.29 ? 87  GLY A C   1 
ATOM   660  O O   . GLY A 1 87  ? 6.963   -0.943  -4.712  1.00 24.57 ? 87  GLY A O   1 
ATOM   661  N N   . ILE A 1 88  ? 5.859   -1.209  -6.656  1.00 22.76 ? 88  ILE A N   1 
ATOM   662  C CA  . ILE A 1 88  ? 6.382   -2.556  -6.868  1.00 23.16 ? 88  ILE A CA  1 
ATOM   663  C C   . ILE A 1 88  ? 6.897   -2.675  -8.297  1.00 25.53 ? 88  ILE A C   1 
ATOM   664  O O   . ILE A 1 88  ? 7.087   -3.786  -8.812  1.00 22.64 ? 88  ILE A O   1 
ATOM   665  C CB  . ILE A 1 88  ? 5.318   -3.626  -6.575  1.00 24.43 ? 88  ILE A CB  1 
ATOM   666  C CG1 . ILE A 1 88  ? 4.155   -3.495  -7.560  1.00 23.46 ? 88  ILE A CG1 1 
ATOM   667  C CG2 . ILE A 1 88  ? 4.861   -3.545  -5.101  1.00 24.04 ? 88  ILE A CG2 1 
ATOM   668  C CD1 . ILE A 1 88  ? 3.286   -4.757  -7.684  1.00 24.79 ? 88  ILE A CD1 1 
ATOM   669  N N   . HIS A 1 89  ? 7.128   -1.528  -8.940  1.00 25.36 ? 89  HIS A N   1 
ATOM   670  C CA  . HIS A 1 89  ? 7.610   -1.468  -10.318 1.00 22.41 ? 89  HIS A CA  1 
ATOM   671  C C   . HIS A 1 89  ? 6.659   -2.181  -11.279 1.00 21.95 ? 89  HIS A C   1 
ATOM   672  O O   . HIS A 1 89  ? 7.070   -3.026  -12.076 1.00 24.67 ? 89  HIS A O   1 
ATOM   673  C CB  . HIS A 1 89  ? 9.028   -2.044  -10.428 1.00 27.40 ? 89  HIS A CB  1 
ATOM   674  C CG  . HIS A 1 89  ? 9.985   -1.468  -9.435  1.00 26.53 ? 89  HIS A CG  1 
ATOM   675  N ND1 . HIS A 1 89  ? 10.607  -0.250  -9.620  1.00 27.27 ? 89  HIS A ND1 1 
ATOM   676  C CD2 . HIS A 1 89  ? 10.415  -1.934  -8.237  1.00 28.31 ? 89  HIS A CD2 1 
ATOM   677  C CE1 . HIS A 1 89  ? 11.383  0.007   -8.581  1.00 30.00 ? 89  HIS A CE1 1 
ATOM   678  N NE2 . HIS A 1 89  ? 11.286  -1.000  -7.729  1.00 27.90 ? 89  HIS A NE2 1 
ATOM   679  N N   . VAL A 1 90  ? 5.375   -1.814  -11.226 1.00 22.13 ? 90  VAL A N   1 
ATOM   680  C CA  . VAL A 1 90  ? 4.417   -2.425  -12.145 1.00 22.15 ? 90  VAL A CA  1 
ATOM   681  C C   . VAL A 1 90  ? 4.824   -2.234  -13.602 1.00 25.98 ? 90  VAL A C   1 
ATOM   682  O O   . VAL A 1 90  ? 4.434   -3.037  -14.458 1.00 24.96 ? 90  VAL A O   1 
ATOM   683  C CB  . VAL A 1 90  ? 2.991   -1.879  -11.911 1.00 23.20 ? 90  VAL A CB  1 
ATOM   684  C CG1 . VAL A 1 90  ? 2.459   -2.337  -10.552 1.00 23.91 ? 90  VAL A CG1 1 
ATOM   685  C CG2 . VAL A 1 90  ? 2.977   -0.370  -12.008 1.00 31.40 ? 90  VAL A CG2 1 
ATOM   686  N N   . ASN A 1 91  ? 5.615   -1.205  -13.912 1.00 24.79 ? 91  ASN A N   1 
ATOM   687  C CA  . ASN A 1 91  ? 6.030   -1.009  -15.297 1.00 27.51 ? 91  ASN A CA  1 
ATOM   688  C C   . ASN A 1 91  ? 7.129   -1.973  -15.724 1.00 29.05 ? 91  ASN A C   1 
ATOM   689  O O   . ASN A 1 91  ? 7.476   -2.001  -16.910 1.00 29.34 ? 91  ASN A O   1 
ATOM   690  C CB  . ASN A 1 91  ? 6.475   0.444   -15.545 1.00 27.39 ? 91  ASN A CB  1 
ATOM   691  C CG  . ASN A 1 91  ? 7.701   0.846   -14.739 1.00 30.70 ? 91  ASN A CG  1 
ATOM   692  O OD1 . ASN A 1 91  ? 8.103   0.159   -13.795 1.00 29.62 ? 91  ASN A OD1 1 
ATOM   693  N ND2 . ASN A 1 91  ? 8.293   1.989   -15.099 1.00 28.46 ? 91  ASN A ND2 1 
ATOM   694  N N   . GLN A 1 92  ? 7.659   -2.782  -14.801 1.00 26.01 ? 92  GLN A N   1 
ATOM   695  C CA  . GLN A 1 92  ? 8.711   -3.729  -15.129 1.00 27.78 ? 92  GLN A CA  1 
ATOM   696  C C   . GLN A 1 92  ? 8.352   -5.190  -14.889 1.00 28.19 ? 92  GLN A C   1 
ATOM   697  O O   . GLN A 1 92  ? 8.996   -6.060  -15.484 1.00 29.78 ? 92  GLN A O   1 
ATOM   698  C CB  . GLN A 1 92  ? 9.985   -3.404  -14.333 1.00 28.54 ? 92  GLN A CB  1 
ATOM   699  C CG  . GLN A 1 92  ? 10.578  -2.033  -14.635 1.00 30.88 ? 92  GLN A CG  1 
ATOM   700  C CD  . GLN A 1 92  ? 11.636  -1.644  -13.622 1.00 38.49 ? 92  GLN A CD  1 
ATOM   701  O OE1 . GLN A 1 92  ? 11.904  -2.384  -12.666 1.00 40.21 ? 92  GLN A OE1 1 
ATOM   702  N NE2 . GLN A 1 92  ? 12.235  -0.474  -13.809 1.00 42.50 ? 92  GLN A NE2 1 
ATOM   703  N N   . ILE A 1 93  ? 7.365   -5.491  -14.042 1.00 23.97 ? 93  ILE A N   1 
ATOM   704  C CA  . ILE A 1 93  ? 7.114   -6.876  -13.640 1.00 25.12 ? 93  ILE A CA  1 
ATOM   705  C C   . ILE A 1 93  ? 6.088   -7.523  -14.564 1.00 25.47 ? 93  ILE A C   1 
ATOM   706  O O   . ILE A 1 93  ? 5.510   -6.850  -15.423 1.00 24.21 ? 93  ILE A O   1 
ATOM   707  C CB  . ILE A 1 93  ? 6.663   -6.939  -12.171 1.00 26.40 ? 93  ILE A CB  1 
ATOM   708  C CG1 . ILE A 1 93  ? 5.356   -6.178  -11.964 1.00 23.94 ? 93  ILE A CG1 1 
ATOM   709  C CG2 . ILE A 1 93  ? 7.736   -6.347  -11.269 1.00 26.83 ? 93  ILE A CG2 1 
ATOM   710  C CD1 . ILE A 1 93  ? 4.925   -6.162  -10.494 1.00 22.01 ? 93  ILE A CD1 1 
ATOM   711  N N   . THR A 1 94  ? 5.869   -8.834  -14.411 1.00 22.54 ? 94  THR A N   1 
ATOM   712  C CA  . THR A 1 94  ? 4.963   -9.554  -15.299 1.00 24.72 ? 94  THR A CA  1 
ATOM   713  C C   . THR A 1 94  ? 3.504   -9.248  -14.963 1.00 24.65 ? 94  THR A C   1 
ATOM   714  O O   . THR A 1 94  ? 3.168   -8.819  -13.859 1.00 22.88 ? 94  THR A O   1 
ATOM   715  C CB  . THR A 1 94  ? 5.170   -11.058 -15.186 1.00 25.57 ? 94  THR A CB  1 
ATOM   716  O OG1 . THR A 1 94  ? 4.705   -11.486 -13.903 1.00 23.49 ? 94  THR A OG1 1 
ATOM   717  C CG2 . THR A 1 94  ? 6.657   -11.427 -15.348 1.00 26.67 ? 94  THR A CG2 1 
ATOM   718  N N   . LYS A 1 95  ? 2.622   -9.510  -15.931 1.00 24.06 ? 95  LYS A N   1 
ATOM   719  C CA  . LYS A 1 95  ? 1.190   -9.341  -15.693 1.00 23.95 ? 95  LYS A CA  1 
ATOM   720  C C   . LYS A 1 95  ? 0.710   -10.238 -14.553 1.00 23.50 ? 95  LYS A C   1 
ATOM   721  O O   . LYS A 1 95  ? -0.152  -9.840  -13.755 1.00 23.21 ? 95  LYS A O   1 
ATOM   722  C CB  . LYS A 1 95  ? 0.417   -9.634  -16.983 1.00 29.33 ? 95  LYS A CB  1 
ATOM   723  C CG  . LYS A 1 95  ? 0.460   -8.496  -17.996 1.00 35.19 ? 95  LYS A CG  1 
ATOM   724  C CD  . LYS A 1 95  ? 0.039   -8.963  -19.386 1.00 42.74 ? 95  LYS A CD  1 
ATOM   725  C CE  . LYS A 1 95  ? -0.145  -7.789  -20.345 1.00 47.50 ? 95  LYS A CE  1 
ATOM   726  N NZ  . LYS A 1 95  ? 0.821   -7.830  -21.486 1.00 51.32 ? 95  LYS A NZ  1 
ATOM   727  N N   . ALA A 1 96  ? 1.264   -11.448 -14.450 1.00 24.28 ? 96  ALA A N   1 
ATOM   728  C CA  . ALA A 1 96  ? 0.858   -12.349 -13.375 1.00 25.90 ? 96  ALA A CA  1 
ATOM   729  C C   . ALA A 1 96  ? 1.257   -11.800 -12.014 1.00 25.69 ? 96  ALA A C   1 
ATOM   730  O O   . ALA A 1 96  ? 0.511   -11.943 -11.037 1.00 23.90 ? 96  ALA A O   1 
ATOM   731  C CB  . ALA A 1 96  ? 1.457   -13.738 -13.578 1.00 25.21 ? 96  ALA A CB  1 
ATOM   732  N N   . GLN A 1 97  ? 2.432   -11.167 -11.930 1.00 22.66 ? 97  GLN A N   1 
ATOM   733  C CA  . GLN A 1 97  ? 2.835   -10.559 -10.667 1.00 22.07 ? 97  GLN A CA  1 
ATOM   734  C C   . GLN A 1 97  ? 1.926   -9.398  -10.306 1.00 20.10 ? 97  GLN A C   1 
ATOM   735  O O   . GLN A 1 97  ? 1.560   -9.221  -9.135  1.00 21.60 ? 97  GLN A O   1 
ATOM   736  C CB  . GLN A 1 97  ? 4.274   -10.060 -10.753 1.00 25.93 ? 97  GLN A CB  1 
ATOM   737  C CG  . GLN A 1 97  ? 5.275   -10.912 -10.048 1.00 30.63 ? 97  GLN A CG  1 
ATOM   738  C CD  . GLN A 1 97  ? 6.700   -10.562 -10.462 1.00 36.40 ? 97  GLN A CD  1 
ATOM   739  O OE1 . GLN A 1 97  ? 6.988   -10.291 -11.643 1.00 35.29 ? 97  GLN A OE1 1 
ATOM   740  N NE2 . GLN A 1 97  ? 7.599   -10.552 -9.489  1.00 43.22 ? 97  GLN A NE2 1 
ATOM   741  N N   . ILE A 1 98  ? 1.603   -8.565  -11.298 1.00 19.52 ? 98  ILE A N   1 
ATOM   742  C CA  . ILE A 1 98  ? 0.702   -7.439  -11.068 1.00 22.25 ? 98  ILE A CA  1 
ATOM   743  C C   . ILE A 1 98  ? -0.639  -7.938  -10.552 1.00 20.05 ? 98  ILE A C   1 
ATOM   744  O O   . ILE A 1 98  ? -1.209  -7.379  -9.606  1.00 21.81 ? 98  ILE A O   1 
ATOM   745  C CB  . ILE A 1 98  ? 0.543   -6.625  -12.363 1.00 19.65 ? 98  ILE A CB  1 
ATOM   746  C CG1 . ILE A 1 98  ? 1.866   -5.919  -12.702 1.00 18.57 ? 98  ILE A CG1 1 
ATOM   747  C CG2 . ILE A 1 98  ? -0.606  -5.619  -12.234 1.00 22.77 ? 98  ILE A CG2 1 
ATOM   748  C CD1 . ILE A 1 98  ? 1.920   -5.404  -14.118 1.00 22.31 ? 98  ILE A CD1 1 
ATOM   749  N N   . ALA A 1 99  ? -1.160  -9.005  -11.161 1.00 19.79 ? 99  ALA A N   1 
ATOM   750  C CA  . ALA A 1 99  ? -2.452  -9.539  -10.737 1.00 20.85 ? 99  ALA A CA  1 
ATOM   751  C C   . ALA A 1 99  ? -2.373  -10.152 -9.344  1.00 21.11 ? 99  ALA A C   1 
ATOM   752  O O   . ALA A 1 99  ? -3.291  -9.980  -8.530  1.00 21.01 ? 99  ALA A O   1 
ATOM   753  C CB  . ALA A 1 99  ? -2.942  -10.571 -11.749 1.00 24.47 ? 99  ALA A CB  1 
ATOM   754  N N   . ALA A 1 100 ? -1.286  -10.877 -9.051  1.00 20.86 ? 100 ALA A N   1 
ATOM   755  C CA  . ALA A 1 100 ? -1.145  -11.496 -7.737  1.00 19.38 ? 100 ALA A CA  1 
ATOM   756  C C   . ALA A 1 100 ? -1.025  -10.446 -6.644  1.00 22.31 ? 100 ALA A C   1 
ATOM   757  O O   . ALA A 1 100 ? -1.392  -10.704 -5.493  1.00 22.56 ? 100 ALA A O   1 
ATOM   758  C CB  . ALA A 1 100 ? 0.076   -12.425 -7.714  1.00 21.10 ? 100 ALA A CB  1 
ATOM   759  N N   . ALA A 1 101 ? -0.526  -9.255  -6.981  1.00 20.38 ? 101 ALA A N   1 
ATOM   760  C CA  . ALA A 1 101 ? -0.314  -8.243  -5.954  1.00 19.39 ? 101 ALA A CA  1 
ATOM   761  C C   . ALA A 1 101 ? -1.620  -7.699  -5.390  1.00 19.02 ? 101 ALA A C   1 
ATOM   762  O O   . ALA A 1 101 ? -1.609  -7.064  -4.329  1.00 23.46 ? 101 ALA A O   1 
ATOM   763  C CB  . ALA A 1 101 ? 0.542   -7.110  -6.516  1.00 22.96 ? 101 ALA A CB  1 
ATOM   764  N N   . ALA A 1 102 ? -2.747  -7.963  -6.029  1.00 20.31 ? 102 ALA A N   1 
ATOM   765  C CA  . ALA A 1 102 ? -4.000  -7.442  -5.506  1.00 21.34 ? 102 ALA A CA  1 
ATOM   766  C C   . ALA A 1 102 ? -4.461  -8.251  -4.289  1.00 21.45 ? 102 ALA A C   1 
ATOM   767  O O   . ALA A 1 102 ? -4.729  -7.647  -3.241  1.00 22.33 ? 102 ALA A O   1 
ATOM   768  C CB  . ALA A 1 102 ? -5.070  -7.380  -6.611  1.00 25.35 ? 102 ALA A CB  1 
ATOM   769  N N   . PRO A 1 103 ? -4.555  -9.590  -4.348  1.00 22.31 ? 103 PRO A N   1 
ATOM   770  C CA  . PRO A 1 103 ? -4.849  -10.325 -3.098  1.00 20.02 ? 103 PRO A CA  1 
ATOM   771  C C   . PRO A 1 103 ? -3.738  -10.228 -2.066  1.00 20.72 ? 103 PRO A C   1 
ATOM   772  O O   . PRO A 1 103 ? -4.023  -10.254 -0.863  1.00 21.67 ? 103 PRO A O   1 
ATOM   773  C CB  . PRO A 1 103 ? -5.064  -11.776 -3.555  1.00 23.06 ? 103 PRO A CB  1 
ATOM   774  C CG  . PRO A 1 103 ? -4.704  -11.829 -5.006  1.00 28.60 ? 103 PRO A CG  1 
ATOM   775  C CD  . PRO A 1 103 ? -4.711  -10.440 -5.550  1.00 24.51 ? 103 PRO A CD  1 
ATOM   776  N N   . MET A 1 104 ? -2.476  -10.123 -2.488  1.00 21.50 ? 104 MET A N   1 
ATOM   777  C CA  . MET A 1 104 ? -1.405  -9.900  -1.516  1.00 21.24 ? 104 MET A CA  1 
ATOM   778  C C   . MET A 1 104 ? -1.631  -8.606  -0.740  1.00 21.27 ? 104 MET A C   1 
ATOM   779  O O   . MET A 1 104 ? -1.354  -8.537  0.468   1.00 20.33 ? 104 MET A O   1 
ATOM   780  C CB  . MET A 1 104 ? -0.049  -9.866  -2.222  1.00 22.05 ? 104 MET A CB  1 
ATOM   781  C CG  . MET A 1 104 ? 0.325   -11.196 -2.861  1.00 21.12 ? 104 MET A CG  1 
ATOM   782  S SD  . MET A 1 104 ? 1.820   -11.063 -3.859  1.00 23.08 ? 104 MET A SD  1 
ATOM   783  C CE  . MET A 1 104 ? 3.043   -10.765 -2.583  1.00 22.55 ? 104 MET A CE  1 
ATOM   784  N N   . THR A 1 105 ? -2.136  -7.571  -1.423  1.00 19.85 ? 105 THR A N   1 
ATOM   785  C CA  . THR A 1 105 ? -2.438  -6.303  -0.759  1.00 17.77 ? 105 THR A CA  1 
ATOM   786  C C   . THR A 1 105 ? -3.567  -6.471  0.248   1.00 22.01 ? 105 THR A C   1 
ATOM   787  O O   . THR A 1 105 ? -3.534  -5.884  1.338   1.00 21.96 ? 105 THR A O   1 
ATOM   788  C CB  . THR A 1 105 ? -2.801  -5.235  -1.802  1.00 18.43 ? 105 THR A CB  1 
ATOM   789  O OG1 . THR A 1 105 ? -1.695  -5.043  -2.691  1.00 22.13 ? 105 THR A OG1 1 
ATOM   790  C CG2 . THR A 1 105 ? -3.122  -3.889  -1.116  1.00 21.14 ? 105 THR A CG2 1 
ATOM   791  N N   . ASP A 1 106 ? -4.579  -7.268  -0.102  1.00 20.35 ? 106 ASP A N   1 
ATOM   792  C CA  . ASP A 1 106 ? -5.649  -7.570  0.843   1.00 21.21 ? 106 ASP A CA  1 
ATOM   793  C C   . ASP A 1 106 ? -5.122  -8.277  2.081   1.00 20.23 ? 106 ASP A C   1 
ATOM   794  O O   . ASP A 1 106 ? -5.642  -8.072  3.185   1.00 23.61 ? 106 ASP A O   1 
ATOM   795  C CB  . ASP A 1 106 ? -6.702  -8.460  0.189   1.00 24.18 ? 106 ASP A CB  1 
ATOM   796  C CG  . ASP A 1 106 ? -7.492  -7.759  -0.885  1.00 27.18 ? 106 ASP A CG  1 
ATOM   797  O OD1 . ASP A 1 106 ? -7.379  -6.521  -1.027  1.00 25.28 ? 106 ASP A OD1 1 
ATOM   798  O OD2 . ASP A 1 106 ? -8.264  -8.462  -1.568  1.00 25.73 ? 106 ASP A OD2 1 
ATOM   799  N N   . ASP A 1 107 ? -4.119  -9.137  1.915   1.00 23.08 ? 107 ASP A N   1 
ATOM   800  C CA  . ASP A 1 107 ? -3.549  -9.837  3.062   1.00 20.15 ? 107 ASP A CA  1 
ATOM   801  C C   . ASP A 1 107 ? -2.770  -8.879  3.952   1.00 23.96 ? 107 ASP A C   1 
ATOM   802  O O   . ASP A 1 107 ? -2.898  -8.926  5.184   1.00 21.58 ? 107 ASP A O   1 
ATOM   803  C CB  . ASP A 1 107 ? -2.671  -10.987 2.572   1.00 23.23 ? 107 ASP A CB  1 
ATOM   804  C CG  . ASP A 1 107 ? -2.006  -11.752 3.710   1.00 23.98 ? 107 ASP A CG  1 
ATOM   805  O OD1 . ASP A 1 107 ? -2.642  -12.661 4.273   1.00 24.44 ? 107 ASP A OD1 1 
ATOM   806  O OD2 . ASP A 1 107 ? -0.839  -11.447 4.032   1.00 27.76 ? 107 ASP A OD2 1 
ATOM   807  N N   . LEU A 1 108 ? -1.960  -7.996  3.353   1.00 20.50 ? 108 LEU A N   1 
ATOM   808  C CA  . LEU A 1 108 ? -1.277  -6.980  4.153   1.00 19.14 ? 108 LEU A CA  1 
ATOM   809  C C   . LEU A 1 108 ? -2.283  -6.088  4.866   1.00 22.35 ? 108 LEU A C   1 
ATOM   810  O O   . LEU A 1 108 ? -2.076  -5.698  6.023   1.00 22.03 ? 108 LEU A O   1 
ATOM   811  C CB  . LEU A 1 108 ? -0.363  -6.130  3.270   1.00 21.70 ? 108 LEU A CB  1 
ATOM   812  C CG  . LEU A 1 108 ? 0.850   -6.837  2.681   1.00 22.29 ? 108 LEU A CG  1 
ATOM   813  C CD1 . LEU A 1 108 ? 1.425   -5.995  1.539   1.00 21.10 ? 108 LEU A CD1 1 
ATOM   814  C CD2 . LEU A 1 108 ? 1.902   -7.108  3.760   1.00 23.50 ? 108 LEU A CD2 1 
ATOM   815  N N   . SER A 1 109 ? -3.384  -5.757  4.189   1.00 21.61 ? 109 SER A N   1 
ATOM   816  C CA  . SER A 1 109 ? -4.378  -4.869  4.782   1.00 21.44 ? 109 SER A CA  1 
ATOM   817  C C   . SER A 1 109 ? -4.993  -5.498  6.030   1.00 22.25 ? 109 SER A C   1 
ATOM   818  O O   . SER A 1 109 ? -5.136  -4.839  7.070   1.00 24.53 ? 109 SER A O   1 
ATOM   819  C CB  . SER A 1 109 ? -5.468  -4.548  3.759   1.00 19.99 ? 109 SER A CB  1 
ATOM   820  O OG  . SER A 1 109 ? -4.951  -3.829  2.647   1.00 21.37 ? 109 SER A OG  1 
ATOM   821  N N   . ARG A 1 110 ? -5.343  -6.782  5.950   1.00 23.20 ? 110 ARG A N   1 
ATOM   822  C CA  . ARG A 1 110 ? -5.903  -7.438  7.127   1.00 22.22 ? 110 ARG A CA  1 
ATOM   823  C C   . ARG A 1 110 ? -4.866  -7.535  8.236   1.00 25.59 ? 110 ARG A C   1 
ATOM   824  O O   . ARG A 1 110 ? -5.191  -7.352  9.417   1.00 28.64 ? 110 ARG A O   1 
ATOM   825  C CB  . ARG A 1 110 ? -6.439  -8.816  6.751   1.00 25.25 ? 110 ARG A CB  1 
ATOM   826  C CG  . ARG A 1 110 ? -7.099  -9.554  7.934   1.00 28.33 ? 110 ARG A CG  1 
ATOM   827  C CD  . ARG A 1 110 ? -8.092  -8.669  8.682   1.00 29.68 ? 110 ARG A CD  1 
ATOM   828  N NE  . ARG A 1 110 ? -9.228  -8.296  7.852   1.00 28.64 ? 110 ARG A NE  1 
ATOM   829  C CZ  . ARG A 1 110 ? -10.357 -7.756  8.308   1.00 34.94 ? 110 ARG A CZ  1 
ATOM   830  N NH1 . ARG A 1 110 ? -10.521 -7.524  9.607   1.00 37.36 ? 110 ARG A NH1 1 
ATOM   831  N NH2 . ARG A 1 110 ? -11.328 -7.450  7.458   1.00 33.71 ? 110 ARG A NH2 1 
ATOM   832  N N   . GLN A 1 111 ? -3.611  -7.818  7.885   1.00 23.71 ? 111 GLN A N   1 
ATOM   833  C CA  . GLN A 1 111 ? -2.563  -7.796  8.900   1.00 23.73 ? 111 GLN A CA  1 
ATOM   834  C C   . GLN A 1 111 ? -2.516  -6.441  9.591   1.00 27.39 ? 111 GLN A C   1 
ATOM   835  O O   . GLN A 1 111 ? -2.357  -6.357  10.814  1.00 30.06 ? 111 GLN A O   1 
ATOM   836  C CB  . GLN A 1 111 ? -1.217  -8.125  8.271   1.00 26.31 ? 111 GLN A CB  1 
ATOM   837  C CG  . GLN A 1 111 ? -1.050  -9.577  7.859   1.00 24.08 ? 111 GLN A CG  1 
ATOM   838  C CD  . GLN A 1 111 ? 0.386   -9.879  7.510   1.00 25.18 ? 111 GLN A CD  1 
ATOM   839  O OE1 . GLN A 1 111 ? 1.275   -9.714  8.339   1.00 27.42 ? 111 GLN A OE1 1 
ATOM   840  N NE2 . GLN A 1 111 ? 0.629   -10.289 6.270   1.00 26.94 ? 111 GLN A NE2 1 
ATOM   841  N N   . ILE A 1 112 ? -2.698  -5.368  8.821   1.00 25.08 ? 112 ILE A N   1 
ATOM   842  C CA  . ILE A 1 112 ? -2.653  -4.029  9.395   1.00 25.34 ? 112 ILE A CA  1 
ATOM   843  C C   . ILE A 1 112 ? -3.884  -3.780  10.260  1.00 27.27 ? 112 ILE A C   1 
ATOM   844  O O   . ILE A 1 112 ? -3.781  -3.265  11.381  1.00 31.97 ? 112 ILE A O   1 
ATOM   845  C CB  . ILE A 1 112 ? -2.511  -2.984  8.275   1.00 22.81 ? 112 ILE A CB  1 
ATOM   846  C CG1 . ILE A 1 112 ? -1.060  -2.964  7.783   1.00 25.44 ? 112 ILE A CG1 1 
ATOM   847  C CG2 . ILE A 1 112 ? -2.968  -1.611  8.764   1.00 27.06 ? 112 ILE A CG2 1 
ATOM   848  C CD1 . ILE A 1 112 ? -0.842  -2.298  6.415   1.00 25.22 ? 112 ILE A CD1 1 
ATOM   849  N N   . ILE A 1 113 ? -5.061  -4.149  9.758   1.00 24.95 ? 113 ILE A N   1 
ATOM   850  C CA  . ILE A 1 113 ? -6.285  -3.983  10.538  1.00 27.74 ? 113 ILE A CA  1 
ATOM   851  C C   . ILE A 1 113 ? -6.170  -4.710  11.873  1.00 31.99 ? 113 ILE A C   1 
ATOM   852  O O   . ILE A 1 113 ? -6.541  -4.173  12.924  1.00 30.36 ? 113 ILE A O   1 
ATOM   853  C CB  . ILE A 1 113 ? -7.499  -4.476  9.735   1.00 27.02 ? 113 ILE A CB  1 
ATOM   854  C CG1 . ILE A 1 113 ? -7.735  -3.584  8.512   1.00 27.62 ? 113 ILE A CG1 1 
ATOM   855  C CG2 . ILE A 1 113 ? -8.743  -4.499  10.616  1.00 29.37 ? 113 ILE A CG2 1 
ATOM   856  C CD1 . ILE A 1 113 ? -8.703  -4.175  7.514   1.00 27.45 ? 113 ILE A CD1 1 
ATOM   857  N N   . SER A 1 114 ? -5.639  -5.935  11.859  1.00 29.19 ? 114 SER A N   1 
ATOM   858  C CA  . SER A 1 114 ? -5.472  -6.684  13.103  1.00 31.22 ? 114 SER A CA  1 
ATOM   859  C C   . SER A 1 114 ? -4.546  -5.951  14.060  1.00 33.12 ? 114 SER A C   1 
ATOM   860  O O   . SER A 1 114 ? -4.846  -5.816  15.252  1.00 34.76 ? 114 SER A O   1 
ATOM   861  C CB  . SER A 1 114 ? -4.925  -8.076  12.809  1.00 30.07 ? 114 SER A CB  1 
ATOM   862  O OG  . SER A 1 114 ? -5.924  -8.873  12.205  1.00 34.59 ? 114 SER A OG  1 
ATOM   863  N N   . TRP A 1 115 ? -3.410  -5.474  13.551  1.00 33.58 ? 115 TRP A N   1 
ATOM   864  C CA  . TRP A 1 115 ? -2.463  -4.752  14.389  1.00 33.96 ? 115 TRP A CA  1 
ATOM   865  C C   . TRP A 1 115 ? -3.094  -3.492  14.972  1.00 36.32 ? 115 TRP A C   1 
ATOM   866  O O   . TRP A 1 115 ? -2.868  -3.158  16.141  1.00 37.23 ? 115 TRP A O   1 
ATOM   867  C CB  . TRP A 1 115 ? -1.214  -4.417  13.577  1.00 33.54 ? 115 TRP A CB  1 
ATOM   868  C CG  . TRP A 1 115 ? -0.101  -3.882  14.383  1.00 35.22 ? 115 TRP A CG  1 
ATOM   869  C CD1 . TRP A 1 115 ? 0.980   -4.577  14.851  1.00 37.74 ? 115 TRP A CD1 1 
ATOM   870  C CD2 . TRP A 1 115 ? 0.076   -2.528  14.814  1.00 38.00 ? 115 TRP A CD2 1 
ATOM   871  N NE1 . TRP A 1 115 ? 1.814   -3.740  15.548  1.00 36.87 ? 115 TRP A NE1 1 
ATOM   872  C CE2 . TRP A 1 115 ? 1.281   -2.477  15.544  1.00 37.44 ? 115 TRP A CE2 1 
ATOM   873  C CE3 . TRP A 1 115 ? -0.669  -1.356  14.660  1.00 38.20 ? 115 TRP A CE3 1 
ATOM   874  C CZ2 . TRP A 1 115 ? 1.758   -1.301  16.117  1.00 38.91 ? 115 TRP A CZ2 1 
ATOM   875  C CZ3 . TRP A 1 115 ? -0.194  -0.189  15.232  1.00 41.57 ? 115 TRP A CZ3 1 
ATOM   876  C CH2 . TRP A 1 115 ? 1.008   -0.172  15.956  1.00 37.90 ? 115 TRP A CH2 1 
ATOM   877  N N   . LEU A 1 116 ? -3.894  -2.784  14.174  1.00 31.47 ? 116 LEU A N   1 
ATOM   878  C CA  . LEU A 1 116 ? -4.580  -1.599  14.677  1.00 37.23 ? 116 LEU A CA  1 
ATOM   879  C C   . LEU A 1 116 ? -5.578  -1.959  15.774  1.00 37.29 ? 116 LEU A C   1 
ATOM   880  O O   . LEU A 1 116 ? -5.734  -1.218  16.754  1.00 40.54 ? 116 LEU A O   1 
ATOM   881  C CB  . LEU A 1 116 ? -5.290  -0.881  13.531  1.00 33.17 ? 116 LEU A CB  1 
ATOM   882  C CG  . LEU A 1 116 ? -4.398  -0.276  12.443  1.00 30.16 ? 116 LEU A CG  1 
ATOM   883  C CD1 . LEU A 1 116 ? -5.249  0.172   11.272  1.00 29.11 ? 116 LEU A CD1 1 
ATOM   884  C CD2 . LEU A 1 116 ? -3.581  0.887   12.995  1.00 33.37 ? 116 LEU A CD2 1 
ATOM   885  N N   . GLN A 1 117 ? -6.274  -3.083  15.621  1.00 35.63 ? 117 GLN A N   1 
ATOM   886  C CA  . GLN A 1 117 ? -7.260  -3.474  16.622  1.00 39.20 ? 117 GLN A CA  1 
ATOM   887  C C   . GLN A 1 117 ? -6.595  -3.874  17.927  1.00 39.71 ? 117 GLN A C   1 
ATOM   888  O O   . GLN A 1 117 ? -7.193  -3.726  19.001  1.00 41.90 ? 117 GLN A O   1 
ATOM   889  C CB  . GLN A 1 117 ? -8.124  -4.611  16.081  1.00 37.61 ? 117 GLN A CB  1 
ATOM   890  C CG  . GLN A 1 117 ? -9.116  -4.144  15.035  1.00 39.96 ? 117 GLN A CG  1 
ATOM   891  C CD  . GLN A 1 117 ? -9.777  -5.286  14.295  1.00 37.95 ? 117 GLN A CD  1 
ATOM   892  O OE1 . GLN A 1 117 ? -9.170  -6.336  14.073  1.00 37.09 ? 117 GLN A OE1 1 
ATOM   893  N NE2 . GLN A 1 117 ? -11.027 -5.084  13.899  1.00 42.81 ? 117 GLN A NE2 1 
ATOM   894  N N   . ALA A 1 118 ? -5.361  -4.363  17.853  1.00 36.80 ? 118 ALA A N   1 
ATOM   895  C CA  . ALA A 1 118 ? -4.595  -4.744  19.025  1.00 39.20 ? 118 ALA A CA  1 
ATOM   896  C C   . ALA A 1 118 ? -3.803  -3.591  19.624  1.00 44.19 ? 118 ALA A C   1 
ATOM   897  O O   . ALA A 1 118 ? -3.352  -3.699  20.768  1.00 46.96 ? 118 ALA A O   1 
ATOM   898  C CB  . ALA A 1 118 ? -3.636  -5.886  18.674  1.00 39.35 ? 118 ALA A CB  1 
ATOM   899  N N   . HIS A 1 119 ? -3.616  -2.498  18.887  1.00 44.15 ? 119 HIS A N   1 
ATOM   900  C CA  . HIS A 1 119 ? -2.879  -1.329  19.368  1.00 44.39 ? 119 HIS A CA  1 
ATOM   901  C C   . HIS A 1 119 ? -3.661  -0.060  19.042  1.00 47.28 ? 119 HIS A C   1 
ATOM   902  O O   . HIS A 1 119 ? -3.219  0.763   18.232  1.00 48.06 ? 119 HIS A O   1 
ATOM   903  C CB  . HIS A 1 119 ? -1.477  -1.272  18.754  1.00 44.35 ? 119 HIS A CB  1 
ATOM   904  C CG  . HIS A 1 119 ? -0.709  -2.555  18.856  1.00 43.93 ? 119 HIS A CG  1 
ATOM   905  N ND1 . HIS A 1 119 ? -1.076  -3.701  18.182  1.00 42.60 ? 119 HIS A ND1 1 
ATOM   906  C CD2 . HIS A 1 119 ? 0.418   -2.868  19.542  1.00 42.47 ? 119 HIS A CD2 1 
ATOM   907  C CE1 . HIS A 1 119 ? -0.217  -4.667  18.457  1.00 40.18 ? 119 HIS A CE1 1 
ATOM   908  N NE2 . HIS A 1 119 ? 0.699   -4.187  19.280  1.00 43.81 ? 119 HIS A NE2 1 
ATOM   909  N N   . PRO A 1 120 ? -4.828  0.145   19.681  1.00 44.84 ? 120 PRO A N   1 
ATOM   910  C CA  . PRO A 1 120 ? -5.706  1.266   19.305  1.00 45.98 ? 120 PRO A CA  1 
ATOM   911  C C   . PRO A 1 120 ? -5.126  2.646   19.630  1.00 51.68 ? 120 PRO A C   1 
ATOM   912  O O   . PRO A 1 120 ? -4.267  2.763   20.505  1.00 53.33 ? 120 PRO A O   1 
ATOM   913  C CB  . PRO A 1 120 ? -6.983  1.012   20.128  1.00 46.31 ? 120 PRO A CB  1 
ATOM   914  C CG  . PRO A 1 120 ? -6.869  -0.410  20.619  1.00 46.61 ? 120 PRO A CG  1 
ATOM   915  C CD  . PRO A 1 120 ? -5.398  -0.649  20.781  1.00 47.29 ? 120 PRO A CD  1 
HETATM 916  P P   . PO4 B 2 .   ? 11.670  3.847   -13.660 1.00 37.47 ? 201 PO4 A P   1 
HETATM 917  O O1  . PO4 B 2 .   ? 10.688  3.188   -12.725 1.00 41.74 ? 201 PO4 A O1  1 
HETATM 918  O O2  . PO4 B 2 .   ? 11.637  5.346   -13.462 1.00 38.47 ? 201 PO4 A O2  1 
HETATM 919  O O3  . PO4 B 2 .   ? 13.039  3.306   -13.332 1.00 43.91 ? 201 PO4 A O3  1 
HETATM 920  O O4  . PO4 B 2 .   ? 11.281  3.543   -15.085 1.00 38.14 ? 201 PO4 A O4  1 
HETATM 921  O O   . HOH C 3 .   ? 9.330   -9.874  -10.392 1.00 49.03 ? 301 HOH A O   1 
HETATM 922  O O   . HOH C 3 .   ? 5.808   4.011   7.089   1.00 32.20 ? 302 HOH A O   1 
HETATM 923  O O   . HOH C 3 .   ? -8.019  -9.458  -4.658  1.00 41.32 ? 303 HOH A O   1 
HETATM 924  O O   . HOH C 3 .   ? -5.683  7.533   -12.710 1.00 36.01 ? 304 HOH A O   1 
HETATM 925  O O   . HOH C 3 .   ? -8.760  14.391  -1.682  1.00 33.54 ? 305 HOH A O   1 
HETATM 926  O O   . HOH C 3 .   ? 9.710   1.104   -11.889 1.00 35.19 ? 306 HOH A O   1 
HETATM 927  O O   . HOH C 3 .   ? 7.997   -14.096 2.517   1.00 40.75 ? 307 HOH A O   1 
HETATM 928  O O   . HOH C 3 .   ? 4.977   -4.305  -16.526 1.00 31.15 ? 308 HOH A O   1 
HETATM 929  O O   . HOH C 3 .   ? 0.834   -9.927  10.779  1.00 35.27 ? 309 HOH A O   1 
HETATM 930  O O   . HOH C 3 .   ? 10.311  4.370   -17.224 1.00 33.66 ? 310 HOH A O   1 
HETATM 931  O O   . HOH C 3 .   ? 9.203   -1.846  -4.040  1.00 38.39 ? 311 HOH A O   1 
HETATM 932  O O   . HOH C 3 .   ? -13.573 -4.900  7.088   1.00 39.26 ? 312 HOH A O   1 
HETATM 933  O O   . HOH C 3 .   ? -6.987  7.225   -8.564  1.00 33.54 ? 313 HOH A O   1 
HETATM 934  O O   . HOH C 3 .   ? 11.543  0.733   -15.969 1.00 47.51 ? 314 HOH A O   1 
HETATM 935  O O   . HOH C 3 .   ? 8.101   -5.763  -7.501  1.00 32.65 ? 315 HOH A O   1 
HETATM 936  O O   . HOH C 3 .   ? 10.707  6.296   -11.241 1.00 31.50 ? 316 HOH A O   1 
HETATM 937  O O   . HOH C 3 .   ? -8.397  -11.002 -1.035  1.00 29.09 ? 317 HOH A O   1 
HETATM 938  O O   . HOH C 3 .   ? -11.740 -4.275  4.996   1.00 33.12 ? 318 HOH A O   1 
HETATM 939  O O   . HOH C 3 .   ? -6.093  13.348  12.920  1.00 33.21 ? 319 HOH A O   1 
HETATM 940  O O   . HOH C 3 .   ? -13.496 10.956  8.837   1.00 33.71 ? 320 HOH A O   1 
HETATM 941  O O   . HOH C 3 .   ? -9.565  3.213   -3.002  1.00 35.96 ? 321 HOH A O   1 
HETATM 942  O O   . HOH C 3 .   ? 5.215   12.128  -16.348 1.00 20.82 ? 322 HOH A O   1 
HETATM 943  O O   . HOH C 3 .   ? 11.761  3.416   -10.326 1.00 51.68 ? 323 HOH A O   1 
HETATM 944  O O   . HOH C 3 .   ? -15.512 4.615   6.940   1.00 34.67 ? 324 HOH A O   1 
HETATM 945  O O   . HOH C 3 .   ? -9.573  11.585  1.020   1.00 29.13 ? 325 HOH A O   1 
HETATM 946  O O   . HOH C 3 .   ? -10.412 9.132   9.643   1.00 27.17 ? 326 HOH A O   1 
HETATM 947  O O   . HOH C 3 .   ? -2.141  -8.297  -14.577 1.00 26.95 ? 327 HOH A O   1 
HETATM 948  O O   . HOH C 3 .   ? 9.219   -4.975  -0.228  1.00 32.95 ? 328 HOH A O   1 
HETATM 949  O O   . HOH C 3 .   ? -8.264  17.089  -6.639  1.00 33.03 ? 329 HOH A O   1 
HETATM 950  O O   . HOH C 3 .   ? 6.437   -15.389 -8.342  0.50 37.96 ? 330 HOH A O   1 
HETATM 951  O O   . HOH C 3 .   ? 9.092   2.066   11.717  1.00 49.35 ? 331 HOH A O   1 
HETATM 952  O O   . HOH C 3 .   ? -3.724  10.718  -9.750  1.00 28.08 ? 332 HOH A O   1 
HETATM 953  O O   . HOH C 3 .   ? -12.412 13.456  7.014   1.00 32.30 ? 333 HOH A O   1 
HETATM 954  O O   . HOH C 3 .   ? -13.694 1.698   2.023   1.00 48.66 ? 334 HOH A O   1 
HETATM 955  O O   . HOH C 3 .   ? 10.250  3.169   -22.137 1.00 51.81 ? 335 HOH A O   1 
HETATM 956  O O   . HOH C 3 .   ? 5.656   -19.066 -1.756  1.00 30.34 ? 336 HOH A O   1 
HETATM 957  O O   . HOH C 3 .   ? 11.092  -4.899  -6.514  1.00 41.58 ? 337 HOH A O   1 
HETATM 958  O O   . HOH C 3 .   ? 0.576   5.743   -16.272 1.00 40.26 ? 338 HOH A O   1 
HETATM 959  O O   . HOH C 3 .   ? 5.892   2.578   -1.516  1.00 23.08 ? 339 HOH A O   1 
HETATM 960  O O   . HOH C 3 .   ? -11.357 12.564  -2.431  1.00 22.88 ? 340 HOH A O   1 
HETATM 961  O O   . HOH C 3 .   ? 0.398   -13.509 5.319   1.00 33.89 ? 341 HOH A O   1 
HETATM 962  O O   . HOH C 3 .   ? -1.622  10.470  6.881   1.00 19.67 ? 342 HOH A O   1 
HETATM 963  O O   . HOH C 3 .   ? -7.104  -1.000  -6.782  1.00 30.00 ? 343 HOH A O   1 
HETATM 964  O O   . HOH C 3 .   ? 9.282   9.437   -9.680  1.00 25.99 ? 344 HOH A O   1 
HETATM 965  O O   . HOH C 3 .   ? -1.464  -13.847 -11.030 1.00 22.62 ? 345 HOH A O   1 
HETATM 966  O O   . HOH C 3 .   ? -10.178 9.866   -5.914  1.00 22.51 ? 346 HOH A O   1 
HETATM 967  O O   . HOH C 3 .   ? -7.194  12.688  0.277   1.00 27.93 ? 347 HOH A O   1 
HETATM 968  O O   . HOH C 3 .   ? 9.829   11.427  -16.724 1.00 33.82 ? 348 HOH A O   1 
HETATM 969  O O   . HOH C 3 .   ? -7.172  -3.876  -7.446  1.00 36.78 ? 349 HOH A O   1 
HETATM 970  O O   . HOH C 3 .   ? 5.561   1.548   -12.112 1.00 23.66 ? 350 HOH A O   1 
HETATM 971  O O   . HOH C 3 .   ? -6.195  -7.828  16.596  1.00 38.98 ? 351 HOH A O   1 
HETATM 972  O O   . HOH C 3 .   ? 6.276   -13.132 3.991   1.00 40.35 ? 352 HOH A O   1 
HETATM 973  O O   . HOH C 3 .   ? -1.273  2.737   18.007  1.00 50.51 ? 353 HOH A O   1 
HETATM 974  O O   . HOH C 3 .   ? -1.185  -8.253  12.491  1.00 29.71 ? 354 HOH A O   1 
HETATM 975  O O   . HOH C 3 .   ? -4.338  15.248  11.905  1.00 25.61 ? 355 HOH A O   1 
HETATM 976  O O   . HOH C 3 .   ? 6.002   2.697   -20.926 1.00 41.38 ? 356 HOH A O   1 
HETATM 977  O O   . HOH C 3 .   ? 9.753   -11.224 -4.079  1.00 35.44 ? 357 HOH A O   1 
HETATM 978  O O   . HOH C 3 .   ? 8.822   7.020   -8.449  1.00 25.43 ? 358 HOH A O   1 
HETATM 979  O O   . HOH C 3 .   ? -10.709 -9.560  -4.891  1.00 38.65 ? 359 HOH A O   1 
HETATM 980  O O   . HOH C 3 .   ? -4.978  -10.987 10.610  1.00 30.64 ? 360 HOH A O   1 
HETATM 981  O O   . HOH C 3 .   ? 7.173   3.323   -17.319 1.00 31.89 ? 361 HOH A O   1 
HETATM 982  O O   . HOH C 3 .   ? -5.668  7.394   10.950  1.00 26.64 ? 362 HOH A O   1 
HETATM 983  O O   . HOH C 3 .   ? 4.075   -10.133 8.414   1.00 26.62 ? 363 HOH A O   1 
HETATM 984  O O   . HOH C 3 .   ? -7.224  4.288   -10.196 1.00 38.88 ? 364 HOH A O   1 
HETATM 985  O O   . HOH C 3 .   ? 4.985   -9.028  10.979  1.00 44.29 ? 365 HOH A O   1 
HETATM 986  O O   . HOH C 3 .   ? 7.850   -1.640  2.799   1.00 30.63 ? 366 HOH A O   1 
HETATM 987  O O   . HOH C 3 .   ? -8.701  -8.305  12.034  1.00 34.46 ? 367 HOH A O   1 
HETATM 988  O O   . HOH C 3 .   ? -13.055 -0.064  5.076   1.00 34.80 ? 368 HOH A O   1 
HETATM 989  O O   . HOH C 3 .   ? -2.931  11.847  -2.494  1.00 23.47 ? 369 HOH A O   1 
HETATM 990  O O   . HOH C 3 .   ? -13.421 -4.414  2.844   1.00 44.17 ? 370 HOH A O   1 
HETATM 991  O O   . HOH C 3 .   ? 9.221   -8.632  -16.696 1.00 39.20 ? 371 HOH A O   1 
HETATM 992  O O   . HOH C 3 .   ? -10.469 -6.572  4.881   1.00 35.13 ? 372 HOH A O   1 
HETATM 993  O O   . HOH C 3 .   ? 10.873  -4.031  -1.789  1.00 41.05 ? 373 HOH A O   1 
HETATM 994  O O   . HOH C 3 .   ? -8.948  1.874   -7.288  1.00 38.29 ? 374 HOH A O   1 
HETATM 995  O O   . HOH C 3 .   ? 11.239  9.138   -12.843 1.00 37.59 ? 375 HOH A O   1 
HETATM 996  O O   . HOH C 3 .   ? 5.040   3.740   -15.443 1.00 28.36 ? 376 HOH A O   1 
HETATM 997  O O   . HOH C 3 .   ? 4.069   13.647  -9.223  1.00 30.14 ? 377 HOH A O   1 
HETATM 998  O O   . HOH C 3 .   ? -12.114 -2.610  14.909  1.00 48.25 ? 378 HOH A O   1 
HETATM 999  O O   . HOH C 3 .   ? -14.708 12.354  -0.407  1.00 28.02 ? 379 HOH A O   1 
HETATM 1000 O O   . HOH C 3 .   ? -13.050 -6.684  11.166  1.00 43.54 ? 380 HOH A O   1 
HETATM 1001 O O   . HOH C 3 .   ? 3.657   1.830   -14.154 1.00 23.85 ? 381 HOH A O   1 
HETATM 1002 O O   . HOH C 3 .   ? -2.513  13.103  14.987  1.00 30.06 ? 382 HOH A O   1 
HETATM 1003 O O   . HOH C 3 .   ? -2.809  3.804   -12.855 1.00 44.32 ? 383 HOH A O   1 
HETATM 1004 O O   . HOH C 3 .   ? -14.287 5.901   0.209   1.00 32.96 ? 384 HOH A O   1 
HETATM 1005 O O   . HOH C 3 .   ? -8.380  -7.065  3.153   1.00 29.20 ? 385 HOH A O   1 
HETATM 1006 O O   . HOH C 3 .   ? -16.174 6.680   3.746   1.00 35.36 ? 386 HOH A O   1 
HETATM 1007 O O   . HOH C 3 .   ? -1.473  -1.210  -12.311 1.00 42.65 ? 387 HOH A O   1 
HETATM 1008 O O   . HOH C 3 .   ? 10.043  -18.625 0.216   1.00 28.77 ? 388 HOH A O   1 
HETATM 1009 O O   . HOH C 3 .   ? 6.927   1.369   -8.505  1.00 25.03 ? 389 HOH A O   1 
HETATM 1010 O O   . HOH C 3 .   ? -13.171 4.672   12.254  1.00 38.70 ? 390 HOH A O   1 
HETATM 1011 O O   . HOH C 3 .   ? -8.046  12.219  14.723  1.00 39.65 ? 391 HOH A O   1 
HETATM 1012 O O   . HOH C 3 .   ? -2.142  -13.659 -5.062  1.00 38.81 ? 392 HOH A O   1 
HETATM 1013 O O   . HOH C 3 .   ? 9.548   -7.255  -0.385  1.00 34.41 ? 393 HOH A O   1 
HETATM 1014 O O   . HOH C 3 .   ? 2.167   -14.839 3.250   1.00 31.83 ? 394 HOH A O   1 
HETATM 1015 O O   . HOH C 3 .   ? 4.058   -7.148  12.680  1.00 52.81 ? 395 HOH A O   1 
HETATM 1016 O O   . HOH C 3 .   ? 2.406   8.683   17.885  1.00 41.08 ? 396 HOH A O   1 
HETATM 1017 O O   . HOH C 3 .   ? -5.401  5.046   -12.107 1.00 35.72 ? 397 HOH A O   1 
HETATM 1018 O O   . HOH C 3 .   ? -3.847  -6.143  -10.448 1.00 30.29 ? 398 HOH A O   1 
HETATM 1019 O O   . HOH C 3 .   ? -10.381 14.376  1.865   1.00 31.79 ? 399 HOH A O   1 
HETATM 1020 O O   . HOH C 3 .   ? -7.618  9.817   -7.261  1.00 28.79 ? 400 HOH A O   1 
HETATM 1021 O O   . HOH C 3 .   ? 11.695  -6.413  -8.575  1.00 54.75 ? 401 HOH A O   1 
HETATM 1022 O O   . HOH C 3 .   ? -10.017 -8.162  1.892   1.00 36.79 ? 402 HOH A O   1 
HETATM 1023 O O   . HOH C 3 .   ? -3.518  1.693   -11.293 1.00 37.44 ? 403 HOH A O   1 
HETATM 1024 O O   . HOH C 3 .   ? 6.960   -5.460  13.406  1.00 46.31 ? 404 HOH A O   1 
HETATM 1025 O O   . HOH C 3 .   ? 13.796  6.431   -21.121 1.00 49.85 ? 405 HOH A O   1 
HETATM 1026 O O   . HOH C 3 .   ? -17.069 9.629   0.878   1.00 42.15 ? 406 HOH A O   1 
HETATM 1027 O O   . HOH C 3 .   ? 3.564   -10.636 -18.860 1.00 39.92 ? 407 HOH A O   1 
HETATM 1028 O O   . HOH C 3 .   ? -9.183  5.494   -4.901  1.00 34.15 ? 408 HOH A O   1 
HETATM 1029 O O   . HOH C 3 .   ? 9.722   1.961   -18.528 1.00 38.24 ? 409 HOH A O   1 
HETATM 1030 O O   . HOH C 3 .   ? -15.528 7.585   1.300   1.00 34.86 ? 410 HOH A O   1 
HETATM 1031 O O   . HOH C 3 .   ? -6.071  1.848   -10.285 1.00 45.86 ? 411 HOH A O   1 
HETATM 1032 O O   . HOH C 3 .   ? 9.925   -10.056 -7.088  1.00 42.51 ? 412 HOH A O   1 
HETATM 1033 O O   . HOH C 3 .   ? 11.593  10.297  -21.352 1.00 47.81 ? 413 HOH A O   1 
HETATM 1034 O O   . HOH C 3 .   ? -14.431 15.044  6.172   1.00 38.10 ? 414 HOH A O   1 
HETATM 1035 O O   . HOH C 3 .   ? 1.905   2.027   -18.205 1.00 44.73 ? 415 HOH A O   1 
HETATM 1036 O O   . HOH C 3 .   ? 9.146   3.017   -8.909  1.00 26.70 ? 416 HOH A O   1 
HETATM 1037 O O   . HOH C 3 .   ? -15.442 1.731   4.053   1.00 47.78 ? 417 HOH A O   1 
HETATM 1038 O O   . HOH C 3 .   ? 14.036  8.072   -13.370 1.00 46.94 ? 418 HOH A O   1 
HETATM 1039 O O   . HOH C 3 .   ? -9.055  12.791  10.205  1.00 45.35 ? 419 HOH A O   1 
HETATM 1040 O O   . HOH C 3 .   ? 11.282  11.321  -12.496 1.00 55.06 ? 420 HOH A O   1 
HETATM 1041 O O   . HOH C 3 .   ? -1.947  -12.931 -15.583 1.00 28.01 ? 421 HOH A O   1 
HETATM 1042 O O   . HOH C 3 .   ? 7.560   -8.613  -18.059 1.00 43.14 ? 422 HOH A O   1 
HETATM 1043 O O   . HOH C 3 .   ? 0.082   -13.534 -17.377 1.00 33.88 ? 423 HOH A O   1 
HETATM 1044 O O   . HOH C 3 .   ? -9.558  -1.155  -5.136  1.00 36.82 ? 424 HOH A O   1 
HETATM 1045 O O   . HOH C 3 .   ? -4.165  -7.191  -12.735 1.00 32.28 ? 425 HOH A O   1 
HETATM 1046 O O   . HOH C 3 .   ? -17.297 12.155  0.409   1.00 46.33 ? 426 HOH A O   1 
HETATM 1047 O O   . HOH C 3 .   ? 10.016  -7.612  -8.557  1.00 43.12 ? 427 HOH A O   1 
HETATM 1048 O O   . HOH C 3 .   ? 2.565   0.370   -15.862 1.00 31.52 ? 428 HOH A O   1 
HETATM 1049 O O   . HOH C 3 .   ? -3.498  -10.185 -15.874 1.00 38.05 ? 429 HOH A O   1 
HETATM 1050 O O   . HOH C 3 .   ? -13.783 -10.059 9.198   1.00 53.67 ? 430 HOH A O   1 
HETATM 1051 O O   . HOH C 3 .   ? -7.432  -7.695  19.252  1.00 40.81 ? 431 HOH A O   1 
HETATM 1052 O O   . HOH C 3 .   ? 13.804  2.268   -7.807  1.00 37.24 ? 432 HOH A O   1 
HETATM 1053 O O   . HOH C 3 .   ? -10.613 1.420   -5.203  1.00 38.92 ? 433 HOH A O   1 
HETATM 1054 O O   . HOH C 3 .   ? -4.160  -9.551  16.898  1.00 46.13 ? 434 HOH A O   1 
HETATM 1055 O O   . HOH C 3 .   ? 4.804   -14.669 5.017   1.00 42.65 ? 435 HOH A O   1 
HETATM 1056 O O   . HOH C 3 .   ? -10.907 12.063  10.172  1.00 48.24 ? 436 HOH A O   1 
HETATM 1057 O O   . HOH C 3 .   ? -12.480 -3.717  17.619  1.00 50.98 ? 437 HOH A O   1 
HETATM 1058 O O   . HOH C 3 .   ? -0.361  13.006  -1.887  0.50 29.12 ? 438 HOH A O   1 
HETATM 1059 O O   . HOH C 3 .   ? -15.314 1.400   -0.411  1.00 43.99 ? 439 HOH A O   1 
HETATM 1060 O O   . HOH C 3 .   ? -5.889  -5.303  -9.581  1.00 36.32 ? 440 HOH A O   1 
HETATM 1061 O O   . HOH C 3 .   ? -1.677  -5.871  -16.059 1.00 36.21 ? 441 HOH A O   1 
HETATM 1062 O O   . HOH C 3 .   ? -12.987 0.564   -5.460  1.00 46.63 ? 442 HOH A O   1 
HETATM 1063 O O   . HOH C 3 .   ? -13.309 -1.930  -6.903  1.00 50.61 ? 443 HOH A O   1 
HETATM 1064 O O   . HOH C 3 .   ? -3.548  -3.078  -12.031 1.00 36.26 ? 444 HOH A O   1 
HETATM 1065 O O   . HOH C 3 .   ? -5.923  -2.271  -11.512 1.00 44.80 ? 445 HOH A O   1 
HETATM 1066 O O   . HOH C 3 .   ? -4.126  -4.154  -14.071 1.00 51.26 ? 446 HOH A O   1 
HETATM 1067 O O   . HOH C 3 .   ? -6.795  -7.808  -13.708 1.00 40.50 ? 447 HOH A O   1 
HETATM 1068 O O   . HOH C 3 .   ? -6.088  -4.207  -15.385 1.00 50.04 ? 448 HOH A O   1 
# 
